data_6SM3
#
_entry.id   6SM3
#
_cell.length_a   1.00
_cell.length_b   1.00
_cell.length_c   1.00
_cell.angle_alpha   90.00
_cell.angle_beta   90.00
_cell.angle_gamma   90.00
#
_symmetry.space_group_name_H-M   'P 1'
#
loop_
_entity.id
_entity.type
_entity.pdbx_description
1 polymer 'Lipoprotein RagB'
2 polymer 'RagA protein'
3 polymer GLY-GLY-ALA-THR-THR-ALA-THR-THR-THR-THR-SER-THR-SER
4 non-polymer '(1R,4S,6R)-6-({[2-(ACETYLAMINO)-2-DEOXY-ALPHA-D-GLUCOPYRANOSYL]OXY}METHYL)-4-HYDROXY-1-{[(15-METHYLHEXADECANOYL)OXY]METHYL}-4-OXIDO-7-OXO-3,5-DIOXA-8-AZA-4-PHOSPHAHEPTACOS-1-YL 15-METHYLHEXADECANOATE'
5 non-polymer 'PALMITIC ACID'
#
loop_
_entity_poly.entity_id
_entity_poly.type
_entity_poly.pdbx_seq_one_letter_code
_entity_poly.pdbx_strand_id
1 'polypeptide(L)'
;CELDRDPEGKDFQQPYTSFVQTKQNRDGLYALLRNTENPRMHFYQELQSDMYCTTITDGNSLAPFVNWDLGILNDHGRAD
EDEVSGIAGYYFVYNRLNQQANAFVNNTEAALQNQVYKNSTEIANAKSFLAEGKVLQALAIWRLMDRFSFHESVTEVNSG
AKDLGVILLKEYNPGYIGPRATKAQCYDYILSRLSEAIEVLPENRESVLYVSRDYAYALRARIYLALGEYGKAAADAKMV
VDKYPLIGAADASEFENIYRSDANNPEIIFRGFASATLGSFTATTLNGAAPAGKDIKYNPSAVPFQWVVDLYENEDFRKS
VYIAKVVKKDKGYLVNKFLEDKAYRDVQDKPNLKVGARYFSVAEVYLILVESALQTGDTPTAEKYLKALSKARGAEVSVV
NMEALQAERTRELIGEGSRLRDMVRWSIPNNHDAFETQPGLEGFANTTPLKAQAPVGFYAYTWEFPQRDRQTNPQLIKNW
PI
;
A
2 'polypeptide(L)'
;LSTVSGSVAKVSSEKLAEKPVANIMDALQGQVAGMQVMTTSGDPTAVASVEIHGTGSLGASSAPLYIVDGMQTSLDVVAT
MNPNDFESMSVLKDASATSIYGARAANGVVFIQTKKGKMSERGRITFNASYGISQILNTKPLDNMMTGDELLDFQVKAGF
WGNNQTVQKVKDMILAGAEDLYGNYDSLKDEYGKTLFPVDFNHDADWLKALFKTAPTSQGDISFSGGSQGTSYYASIGYF
DQEGMAREPANFKRYSGRLNFESRINEWLKVGANLSGAIANRRSADYFGKYYMGSGTFGVLTMPRYYNPFDVNGDLADVY
YMYGATRPSMTEPYFAKMRPFSSESHQANVNGFAQITPIKGLTLKAQAGVDITNTRTSSKRMPNNPYDSTPLGERRERAY
RDVSKSFTNTAEYKFSIDEKHDLTALMGHEYIEYEGDVIGASSKGFESDKLMLLSQGKTGNSLSLPEHRVAEYAYLSFFS
RFNYGFDKWMYIDFSVRNDQSSRFGSNNRSAWFYSVGGMFDIYNKFIQESNWLSDLRLKMSYGTTGNSEIGNYNHQALVT
VNNYTEDAMGLSISTAGNPDLSWEKQSQFNFGLAAGAFNNRLSAEVDFYVRTTNDMLIDVPMPYISGFFSQYQNVGSMKN
TGVDLSLKGTIYQNKDWNVYASANFNYNRQEITKLFFGLNKYMLPNTGTIWEIGYPNSFYMAEYAGIDKKTGKQLWYVPG
QVDADGNKVTTSQYSADLETRIDKSVTPPITGGFSLGASWKGLSLDADFAYIVGKWMINNDRYFTENGGGLMQLNKDKML
LNAWTEDNKETDVPKLGQSPQFDTHLLENASFLRLKNLKLTYVLPNSLFAGQNVIGGARVYLMARNLLTVTKYKGFDPEA
GGNVGKNQYPNSKQYVAGIQLSF
;
B
3 'polypeptide(L)' GGATTATTTTSTS C
#
# COMPACT_ATOMS: atom_id res chain seq x y z
N CYS A 1 8.09 37.85 -7.66
CA CYS A 1 8.01 36.40 -7.69
C CYS A 1 7.09 35.88 -6.62
N GLU A 2 5.80 35.79 -6.93
CA GLU A 2 4.84 35.22 -6.00
C GLU A 2 4.74 33.73 -6.24
N LEU A 3 4.68 32.97 -5.16
CA LEU A 3 4.62 31.51 -5.24
C LEU A 3 3.54 31.01 -4.30
N ASP A 4 2.31 30.95 -4.81
CA ASP A 4 1.28 30.21 -4.12
C ASP A 4 0.51 29.41 -5.16
N ARG A 5 0.31 28.14 -4.86
CA ARG A 5 -0.24 27.19 -5.82
C ARG A 5 -1.55 26.66 -5.27
N ASP A 6 -2.60 26.80 -6.05
CA ASP A 6 -3.92 26.26 -5.74
C ASP A 6 -4.20 25.07 -6.64
N PRO A 7 -4.89 24.04 -6.13
CA PRO A 7 -5.06 22.81 -6.90
C PRO A 7 -5.99 23.00 -8.08
N GLU A 8 -5.77 22.19 -9.12
CA GLU A 8 -6.61 22.21 -10.30
C GLU A 8 -7.63 21.08 -10.17
N GLY A 9 -8.91 21.43 -10.16
CA GLY A 9 -9.96 20.47 -9.94
C GLY A 9 -10.49 20.44 -8.53
N LYS A 10 -10.00 21.32 -7.65
CA LYS A 10 -10.48 21.43 -6.28
C LYS A 10 -10.92 22.86 -6.02
N ASP A 11 -12.06 22.99 -5.37
CA ASP A 11 -12.64 24.28 -5.03
C ASP A 11 -12.55 24.47 -3.52
N PHE A 12 -12.51 25.73 -3.10
CA PHE A 12 -12.40 26.01 -1.68
C PHE A 12 -13.72 25.76 -0.98
N GLN A 13 -13.67 25.72 0.34
CA GLN A 13 -14.82 25.40 1.17
C GLN A 13 -15.39 26.69 1.74
N GLN A 14 -16.54 27.11 1.22
CA GLN A 14 -17.19 28.38 1.53
C GLN A 14 -18.57 28.14 2.12
N PRO A 15 -19.11 29.09 2.88
CA PRO A 15 -20.52 29.01 3.27
C PRO A 15 -21.43 29.29 2.08
N TYR A 16 -22.66 28.75 2.16
CA TYR A 16 -23.54 28.74 1.01
C TYR A 16 -24.09 30.13 0.78
N THR A 17 -23.83 30.69 -0.40
CA THR A 17 -24.27 32.02 -0.73
C THR A 17 -25.29 32.06 -1.87
N SER A 18 -25.77 30.90 -2.33
CA SER A 18 -26.81 30.86 -3.35
C SER A 18 -27.55 29.54 -3.22
N PHE A 19 -28.50 29.32 -4.13
CA PHE A 19 -29.28 28.10 -4.14
C PHE A 19 -28.61 26.99 -4.91
N VAL A 20 -27.83 27.33 -5.94
CA VAL A 20 -27.15 26.34 -6.75
C VAL A 20 -26.05 25.64 -5.95
N GLN A 21 -25.43 26.38 -5.02
CA GLN A 21 -24.46 25.78 -4.10
C GLN A 21 -25.11 24.76 -3.18
N THR A 22 -26.32 25.06 -2.69
CA THR A 22 -27.05 24.14 -1.82
C THR A 22 -27.48 22.89 -2.58
N LYS A 23 -27.93 23.06 -3.83
CA LYS A 23 -28.36 21.91 -4.60
C LYS A 23 -27.19 21.03 -5.01
N GLN A 24 -26.04 21.64 -5.33
CA GLN A 24 -24.84 20.86 -5.66
C GLN A 24 -24.31 20.09 -4.46
N ASN A 25 -24.31 20.71 -3.28
CA ASN A 25 -23.83 19.98 -2.10
C ASN A 25 -24.81 18.90 -1.66
N ARG A 26 -26.10 19.07 -1.92
CA ARG A 26 -27.05 17.99 -1.63
C ARG A 26 -26.86 16.81 -2.57
N ASP A 27 -26.58 17.06 -3.85
CA ASP A 27 -26.29 15.95 -4.76
C ASP A 27 -24.99 15.25 -4.42
N GLY A 28 -23.99 15.99 -3.94
CA GLY A 28 -22.77 15.35 -3.46
C GLY A 28 -23.01 14.49 -2.23
N LEU A 29 -23.93 14.92 -1.37
CA LEU A 29 -24.29 14.11 -0.20
C LEU A 29 -24.98 12.81 -0.59
N TYR A 30 -25.84 12.84 -1.61
CA TYR A 30 -26.48 11.61 -2.06
C TYR A 30 -25.49 10.66 -2.73
N ALA A 31 -24.54 11.20 -3.50
CA ALA A 31 -23.51 10.34 -4.08
C ALA A 31 -22.58 9.76 -3.02
N LEU A 32 -22.39 10.46 -1.90
CA LEU A 32 -21.68 9.86 -0.78
C LEU A 32 -22.49 8.79 -0.09
N LEU A 33 -23.81 8.94 -0.01
CA LEU A 33 -24.66 7.91 0.57
C LEU A 33 -24.69 6.63 -0.27
N ARG A 34 -24.51 6.76 -1.59
CA ARG A 34 -24.57 5.59 -2.47
C ARG A 34 -23.44 4.62 -2.21
N ASN A 35 -22.23 5.11 -1.96
CA ASN A 35 -21.08 4.27 -1.68
C ASN A 35 -21.02 3.76 -0.25
N THR A 36 -21.96 4.17 0.60
CA THR A 36 -22.02 3.76 1.99
C THR A 36 -23.07 2.67 2.23
N GLU A 37 -24.32 2.94 1.88
CA GLU A 37 -25.43 2.01 2.07
C GLU A 37 -25.49 1.01 0.92
N ASN A 38 -24.45 0.22 0.80
CA ASN A 38 -24.33 -0.76 -0.28
C ASN A 38 -24.72 -2.14 0.20
N PRO A 39 -25.00 -3.08 -0.70
CA PRO A 39 -25.00 -4.48 -0.29
C PRO A 39 -23.63 -5.01 0.04
N ARG A 40 -22.57 -4.36 -0.43
CA ARG A 40 -21.22 -4.83 -0.16
C ARG A 40 -20.78 -4.55 1.26
N MET A 41 -21.48 -3.67 1.99
CA MET A 41 -21.13 -3.36 3.36
C MET A 41 -21.93 -4.17 4.37
N HIS A 42 -23.00 -4.81 3.93
CA HIS A 42 -23.85 -5.60 4.80
C HIS A 42 -23.68 -7.09 4.57
N PHE A 43 -22.60 -7.49 3.91
CA PHE A 43 -22.30 -8.90 3.72
C PHE A 43 -21.61 -9.51 4.93
N TYR A 44 -20.92 -8.70 5.73
CA TYR A 44 -20.22 -9.20 6.90
C TYR A 44 -21.19 -9.66 7.97
N GLN A 45 -22.19 -8.83 8.29
CA GLN A 45 -23.21 -9.22 9.25
C GLN A 45 -24.17 -10.26 8.70
N GLU A 46 -24.18 -10.46 7.38
CA GLU A 46 -24.94 -11.56 6.81
C GLU A 46 -24.20 -12.88 6.96
N LEU A 47 -22.89 -12.89 6.72
CA LEU A 47 -22.12 -14.12 6.86
C LEU A 47 -21.95 -14.55 8.30
N GLN A 48 -22.05 -13.64 9.26
CA GLN A 48 -21.85 -13.98 10.67
C GLN A 48 -23.00 -14.77 11.27
N SER A 49 -24.13 -14.86 10.60
CA SER A 49 -25.28 -15.58 11.11
C SER A 49 -25.09 -17.08 10.89
N ASP A 50 -26.15 -17.85 11.10
CA ASP A 50 -26.07 -19.31 11.10
C ASP A 50 -26.66 -19.93 9.84
N MET A 51 -26.49 -19.27 8.70
CA MET A 51 -27.02 -19.79 7.45
C MET A 51 -25.96 -20.40 6.54
N TYR A 52 -24.70 -20.00 6.66
CA TYR A 52 -23.71 -20.24 5.63
C TYR A 52 -22.63 -21.19 6.12
N CYS A 53 -22.02 -21.89 5.17
CA CYS A 53 -20.84 -22.70 5.42
C CYS A 53 -19.83 -22.42 4.31
N THR A 54 -18.56 -22.40 4.67
CA THR A 54 -17.51 -22.07 3.71
C THR A 54 -17.20 -23.26 2.82
N THR A 55 -16.90 -22.96 1.57
CA THR A 55 -16.49 -23.99 0.64
C THR A 55 -14.96 -24.06 0.63
N ILE A 56 -14.40 -24.86 -0.28
CA ILE A 56 -12.95 -25.01 -0.39
C ILE A 56 -12.32 -23.96 -1.27
N THR A 57 -13.10 -23.05 -1.83
CA THR A 57 -12.57 -21.97 -2.65
C THR A 57 -12.07 -20.83 -1.79
N ASP A 58 -12.59 -20.71 -0.58
CA ASP A 58 -12.41 -19.52 0.25
C ASP A 58 -10.97 -19.38 0.73
N GLY A 59 -10.40 -18.20 0.50
CA GLY A 59 -9.03 -17.90 0.83
C GLY A 59 -8.92 -17.08 2.09
N ASN A 60 -9.66 -17.48 3.13
CA ASN A 60 -9.68 -16.86 4.46
C ASN A 60 -10.17 -15.43 4.43
N SER A 61 -11.04 -15.11 3.48
CA SER A 61 -11.64 -13.79 3.40
C SER A 61 -12.95 -13.70 4.19
N LEU A 62 -13.83 -14.68 3.98
CA LEU A 62 -15.10 -14.73 4.67
C LEU A 62 -15.08 -15.64 5.89
N ALA A 63 -14.10 -16.53 5.97
CA ALA A 63 -14.02 -17.51 7.05
C ALA A 63 -13.86 -16.94 8.47
N PRO A 64 -13.28 -15.74 8.71
CA PRO A 64 -13.43 -15.16 10.05
C PRO A 64 -14.86 -14.89 10.48
N PHE A 65 -15.77 -14.68 9.54
CA PHE A 65 -17.13 -14.32 9.90
C PHE A 65 -18.03 -15.53 10.03
N VAL A 66 -17.86 -16.52 9.16
CA VAL A 66 -18.68 -17.73 9.22
C VAL A 66 -18.33 -18.55 10.46
N ASN A 67 -17.04 -18.78 10.68
CA ASN A 67 -16.58 -19.69 11.72
C ASN A 67 -16.28 -18.98 13.05
N TRP A 68 -16.58 -17.69 13.15
CA TRP A 68 -16.43 -16.87 14.37
C TRP A 68 -15.01 -16.89 14.90
N ASP A 69 -14.09 -16.39 14.07
CA ASP A 69 -12.67 -16.32 14.40
C ASP A 69 -12.44 -15.00 15.14
N LEU A 70 -12.55 -15.04 16.47
CA LEU A 70 -12.49 -13.82 17.27
C LEU A 70 -11.09 -13.24 17.41
N GLY A 71 -10.06 -13.94 16.98
CA GLY A 71 -8.73 -13.35 16.99
C GLY A 71 -8.50 -12.42 15.83
N ILE A 72 -9.23 -12.62 14.74
CA ILE A 72 -9.17 -11.74 13.58
C ILE A 72 -10.20 -10.62 13.69
N LEU A 73 -11.39 -10.95 14.19
CA LEU A 73 -12.53 -10.03 14.25
C LEU A 73 -12.37 -8.92 15.27
N ASN A 74 -11.36 -8.96 16.14
CA ASN A 74 -11.18 -7.89 17.10
C ASN A 74 -10.72 -6.60 16.42
N ASP A 75 -9.89 -6.72 15.39
CA ASP A 75 -9.37 -5.58 14.65
C ASP A 75 -9.43 -5.86 13.15
N HIS A 76 -10.59 -6.29 12.67
CA HIS A 76 -10.77 -6.62 11.27
C HIS A 76 -10.93 -5.35 10.43
N GLY A 77 -10.50 -5.44 9.18
CA GLY A 77 -10.78 -4.42 8.20
C GLY A 77 -9.79 -3.28 8.24
N ARG A 78 -9.87 -2.42 7.23
CA ARG A 78 -9.04 -1.22 7.18
C ARG A 78 -9.72 -0.14 6.36
N ALA A 79 -9.46 1.11 6.72
CA ALA A 79 -10.00 2.26 6.02
C ALA A 79 -8.87 3.26 5.79
N ASP A 80 -8.17 3.10 4.66
CA ASP A 80 -7.12 4.01 4.26
C ASP A 80 -7.26 4.25 2.76
N GLU A 81 -6.34 5.04 2.21
CA GLU A 81 -6.52 5.67 0.90
C GLU A 81 -6.41 4.72 -0.28
N ASP A 82 -6.21 3.42 -0.04
CA ASP A 82 -6.29 2.44 -1.11
C ASP A 82 -7.35 1.38 -0.87
N GLU A 83 -8.01 1.38 0.29
CA GLU A 83 -8.97 0.33 0.62
C GLU A 83 -9.83 0.77 1.78
N VAL A 84 -11.15 0.63 1.64
CA VAL A 84 -12.11 0.84 2.72
C VAL A 84 -12.96 -0.42 2.78
N SER A 85 -12.68 -1.30 3.75
CA SER A 85 -13.34 -2.58 3.81
C SER A 85 -13.35 -3.11 5.23
N GLY A 86 -14.32 -3.96 5.53
CA GLY A 86 -14.32 -4.67 6.79
C GLY A 86 -15.10 -3.98 7.88
N ILE A 87 -14.79 -4.37 9.12
CA ILE A 87 -15.40 -3.74 10.28
C ILE A 87 -14.94 -2.30 10.41
N ALA A 88 -13.65 -2.04 10.19
CA ALA A 88 -13.13 -0.68 10.26
C ALA A 88 -13.68 0.18 9.13
N GLY A 89 -13.84 -0.41 7.94
CA GLY A 89 -14.42 0.34 6.84
C GLY A 89 -15.88 0.66 7.06
N TYR A 90 -16.62 -0.27 7.66
CA TYR A 90 -18.00 -0.03 8.07
C TYR A 90 -18.08 1.11 9.08
N TYR A 91 -17.21 1.10 10.08
CA TYR A 91 -17.25 2.17 11.08
C TYR A 91 -16.81 3.49 10.50
N PHE A 92 -15.98 3.48 9.46
CA PHE A 92 -15.53 4.73 8.87
C PHE A 92 -16.58 5.36 7.95
N VAL A 93 -17.27 4.55 7.13
CA VAL A 93 -18.14 5.13 6.10
C VAL A 93 -19.38 5.79 6.72
N TYR A 94 -19.89 5.26 7.83
CA TYR A 94 -21.07 5.87 8.42
C TYR A 94 -20.74 7.10 9.24
N ASN A 95 -19.53 7.15 9.82
CA ASN A 95 -19.08 8.38 10.44
C ASN A 95 -18.81 9.47 9.41
N ARG A 96 -18.31 9.09 8.23
CA ARG A 96 -18.14 10.08 7.16
C ARG A 96 -19.48 10.61 6.66
N LEU A 97 -20.48 9.73 6.52
CA LEU A 97 -21.80 10.20 6.11
C LEU A 97 -22.43 11.10 7.16
N ASN A 98 -22.24 10.77 8.44
CA ASN A 98 -22.76 11.60 9.52
C ASN A 98 -22.10 12.98 9.53
N GLN A 99 -20.78 13.04 9.29
CA GLN A 99 -20.09 14.33 9.33
C GLN A 99 -20.47 15.21 8.15
N GLN A 100 -20.55 14.65 6.96
CA GLN A 100 -20.91 15.49 5.82
C GLN A 100 -22.38 15.86 5.81
N ALA A 101 -23.25 15.03 6.41
CA ALA A 101 -24.64 15.43 6.62
C ALA A 101 -24.73 16.56 7.64
N ASN A 102 -23.89 16.53 8.67
CA ASN A 102 -23.84 17.62 9.65
C ASN A 102 -23.42 18.92 9.00
N ALA A 103 -22.40 18.87 8.14
CA ALA A 103 -21.95 20.08 7.43
C ALA A 103 -23.05 20.64 6.54
N PHE A 104 -23.74 19.77 5.80
CA PHE A 104 -24.81 20.24 4.91
C PHE A 104 -25.97 20.85 5.70
N VAL A 105 -26.39 20.21 6.79
CA VAL A 105 -27.52 20.70 7.56
C VAL A 105 -27.20 22.02 8.23
N ASN A 106 -26.00 22.14 8.82
CA ASN A 106 -25.65 23.37 9.52
C ASN A 106 -25.43 24.53 8.56
N ASN A 107 -24.84 24.28 7.39
CA ASN A 107 -24.65 25.37 6.45
C ASN A 107 -25.96 25.81 5.80
N THR A 108 -26.90 24.87 5.59
CA THR A 108 -28.21 25.26 5.07
C THR A 108 -29.02 26.03 6.10
N GLU A 109 -28.89 25.67 7.38
CA GLU A 109 -29.56 26.43 8.44
C GLU A 109 -29.00 27.84 8.55
N ALA A 110 -27.67 27.99 8.46
CA ALA A 110 -27.09 29.32 8.49
C ALA A 110 -27.43 30.14 7.26
N ALA A 111 -27.59 29.49 6.09
CA ALA A 111 -28.01 30.21 4.90
C ALA A 111 -29.47 30.64 4.96
N LEU A 112 -30.33 29.82 5.58
CA LEU A 112 -31.71 30.24 5.79
C LEU A 112 -31.80 31.35 6.82
N GLN A 113 -30.87 31.38 7.77
CA GLN A 113 -30.88 32.45 8.76
C GLN A 113 -30.32 33.76 8.21
N ASN A 114 -29.37 33.69 7.28
CA ASN A 114 -28.76 34.89 6.72
C ASN A 114 -29.46 35.40 5.47
N GLN A 115 -30.46 34.66 4.97
CA GLN A 115 -31.35 35.06 3.87
C GLN A 115 -30.58 35.33 2.57
N VAL A 116 -29.95 34.27 2.05
CA VAL A 116 -29.24 34.35 0.79
C VAL A 116 -30.05 33.74 -0.36
N TYR A 117 -31.33 33.45 -0.12
CA TYR A 117 -32.20 32.93 -1.15
C TYR A 117 -33.17 34.01 -1.58
N LYS A 118 -33.44 34.08 -2.89
CA LYS A 118 -34.15 35.23 -3.45
C LYS A 118 -35.64 35.18 -3.16
N ASN A 119 -36.33 34.16 -3.66
CA ASN A 119 -37.78 34.09 -3.58
C ASN A 119 -38.20 32.96 -2.65
N SER A 120 -39.52 32.80 -2.47
CA SER A 120 -40.05 31.88 -1.47
C SER A 120 -40.02 30.44 -1.91
N THR A 121 -39.97 30.17 -3.22
CA THR A 121 -39.83 28.79 -3.69
C THR A 121 -38.48 28.21 -3.29
N GLU A 122 -37.43 29.05 -3.33
CA GLU A 122 -36.12 28.60 -2.88
C GLU A 122 -36.09 28.35 -1.39
N ILE A 123 -36.88 29.09 -0.60
CA ILE A 123 -36.91 28.86 0.84
C ILE A 123 -37.66 27.57 1.16
N ALA A 124 -38.75 27.29 0.43
CA ALA A 124 -39.46 26.03 0.64
C ALA A 124 -38.60 24.84 0.21
N ASN A 125 -37.89 24.96 -0.90
CA ASN A 125 -37.01 23.89 -1.34
C ASN A 125 -35.83 23.71 -0.40
N ALA A 126 -35.29 24.80 0.16
CA ALA A 126 -34.18 24.68 1.10
C ALA A 126 -34.63 24.02 2.40
N LYS A 127 -35.86 24.27 2.83
CA LYS A 127 -36.34 23.59 4.04
C LYS A 127 -36.59 22.11 3.80
N SER A 128 -37.07 21.73 2.60
CA SER A 128 -37.17 20.31 2.28
C SER A 128 -35.80 19.64 2.20
N PHE A 129 -34.80 20.36 1.69
CA PHE A 129 -33.43 19.85 1.64
C PHE A 129 -32.88 19.60 3.04
N LEU A 130 -33.20 20.51 3.97
CA LEU A 130 -32.80 20.36 5.37
C LEU A 130 -33.44 19.13 6.01
N ALA A 131 -34.71 18.85 5.68
CA ALA A 131 -35.36 17.65 6.17
C ALA A 131 -34.68 16.38 5.67
N GLU A 132 -34.28 16.37 4.39
CA GLU A 132 -33.56 15.22 3.85
C GLU A 132 -32.20 15.01 4.52
N GLY A 133 -31.50 16.09 4.83
CA GLY A 133 -30.25 15.98 5.56
C GLY A 133 -30.41 15.43 6.96
N LYS A 134 -31.52 15.78 7.62
CA LYS A 134 -31.78 15.22 8.95
C LYS A 134 -32.09 13.73 8.89
N VAL A 135 -32.79 13.28 7.85
CA VAL A 135 -33.04 11.84 7.70
C VAL A 135 -31.74 11.08 7.47
N LEU A 136 -30.81 11.66 6.70
CA LEU A 136 -29.53 11.00 6.48
C LEU A 136 -28.68 10.95 7.75
N GLN A 137 -28.75 11.99 8.59
CA GLN A 137 -28.10 11.96 9.90
C GLN A 137 -28.64 10.83 10.78
N ALA A 138 -29.97 10.69 10.82
CA ALA A 138 -30.57 9.64 11.66
C ALA A 138 -30.24 8.25 11.16
N LEU A 139 -30.17 8.06 9.84
CA LEU A 139 -29.79 6.76 9.29
C LEU A 139 -28.35 6.41 9.62
N ALA A 140 -27.44 7.38 9.53
CA ALA A 140 -26.04 7.12 9.85
C ALA A 140 -25.86 6.75 11.32
N ILE A 141 -26.50 7.49 12.22
CA ILE A 141 -26.34 7.22 13.65
C ILE A 141 -26.99 5.89 14.03
N TRP A 142 -28.15 5.54 13.44
CA TRP A 142 -28.76 4.26 13.77
C TRP A 142 -27.97 3.09 13.24
N ARG A 143 -27.42 3.22 12.03
CA ARG A 143 -26.68 2.10 11.47
C ARG A 143 -25.32 1.93 12.15
N LEU A 144 -24.80 2.96 12.81
CA LEU A 144 -23.65 2.75 13.69
C LEU A 144 -24.05 2.14 15.02
N MET A 145 -25.18 2.57 15.59
CA MET A 145 -25.67 2.04 16.87
C MET A 145 -26.07 0.57 16.79
N ASP A 146 -26.42 0.11 15.59
CA ASP A 146 -26.85 -1.27 15.42
C ASP A 146 -25.72 -2.26 15.64
N ARG A 147 -24.51 -1.95 15.16
CA ARG A 147 -23.41 -2.90 15.20
C ARG A 147 -22.45 -2.70 16.36
N PHE A 148 -22.41 -1.52 16.97
CA PHE A 148 -21.36 -1.21 17.93
C PHE A 148 -21.90 -0.93 19.32
N SER A 149 -23.17 -1.24 19.59
CA SER A 149 -23.74 -1.11 20.91
C SER A 149 -24.48 -2.38 21.28
N PHE A 150 -24.49 -2.70 22.57
CA PHE A 150 -25.00 -3.97 23.05
C PHE A 150 -26.52 -3.98 23.06
N HIS A 151 -27.08 -5.18 23.17
CA HIS A 151 -28.51 -5.37 23.34
C HIS A 151 -28.84 -5.33 24.85
N GLU A 152 -30.07 -5.64 25.20
CA GLU A 152 -30.48 -5.76 26.60
C GLU A 152 -30.31 -7.16 27.14
N SER A 153 -29.80 -8.10 26.34
CA SER A 153 -29.76 -9.51 26.71
C SER A 153 -28.34 -10.04 26.89
N VAL A 154 -27.34 -9.20 26.75
CA VAL A 154 -25.95 -9.65 26.81
C VAL A 154 -25.57 -9.90 28.27
N THR A 155 -24.79 -10.96 28.51
CA THR A 155 -24.46 -11.37 29.87
C THR A 155 -23.18 -10.70 30.38
N GLU A 156 -22.06 -10.97 29.72
CA GLU A 156 -20.76 -10.50 30.18
C GLU A 156 -20.22 -9.48 29.19
N VAL A 157 -19.93 -8.28 29.69
CA VAL A 157 -19.43 -7.17 28.89
C VAL A 157 -18.19 -6.61 29.59
N ASN A 158 -17.63 -5.57 28.99
CA ASN A 158 -16.60 -4.79 29.66
C ASN A 158 -17.23 -4.02 30.82
N SER A 159 -16.41 -3.66 31.80
CA SER A 159 -16.92 -3.10 33.03
C SER A 159 -17.45 -1.68 32.83
N GLY A 160 -18.75 -1.57 32.58
CA GLY A 160 -19.40 -0.29 32.38
C GLY A 160 -19.64 0.04 30.92
N ALA A 161 -19.99 -0.96 30.13
CA ALA A 161 -20.14 -0.78 28.69
C ALA A 161 -21.46 -1.34 28.17
N LYS A 162 -22.42 -1.60 29.04
CA LYS A 162 -23.69 -2.18 28.63
C LYS A 162 -24.75 -1.14 28.34
N ASP A 163 -24.64 0.05 28.93
CA ASP A 163 -25.58 1.13 28.73
C ASP A 163 -24.94 2.29 28.00
N LEU A 164 -24.08 1.99 27.03
CA LEU A 164 -23.38 3.01 26.27
C LEU A 164 -23.74 2.90 24.79
N GLY A 165 -23.78 4.05 24.12
CA GLY A 165 -24.07 4.08 22.70
C GLY A 165 -22.81 4.23 21.88
N VAL A 166 -22.76 5.24 21.02
CA VAL A 166 -21.60 5.55 20.22
C VAL A 166 -21.23 7.01 20.44
N ILE A 167 -20.15 7.46 19.81
CA ILE A 167 -19.70 8.83 19.95
C ILE A 167 -20.62 9.72 19.14
N LEU A 168 -21.39 10.55 19.83
CA LEU A 168 -22.41 11.37 19.19
C LEU A 168 -21.83 12.76 18.95
N LEU A 169 -21.68 13.14 17.69
CA LEU A 169 -21.17 14.44 17.31
C LEU A 169 -22.23 15.13 16.47
N LYS A 170 -22.75 16.25 16.97
CA LYS A 170 -23.92 16.90 16.39
C LYS A 170 -23.57 18.05 15.48
N GLU A 171 -22.31 18.46 15.43
CA GLU A 171 -21.87 19.57 14.61
C GLU A 171 -20.70 19.12 13.77
N TYR A 172 -20.42 19.86 12.70
CA TYR A 172 -19.28 19.55 11.87
C TYR A 172 -18.03 20.04 12.56
N ASN A 173 -17.22 19.11 13.06
CA ASN A 173 -15.98 19.46 13.76
C ASN A 173 -15.03 18.31 13.58
N PRO A 174 -14.06 18.42 12.66
CA PRO A 174 -13.13 17.32 12.40
C PRO A 174 -11.99 17.18 13.40
N GLY A 175 -12.02 17.87 14.53
CA GLY A 175 -10.98 17.71 15.52
C GLY A 175 -11.51 17.29 16.87
N TYR A 176 -12.77 16.89 16.92
CA TYR A 176 -13.41 16.51 18.17
C TYR A 176 -12.98 15.12 18.59
N ILE A 177 -12.65 14.98 19.87
CA ILE A 177 -12.35 13.69 20.49
C ILE A 177 -13.07 13.66 21.83
N GLY A 178 -14.04 12.76 21.96
CA GLY A 178 -14.85 12.71 23.16
C GLY A 178 -15.21 11.31 23.60
N PRO A 179 -16.06 11.19 24.61
CA PRO A 179 -16.48 9.87 25.10
C PRO A 179 -17.78 9.42 24.44
N ARG A 180 -18.13 8.16 24.73
CA ARG A 180 -19.34 7.57 24.20
C ARG A 180 -20.57 8.10 24.91
N ALA A 181 -21.66 8.25 24.16
CA ALA A 181 -22.90 8.73 24.75
C ALA A 181 -23.70 7.56 25.32
N THR A 182 -24.64 7.90 26.20
CA THR A 182 -25.57 6.91 26.71
C THR A 182 -26.58 6.55 25.62
N LYS A 183 -27.15 5.34 25.72
CA LYS A 183 -28.05 4.85 24.68
C LYS A 183 -29.33 5.67 24.60
N ALA A 184 -29.78 6.24 25.72
CA ALA A 184 -30.98 7.07 25.72
C ALA A 184 -30.77 8.34 24.92
N GLN A 185 -29.58 8.95 25.03
CA GLN A 185 -29.28 10.15 24.26
C GLN A 185 -29.22 9.86 22.77
N CYS A 186 -28.65 8.72 22.38
CA CYS A 186 -28.54 8.39 20.97
C CYS A 186 -29.90 8.06 20.37
N TYR A 187 -30.72 7.28 21.07
CA TYR A 187 -32.03 6.94 20.51
C TYR A 187 -32.98 8.13 20.52
N ASP A 188 -32.88 9.01 21.53
CA ASP A 188 -33.66 10.23 21.51
C ASP A 188 -33.21 11.16 20.39
N TYR A 189 -31.92 11.18 20.07
CA TYR A 189 -31.43 11.96 18.94
C TYR A 189 -31.96 11.44 17.62
N ILE A 190 -31.94 10.12 17.43
CA ILE A 190 -32.41 9.51 16.18
C ILE A 190 -33.90 9.76 16.00
N LEU A 191 -34.69 9.49 17.04
CA LEU A 191 -36.14 9.67 16.91
C LEU A 191 -36.52 11.14 16.84
N SER A 192 -35.71 12.03 17.42
CA SER A 192 -35.97 13.46 17.28
C SER A 192 -35.70 13.94 15.86
N ARG A 193 -34.61 13.46 15.23
CA ARG A 193 -34.33 13.82 13.84
C ARG A 193 -35.41 13.33 12.91
N LEU A 194 -35.89 12.10 13.12
CA LEU A 194 -36.93 11.55 12.24
C LEU A 194 -38.27 12.25 12.45
N SER A 195 -38.65 12.52 13.70
CA SER A 195 -39.93 13.16 13.95
C SER A 195 -39.90 14.64 13.60
N GLU A 196 -38.72 15.26 13.57
CA GLU A 196 -38.62 16.65 13.14
C GLU A 196 -38.53 16.77 11.63
N ALA A 197 -38.10 15.71 10.94
CA ALA A 197 -38.01 15.74 9.49
C ALA A 197 -39.23 15.19 8.80
N ILE A 198 -40.12 14.48 9.51
CA ILE A 198 -41.33 13.97 8.87
C ILE A 198 -42.28 15.12 8.53
N GLU A 199 -42.36 16.13 9.40
CA GLU A 199 -43.34 17.20 9.25
C GLU A 199 -43.04 18.17 8.10
N VAL A 200 -41.84 18.14 7.52
CA VAL A 200 -41.45 19.13 6.52
C VAL A 200 -41.58 18.53 5.13
N LEU A 201 -41.35 17.23 5.02
CA LEU A 201 -41.39 16.57 3.72
C LEU A 201 -42.82 16.45 3.22
N PRO A 202 -43.03 16.58 1.91
CA PRO A 202 -44.39 16.43 1.36
C PRO A 202 -44.86 14.99 1.44
N GLU A 203 -46.18 14.83 1.30
CA GLU A 203 -46.76 13.49 1.48
C GLU A 203 -46.43 12.58 0.31
N ASN A 204 -46.73 13.03 -0.91
CA ASN A 204 -46.43 12.24 -2.08
C ASN A 204 -44.94 12.29 -2.41
N ARG A 205 -44.47 11.25 -3.07
CA ARG A 205 -43.06 11.14 -3.43
C ARG A 205 -42.78 12.02 -4.65
N GLU A 206 -41.65 12.72 -4.62
CA GLU A 206 -41.23 13.48 -5.79
C GLU A 206 -40.36 12.65 -6.72
N SER A 207 -39.44 11.87 -6.15
CA SER A 207 -38.59 10.99 -6.94
C SER A 207 -38.19 9.80 -6.09
N VAL A 208 -37.92 8.67 -6.74
CA VAL A 208 -37.46 7.47 -6.04
C VAL A 208 -36.00 7.58 -5.65
N LEU A 209 -35.27 8.54 -6.20
CA LEU A 209 -33.85 8.68 -5.93
C LEU A 209 -33.54 9.52 -4.71
N TYR A 210 -34.53 10.19 -4.11
CA TYR A 210 -34.31 11.10 -3.00
C TYR A 210 -35.23 10.76 -1.85
N VAL A 211 -34.93 11.34 -0.69
CA VAL A 211 -35.61 10.98 0.55
C VAL A 211 -37.00 11.57 0.58
N SER A 212 -38.00 10.75 0.89
CA SER A 212 -39.39 11.16 0.98
C SER A 212 -39.90 10.90 2.39
N ARG A 213 -41.21 11.12 2.59
CA ARG A 213 -41.81 10.84 3.88
C ARG A 213 -42.08 9.36 4.07
N ASP A 214 -42.23 8.62 2.96
CA ASP A 214 -42.41 7.17 3.06
C ASP A 214 -41.15 6.49 3.56
N TYR A 215 -39.98 6.97 3.14
CA TYR A 215 -38.75 6.40 3.67
C TYR A 215 -38.53 6.77 5.12
N ALA A 216 -38.95 7.95 5.55
CA ALA A 216 -38.83 8.31 6.97
C ALA A 216 -39.76 7.47 7.83
N TYR A 217 -40.97 7.18 7.33
CA TYR A 217 -41.88 6.29 8.04
C TYR A 217 -41.35 4.87 8.10
N ALA A 218 -40.79 4.38 6.99
CA ALA A 218 -40.26 3.01 6.94
C ALA A 218 -39.02 2.86 7.81
N LEU A 219 -38.16 3.87 7.83
CA LEU A 219 -36.99 3.85 8.69
C LEU A 219 -37.38 3.95 10.16
N ARG A 220 -38.40 4.74 10.48
CA ARG A 220 -38.86 4.82 11.86
C ARG A 220 -39.51 3.53 12.33
N ALA A 221 -40.24 2.84 11.45
CA ALA A 221 -40.81 1.55 11.81
C ALA A 221 -39.72 0.50 12.01
N ARG A 222 -38.68 0.53 11.19
CA ARG A 222 -37.56 -0.39 11.36
C ARG A 222 -36.81 -0.12 12.66
N ILE A 223 -36.65 1.15 13.03
CA ILE A 223 -35.98 1.51 14.27
C ILE A 223 -36.81 1.12 15.49
N TYR A 224 -38.13 1.36 15.44
CA TYR A 224 -39.01 0.95 16.53
C TYR A 224 -39.11 -0.56 16.67
N LEU A 225 -39.03 -1.32 15.58
CA LEU A 225 -39.00 -2.76 15.72
C LEU A 225 -37.67 -3.24 16.30
N ALA A 226 -36.57 -2.59 15.92
CA ALA A 226 -35.27 -2.96 16.50
C ALA A 226 -35.18 -2.58 17.97
N LEU A 227 -35.93 -1.57 18.41
CA LEU A 227 -35.93 -1.19 19.82
C LEU A 227 -36.76 -2.17 20.65
N GLY A 228 -38.02 -2.35 20.28
CA GLY A 228 -38.91 -3.21 21.04
C GLY A 228 -40.27 -2.61 21.29
N GLU A 229 -40.58 -1.50 20.63
CA GLU A 229 -41.88 -0.84 20.74
C GLU A 229 -42.74 -1.29 19.56
N TYR A 230 -43.69 -2.18 19.83
CA TYR A 230 -44.45 -2.80 18.75
C TYR A 230 -45.66 -1.98 18.33
N GLY A 231 -46.27 -1.25 19.27
CA GLY A 231 -47.41 -0.41 18.91
C GLY A 231 -47.01 0.76 18.02
N LYS A 232 -45.87 1.39 18.32
CA LYS A 232 -45.40 2.48 17.48
C LYS A 232 -44.88 1.98 16.15
N ALA A 233 -44.31 0.77 16.11
CA ALA A 233 -43.88 0.18 14.85
C ALA A 233 -45.07 -0.12 13.95
N ALA A 234 -46.14 -0.69 14.50
CA ALA A 234 -47.35 -0.92 13.73
C ALA A 234 -48.03 0.38 13.35
N ALA A 235 -47.85 1.44 14.14
CA ALA A 235 -48.42 2.73 13.78
C ALA A 235 -47.69 3.35 12.59
N ASP A 236 -46.36 3.37 12.62
CA ASP A 236 -45.62 3.97 11.52
C ASP A 236 -45.59 3.11 10.26
N ALA A 237 -45.73 1.78 10.38
CA ALA A 237 -45.69 0.96 9.18
C ALA A 237 -46.98 1.02 8.37
N LYS A 238 -48.07 1.51 8.96
CA LYS A 238 -49.35 1.54 8.26
C LYS A 238 -49.48 2.71 7.30
N MET A 239 -48.65 3.73 7.44
CA MET A 239 -48.73 4.91 6.59
C MET A 239 -48.13 4.69 5.20
N VAL A 240 -47.39 3.61 5.00
CA VAL A 240 -46.64 3.40 3.77
C VAL A 240 -46.98 2.07 3.10
N VAL A 241 -47.50 1.08 3.83
CA VAL A 241 -47.73 -0.27 3.33
C VAL A 241 -48.81 -0.33 2.24
N ASP A 242 -49.69 0.67 2.17
CA ASP A 242 -50.76 0.68 1.18
C ASP A 242 -50.51 1.71 0.08
N LYS A 243 -49.25 1.90 -0.31
CA LYS A 243 -48.90 2.78 -1.41
C LYS A 243 -48.06 2.12 -2.49
N TYR A 244 -47.39 1.01 -2.18
CA TYR A 244 -46.47 0.38 -3.11
C TYR A 244 -46.90 -1.07 -3.30
N PRO A 245 -47.43 -1.44 -4.46
CA PRO A 245 -47.96 -2.78 -4.63
C PRO A 245 -46.86 -3.79 -4.90
N LEU A 246 -47.19 -5.05 -4.63
CA LEU A 246 -46.23 -6.13 -4.82
C LEU A 246 -46.08 -6.48 -6.29
N ILE A 247 -45.15 -7.37 -6.59
CA ILE A 247 -44.86 -7.75 -7.96
C ILE A 247 -45.93 -8.70 -8.45
N GLY A 248 -46.52 -8.38 -9.60
CA GLY A 248 -47.48 -9.27 -10.23
C GLY A 248 -46.83 -10.17 -11.26
N ALA A 249 -46.66 -11.45 -10.91
CA ALA A 249 -46.01 -12.40 -11.79
C ALA A 249 -46.86 -13.67 -11.86
N ALA A 250 -46.62 -14.46 -12.90
CA ALA A 250 -47.28 -15.75 -13.07
C ALA A 250 -46.36 -16.93 -12.86
N ASP A 251 -45.16 -16.92 -13.46
CA ASP A 251 -44.17 -17.93 -13.15
C ASP A 251 -42.88 -17.24 -12.72
N ALA A 252 -41.80 -18.01 -12.52
CA ALA A 252 -40.58 -17.43 -11.96
C ALA A 252 -39.81 -16.59 -12.96
N SER A 253 -40.07 -16.75 -14.25
CA SER A 253 -39.35 -15.97 -15.26
C SER A 253 -39.78 -14.50 -15.23
N GLU A 254 -41.09 -14.24 -15.11
CA GLU A 254 -41.55 -12.87 -14.99
C GLU A 254 -41.15 -12.25 -13.65
N PHE A 255 -41.06 -13.06 -12.60
CA PHE A 255 -40.59 -12.55 -11.32
C PHE A 255 -39.12 -12.17 -11.40
N GLU A 256 -38.31 -12.96 -12.10
CA GLU A 256 -36.90 -12.61 -12.27
C GLU A 256 -36.73 -11.42 -13.21
N ASN A 257 -37.65 -11.23 -14.16
CA ASN A 257 -37.55 -10.08 -15.05
C ASN A 257 -37.94 -8.78 -14.36
N ILE A 258 -39.00 -8.81 -13.55
CA ILE A 258 -39.47 -7.60 -12.89
C ILE A 258 -38.63 -7.28 -11.66
N TYR A 259 -38.18 -8.31 -10.94
CA TYR A 259 -37.44 -8.10 -9.69
C TYR A 259 -36.06 -7.51 -9.94
N ARG A 260 -35.33 -8.05 -10.91
CA ARG A 260 -33.97 -7.61 -11.16
C ARG A 260 -33.88 -6.26 -11.85
N SER A 261 -34.98 -5.73 -12.35
CA SER A 261 -34.98 -4.42 -12.99
C SER A 261 -35.21 -3.35 -11.93
N ASP A 262 -34.23 -2.46 -11.77
CA ASP A 262 -34.34 -1.39 -10.79
C ASP A 262 -35.38 -0.35 -11.20
N ALA A 263 -35.65 -0.22 -12.49
CA ALA A 263 -36.59 0.80 -12.95
C ALA A 263 -38.03 0.32 -12.96
N ASN A 264 -38.25 -0.96 -13.26
CA ASN A 264 -39.60 -1.51 -13.41
C ASN A 264 -40.09 -2.23 -12.16
N ASN A 265 -39.40 -2.08 -11.03
CA ASN A 265 -39.82 -2.73 -9.80
C ASN A 265 -40.74 -1.79 -9.03
N PRO A 266 -42.00 -2.16 -8.79
CA PRO A 266 -42.94 -1.25 -8.11
C PRO A 266 -42.89 -1.29 -6.59
N GLU A 267 -41.86 -1.88 -5.99
CA GLU A 267 -41.79 -2.02 -4.55
C GLU A 267 -40.75 -1.14 -3.88
N ILE A 268 -39.82 -0.57 -4.63
CA ILE A 268 -38.72 0.15 -4.02
C ILE A 268 -39.19 1.54 -3.60
N ILE A 269 -39.03 1.85 -2.32
CA ILE A 269 -39.36 3.17 -1.81
C ILE A 269 -38.21 4.16 -1.99
N PHE A 270 -36.97 3.67 -1.96
CA PHE A 270 -35.80 4.52 -1.97
C PHE A 270 -34.67 3.71 -2.59
N ARG A 271 -34.00 4.28 -3.58
CA ARG A 271 -32.83 3.65 -4.17
C ARG A 271 -31.96 4.74 -4.76
N GLY A 272 -30.69 4.41 -4.94
CA GLY A 272 -29.75 5.36 -5.50
C GLY A 272 -29.66 5.23 -7.00
N PHE A 273 -29.33 6.34 -7.65
CA PHE A 273 -29.17 6.40 -9.10
C PHE A 273 -28.10 5.43 -9.54
N ALA A 274 -28.31 4.82 -10.70
CA ALA A 274 -27.32 3.92 -11.27
C ALA A 274 -27.51 3.90 -12.77
N SER A 275 -26.39 3.92 -13.49
CA SER A 275 -26.36 3.61 -14.91
C SER A 275 -25.12 2.77 -15.14
N ALA A 276 -24.84 2.46 -16.39
CA ALA A 276 -23.71 1.59 -16.67
C ALA A 276 -22.37 2.29 -16.61
N THR A 277 -22.36 3.62 -16.52
CA THR A 277 -21.14 4.39 -16.43
C THR A 277 -21.00 5.13 -15.10
N LEU A 278 -22.09 5.37 -14.39
CA LEU A 278 -22.04 6.03 -13.10
C LEU A 278 -22.95 5.29 -12.12
N GLY A 279 -22.43 4.95 -10.96
CA GLY A 279 -23.26 4.50 -9.87
C GLY A 279 -23.59 3.03 -9.85
N SER A 280 -22.86 2.19 -10.57
CA SER A 280 -23.05 0.75 -10.56
C SER A 280 -21.82 0.09 -9.97
N PHE A 281 -22.03 -1.11 -9.42
CA PHE A 281 -20.97 -1.82 -8.76
C PHE A 281 -21.24 -3.31 -8.87
N THR A 282 -20.23 -4.09 -8.54
CA THR A 282 -20.26 -5.54 -8.67
C THR A 282 -20.32 -6.14 -7.28
N ALA A 283 -21.29 -7.05 -7.06
CA ALA A 283 -21.54 -7.56 -5.72
C ALA A 283 -21.47 -9.08 -5.68
N THR A 284 -20.35 -9.65 -6.15
CA THR A 284 -20.19 -11.09 -6.30
C THR A 284 -19.48 -11.71 -5.11
N THR A 285 -19.78 -11.26 -3.90
CA THR A 285 -19.19 -11.90 -2.72
C THR A 285 -19.93 -13.17 -2.37
N LEU A 286 -21.26 -13.15 -2.39
CA LEU A 286 -22.01 -14.30 -1.91
C LEU A 286 -22.18 -15.36 -2.99
N ASN A 287 -22.28 -14.98 -4.26
CA ASN A 287 -22.49 -15.97 -5.31
C ASN A 287 -21.24 -16.29 -6.10
N GLY A 288 -20.22 -15.43 -6.08
CA GLY A 288 -18.96 -15.75 -6.72
C GLY A 288 -19.00 -15.82 -8.23
N ALA A 289 -19.98 -15.16 -8.84
CA ALA A 289 -20.22 -15.28 -10.27
C ALA A 289 -19.13 -14.56 -11.06
N ALA A 290 -18.92 -15.03 -12.28
CA ALA A 290 -17.97 -14.46 -13.18
C ALA A 290 -18.53 -14.70 -14.57
N PRO A 291 -18.48 -13.70 -15.45
CA PRO A 291 -18.98 -13.90 -16.81
C PRO A 291 -18.04 -14.77 -17.61
N ALA A 292 -18.61 -15.55 -18.52
CA ALA A 292 -17.84 -16.41 -19.40
C ALA A 292 -18.54 -16.39 -20.75
N GLY A 293 -18.03 -15.55 -21.65
CA GLY A 293 -18.67 -15.29 -22.92
C GLY A 293 -20.00 -14.61 -22.72
N LYS A 294 -21.09 -15.32 -23.02
CA LYS A 294 -22.44 -14.83 -22.72
C LYS A 294 -23.15 -15.69 -21.69
N ASP A 295 -22.41 -16.51 -20.95
CA ASP A 295 -22.96 -17.24 -19.82
C ASP A 295 -22.37 -16.70 -18.53
N ILE A 296 -22.95 -17.14 -17.41
CA ILE A 296 -22.44 -16.80 -16.08
C ILE A 296 -22.00 -18.10 -15.44
N LYS A 297 -20.82 -18.10 -14.81
CA LYS A 297 -20.31 -19.29 -14.15
C LYS A 297 -19.95 -18.93 -12.72
N TYR A 298 -20.29 -19.82 -11.80
CA TYR A 298 -20.26 -19.52 -10.37
C TYR A 298 -19.18 -20.33 -9.67
N ASN A 299 -18.60 -19.74 -8.63
CA ASN A 299 -17.61 -20.41 -7.80
C ASN A 299 -17.63 -19.76 -6.43
N PRO A 300 -18.62 -20.08 -5.61
CA PRO A 300 -18.81 -19.33 -4.38
C PRO A 300 -17.84 -19.75 -3.29
N SER A 301 -17.54 -18.80 -2.42
CA SER A 301 -16.72 -19.08 -1.25
C SER A 301 -17.54 -19.42 -0.02
N ALA A 302 -18.87 -19.40 -0.14
CA ALA A 302 -19.77 -19.78 0.94
C ALA A 302 -21.12 -20.14 0.33
N VAL A 303 -21.71 -21.23 0.82
CA VAL A 303 -23.02 -21.67 0.33
C VAL A 303 -23.95 -21.84 1.52
N PRO A 304 -25.27 -21.72 1.37
CA PRO A 304 -26.16 -21.90 2.50
C PRO A 304 -26.25 -23.36 2.95
N PHE A 305 -26.85 -23.54 4.12
CA PHE A 305 -27.00 -24.87 4.70
C PHE A 305 -28.13 -25.62 4.02
N GLN A 306 -28.52 -26.76 4.58
CA GLN A 306 -29.62 -27.51 4.01
C GLN A 306 -30.97 -27.06 4.55
N TRP A 307 -31.01 -26.46 5.75
CA TRP A 307 -32.29 -25.96 6.25
C TRP A 307 -32.70 -24.67 5.55
N VAL A 308 -31.74 -23.88 5.07
CA VAL A 308 -32.08 -22.69 4.31
C VAL A 308 -32.64 -23.08 2.94
N VAL A 309 -32.14 -24.17 2.36
CA VAL A 309 -32.71 -24.66 1.12
C VAL A 309 -34.08 -25.29 1.37
N ASP A 310 -34.24 -26.00 2.49
CA ASP A 310 -35.50 -26.63 2.82
C ASP A 310 -36.57 -25.63 3.28
N LEU A 311 -36.20 -24.38 3.54
CA LEU A 311 -37.20 -23.37 3.88
C LEU A 311 -38.13 -23.08 2.71
N TYR A 312 -37.58 -22.95 1.51
CA TYR A 312 -38.36 -22.58 0.35
C TYR A 312 -39.08 -23.79 -0.20
N GLU A 313 -40.38 -23.66 -0.45
CA GLU A 313 -41.10 -24.69 -1.16
C GLU A 313 -40.69 -24.69 -2.63
N ASN A 314 -40.99 -25.78 -3.32
CA ASN A 314 -40.56 -25.91 -4.71
C ASN A 314 -41.35 -25.01 -5.65
N GLU A 315 -42.55 -24.60 -5.25
CA GLU A 315 -43.37 -23.71 -6.07
C GLU A 315 -43.08 -22.24 -5.80
N ASP A 316 -42.13 -21.95 -4.92
CA ASP A 316 -41.79 -20.58 -4.58
C ASP A 316 -41.05 -19.93 -5.74
N PHE A 317 -41.38 -18.67 -6.02
CA PHE A 317 -40.68 -17.94 -7.06
C PHE A 317 -39.26 -17.57 -6.65
N ARG A 318 -38.99 -17.49 -5.35
CA ARG A 318 -37.68 -17.11 -4.87
C ARG A 318 -36.69 -18.25 -4.88
N LYS A 319 -37.09 -19.46 -5.23
CA LYS A 319 -36.16 -20.58 -5.25
C LYS A 319 -35.37 -20.67 -6.54
N SER A 320 -35.55 -19.73 -7.45
CA SER A 320 -34.70 -19.62 -8.62
C SER A 320 -34.16 -18.21 -8.80
N VAL A 321 -34.56 -17.26 -7.94
CA VAL A 321 -34.14 -15.88 -8.04
C VAL A 321 -33.28 -15.47 -6.85
N TYR A 322 -33.75 -15.74 -5.63
CA TYR A 322 -33.01 -15.34 -4.45
C TYR A 322 -31.88 -16.32 -4.15
N ILE A 323 -32.21 -17.61 -4.13
CA ILE A 323 -31.22 -18.68 -4.18
C ILE A 323 -31.36 -19.37 -5.52
N ALA A 324 -30.29 -20.03 -5.95
CA ALA A 324 -30.30 -20.64 -7.27
C ALA A 324 -29.45 -21.91 -7.27
N LYS A 325 -29.91 -22.92 -8.00
CA LYS A 325 -29.24 -24.22 -8.08
C LYS A 325 -28.24 -24.18 -9.23
N VAL A 326 -27.08 -23.58 -8.94
CA VAL A 326 -26.08 -23.38 -9.97
C VAL A 326 -24.67 -23.73 -9.51
N VAL A 327 -24.51 -24.26 -8.31
CA VAL A 327 -23.21 -24.74 -7.86
C VAL A 327 -22.94 -26.09 -8.54
N LYS A 328 -21.74 -26.24 -9.10
CA LYS A 328 -21.34 -27.38 -9.94
C LYS A 328 -22.26 -27.58 -11.14
N LYS A 329 -22.84 -26.47 -11.60
CA LYS A 329 -23.68 -26.25 -12.78
C LYS A 329 -25.07 -26.87 -12.70
N ASP A 330 -25.29 -27.85 -11.82
CA ASP A 330 -26.65 -28.29 -11.52
C ASP A 330 -26.83 -28.85 -10.12
N LYS A 331 -25.84 -28.82 -9.24
CA LYS A 331 -25.84 -29.71 -8.07
C LYS A 331 -26.25 -29.05 -6.76
N GLY A 332 -26.03 -27.74 -6.58
CA GLY A 332 -26.27 -27.13 -5.29
C GLY A 332 -26.68 -25.68 -5.40
N TYR A 333 -27.14 -25.15 -4.27
CA TYR A 333 -27.76 -23.83 -4.18
C TYR A 333 -26.79 -22.80 -3.62
N LEU A 334 -26.84 -21.59 -4.18
CA LEU A 334 -26.14 -20.44 -3.64
C LEU A 334 -27.13 -19.28 -3.52
N VAL A 335 -26.69 -18.19 -2.88
CA VAL A 335 -27.51 -17.00 -2.72
C VAL A 335 -27.28 -16.09 -3.93
N ASN A 336 -28.24 -16.03 -4.83
CA ASN A 336 -28.12 -15.36 -6.11
C ASN A 336 -28.93 -14.07 -6.17
N LYS A 337 -28.96 -13.33 -5.07
CA LYS A 337 -29.87 -12.19 -4.96
C LYS A 337 -29.34 -10.95 -5.67
N PHE A 338 -28.04 -10.70 -5.57
CA PHE A 338 -27.40 -9.52 -6.12
C PHE A 338 -26.62 -9.85 -7.38
N LEU A 339 -27.21 -10.68 -8.25
CA LEU A 339 -26.56 -11.11 -9.47
C LEU A 339 -26.25 -9.96 -10.42
N GLU A 340 -27.27 -9.33 -11.00
CA GLU A 340 -27.05 -8.38 -12.07
C GLU A 340 -28.33 -7.61 -12.33
N ASP A 341 -28.19 -6.55 -13.11
CA ASP A 341 -29.29 -5.84 -13.75
C ASP A 341 -28.93 -5.70 -15.22
N LYS A 342 -29.85 -6.05 -16.10
CA LYS A 342 -29.55 -6.14 -17.52
C LYS A 342 -29.53 -4.80 -18.23
N ALA A 343 -29.79 -3.70 -17.53
CA ALA A 343 -29.71 -2.38 -18.13
C ALA A 343 -28.36 -1.73 -17.92
N TYR A 344 -27.48 -2.33 -17.14
CA TYR A 344 -26.18 -1.75 -16.84
C TYR A 344 -25.06 -2.47 -17.57
N ARG A 345 -25.39 -3.22 -18.62
CA ARG A 345 -24.38 -3.92 -19.38
C ARG A 345 -23.77 -3.00 -20.43
N ASP A 346 -22.51 -3.29 -20.78
CA ASP A 346 -21.87 -2.57 -21.87
C ASP A 346 -22.43 -3.03 -23.21
N VAL A 347 -22.20 -4.28 -23.56
CA VAL A 347 -22.84 -4.91 -24.71
C VAL A 347 -24.05 -5.67 -24.20
N GLN A 348 -25.17 -5.54 -24.90
CA GLN A 348 -26.46 -5.94 -24.35
C GLN A 348 -26.66 -7.46 -24.27
N ASP A 349 -25.68 -8.28 -24.65
CA ASP A 349 -25.79 -9.72 -24.49
C ASP A 349 -24.60 -10.35 -23.80
N LYS A 350 -23.77 -9.54 -23.14
CA LYS A 350 -22.62 -10.03 -22.39
C LYS A 350 -22.77 -9.58 -20.94
N PRO A 351 -22.75 -10.49 -19.97
CA PRO A 351 -22.92 -10.05 -18.58
C PRO A 351 -21.67 -9.39 -18.04
N ASN A 352 -21.87 -8.40 -17.18
CA ASN A 352 -20.79 -7.85 -16.39
C ASN A 352 -21.13 -7.82 -14.91
N LEU A 353 -22.34 -8.23 -14.54
CA LEU A 353 -22.82 -8.47 -13.17
C LEU A 353 -22.78 -7.20 -12.32
N LYS A 354 -23.34 -6.13 -12.86
CA LYS A 354 -23.37 -4.84 -12.18
C LYS A 354 -24.77 -4.57 -11.67
N VAL A 355 -24.89 -4.22 -10.39
CA VAL A 355 -26.17 -3.95 -9.75
C VAL A 355 -26.21 -2.52 -9.27
N GLY A 356 -27.33 -2.12 -8.66
CA GLY A 356 -27.46 -0.81 -8.03
C GLY A 356 -27.86 -0.96 -6.57
N ALA A 357 -27.86 0.18 -5.88
CA ALA A 357 -28.11 0.20 -4.44
C ALA A 357 -29.59 0.45 -4.17
N ARG A 358 -30.24 -0.48 -3.47
CA ARG A 358 -31.60 -0.31 -3.00
C ARG A 358 -31.57 -0.09 -1.50
N TYR A 359 -32.38 0.84 -1.02
CA TYR A 359 -32.30 1.23 0.38
C TYR A 359 -33.47 0.76 1.21
N PHE A 360 -34.68 0.68 0.65
CA PHE A 360 -35.80 0.12 1.39
C PHE A 360 -36.83 -0.36 0.37
N SER A 361 -37.45 -1.50 0.66
CA SER A 361 -38.50 -2.08 -0.19
C SER A 361 -39.78 -2.22 0.63
N VAL A 362 -40.84 -2.71 -0.02
CA VAL A 362 -42.12 -2.77 0.69
C VAL A 362 -42.29 -4.10 1.43
N ALA A 363 -41.53 -5.14 1.08
CA ALA A 363 -41.67 -6.43 1.74
C ALA A 363 -41.21 -6.38 3.18
N GLU A 364 -40.18 -5.59 3.47
CA GLU A 364 -39.77 -5.37 4.85
C GLU A 364 -40.83 -4.64 5.64
N VAL A 365 -41.56 -3.71 5.01
CA VAL A 365 -42.65 -3.02 5.70
C VAL A 365 -43.78 -3.98 6.02
N TYR A 366 -44.09 -4.88 5.09
CA TYR A 366 -45.08 -5.92 5.34
C TYR A 366 -44.68 -6.78 6.52
N LEU A 367 -43.41 -7.19 6.59
CA LEU A 367 -42.97 -8.08 7.65
C LEU A 367 -42.94 -7.37 9.02
N ILE A 368 -42.59 -6.09 9.04
CA ILE A 368 -42.65 -5.32 10.28
C ILE A 368 -44.08 -5.18 10.76
N LEU A 369 -45.03 -4.98 9.83
CA LEU A 369 -46.43 -4.86 10.21
C LEU A 369 -46.98 -6.17 10.76
N VAL A 370 -46.62 -7.31 10.15
CA VAL A 370 -47.10 -8.60 10.65
C VAL A 370 -46.47 -8.93 12.00
N GLU A 371 -45.19 -8.57 12.19
CA GLU A 371 -44.56 -8.85 13.48
C GLU A 371 -45.15 -8.01 14.60
N SER A 372 -45.37 -6.72 14.35
CA SER A 372 -45.99 -5.88 15.36
C SER A 372 -47.47 -6.21 15.57
N ALA A 373 -48.13 -6.83 14.59
CA ALA A 373 -49.50 -7.27 14.80
C ALA A 373 -49.57 -8.57 15.59
N LEU A 374 -48.59 -9.46 15.43
CA LEU A 374 -48.60 -10.71 16.19
C LEU A 374 -48.06 -10.54 17.60
N GLN A 375 -47.39 -9.44 17.89
CA GLN A 375 -46.85 -9.19 19.23
C GLN A 375 -47.71 -8.24 20.05
N THR A 376 -48.71 -7.59 19.45
CA THR A 376 -49.67 -6.78 20.19
C THR A 376 -51.07 -7.37 20.14
N GLY A 377 -51.23 -8.57 19.57
CA GLY A 377 -52.50 -9.26 19.59
C GLY A 377 -53.57 -8.65 18.71
N ASP A 378 -53.25 -8.43 17.43
CA ASP A 378 -54.24 -8.01 16.45
C ASP A 378 -54.08 -8.99 15.29
N THR A 379 -54.71 -10.15 15.42
CA THR A 379 -54.55 -11.21 14.44
C THR A 379 -55.14 -11.03 13.02
N PRO A 380 -56.21 -10.26 12.74
CA PRO A 380 -56.66 -10.23 11.33
C PRO A 380 -55.73 -9.46 10.41
N THR A 381 -55.14 -8.36 10.88
CA THR A 381 -54.15 -7.66 10.07
C THR A 381 -52.82 -8.40 9.99
N ALA A 382 -52.62 -9.42 10.82
CA ALA A 382 -51.44 -10.27 10.68
C ALA A 382 -51.66 -11.41 9.68
N GLU A 383 -52.89 -11.89 9.55
CA GLU A 383 -53.19 -12.91 8.57
C GLU A 383 -53.50 -12.36 7.19
N LYS A 384 -53.88 -11.08 7.10
CA LYS A 384 -54.12 -10.50 5.79
C LYS A 384 -52.80 -10.25 5.05
N TYR A 385 -51.87 -9.56 5.71
CA TYR A 385 -50.68 -9.08 5.03
C TYR A 385 -49.67 -10.20 4.77
N LEU A 386 -49.54 -11.15 5.71
CA LEU A 386 -48.60 -12.24 5.49
C LEU A 386 -49.08 -13.19 4.40
N LYS A 387 -50.39 -13.46 4.35
CA LYS A 387 -50.91 -14.30 3.28
C LYS A 387 -50.86 -13.59 1.93
N ALA A 388 -51.04 -12.27 1.92
CA ALA A 388 -50.89 -11.51 0.67
C ALA A 388 -49.44 -11.53 0.17
N LEU A 389 -48.48 -11.34 1.08
CA LEU A 389 -47.08 -11.35 0.69
C LEU A 389 -46.63 -12.73 0.22
N SER A 390 -47.04 -13.77 0.94
CA SER A 390 -46.63 -15.12 0.55
C SER A 390 -47.36 -15.59 -0.71
N LYS A 391 -48.56 -15.08 -0.99
CA LYS A 391 -49.21 -15.45 -2.23
C LYS A 391 -48.62 -14.70 -3.42
N ALA A 392 -48.17 -13.46 -3.22
CA ALA A 392 -47.58 -12.71 -4.32
C ALA A 392 -46.23 -13.25 -4.73
N ARG A 393 -45.51 -13.88 -3.80
CA ARG A 393 -44.21 -14.46 -4.10
C ARG A 393 -44.31 -15.93 -4.52
N GLY A 394 -45.52 -16.47 -4.65
CA GLY A 394 -45.65 -17.78 -5.26
C GLY A 394 -46.19 -18.89 -4.39
N ALA A 395 -45.75 -18.97 -3.14
CA ALA A 395 -46.11 -20.08 -2.25
C ALA A 395 -46.80 -19.51 -1.02
N GLU A 396 -48.13 -19.67 -0.96
CA GLU A 396 -48.91 -19.10 0.12
C GLU A 396 -48.74 -19.90 1.41
N VAL A 397 -48.60 -19.19 2.52
CA VAL A 397 -48.49 -19.83 3.82
C VAL A 397 -49.89 -20.10 4.36
N SER A 398 -50.01 -21.08 5.25
CA SER A 398 -51.31 -21.54 5.72
C SER A 398 -51.67 -20.98 7.09
N VAL A 399 -50.84 -21.24 8.10
CA VAL A 399 -51.11 -20.86 9.48
C VAL A 399 -50.19 -19.71 9.84
N VAL A 400 -50.77 -18.66 10.45
CA VAL A 400 -50.03 -17.44 10.75
C VAL A 400 -49.98 -17.31 12.27
N ASN A 401 -48.92 -17.87 12.90
CA ASN A 401 -48.65 -17.61 14.30
C ASN A 401 -47.15 -17.74 14.59
N MET A 402 -46.42 -16.63 14.41
CA MET A 402 -45.10 -16.37 14.98
C MET A 402 -43.98 -17.36 14.61
N GLU A 403 -44.30 -18.36 13.80
CA GLU A 403 -43.30 -19.34 13.38
C GLU A 403 -43.28 -19.35 11.86
N ALA A 404 -44.40 -18.95 11.27
CA ALA A 404 -44.43 -18.62 9.86
C ALA A 404 -43.84 -17.25 9.59
N LEU A 405 -43.88 -16.36 10.59
CA LEU A 405 -43.25 -15.05 10.42
C LEU A 405 -41.73 -15.16 10.41
N GLN A 406 -41.16 -15.97 11.31
CA GLN A 406 -39.71 -16.13 11.34
C GLN A 406 -39.20 -16.78 10.06
N ALA A 407 -39.93 -17.79 9.56
CA ALA A 407 -39.54 -18.45 8.33
C ALA A 407 -39.72 -17.53 7.12
N GLU A 408 -40.79 -16.74 7.10
CA GLU A 408 -41.01 -15.85 5.95
C GLU A 408 -40.04 -14.68 5.95
N ARG A 409 -39.65 -14.19 7.13
CA ARG A 409 -38.65 -13.14 7.18
C ARG A 409 -37.26 -13.65 6.86
N THR A 410 -36.98 -14.91 7.19
CA THR A 410 -35.71 -15.51 6.78
C THR A 410 -35.70 -15.75 5.28
N ARG A 411 -36.84 -16.13 4.70
CA ARG A 411 -36.92 -16.37 3.27
C ARG A 411 -36.81 -15.08 2.47
N GLU A 412 -37.46 -14.02 2.93
CA GLU A 412 -37.54 -12.80 2.14
C GLU A 412 -36.26 -11.97 2.23
N LEU A 413 -35.72 -11.81 3.43
CA LEU A 413 -34.59 -10.91 3.65
C LEU A 413 -33.26 -11.64 3.68
N ILE A 414 -33.11 -12.69 2.87
CA ILE A 414 -31.81 -13.35 2.77
C ILE A 414 -30.87 -12.44 1.98
N GLY A 415 -29.58 -12.55 2.27
CA GLY A 415 -28.58 -11.75 1.58
C GLY A 415 -28.45 -10.30 2.03
N GLU A 416 -29.43 -9.76 2.73
CA GLU A 416 -29.42 -8.34 3.08
C GLU A 416 -28.80 -8.05 4.43
N GLY A 417 -28.50 -9.06 5.23
CA GLY A 417 -27.85 -8.82 6.50
C GLY A 417 -28.78 -8.45 7.63
N SER A 418 -29.93 -9.11 7.72
CA SER A 418 -30.88 -8.84 8.79
C SER A 418 -31.25 -10.10 9.55
N ARG A 419 -30.36 -11.10 9.58
CA ARG A 419 -30.60 -12.32 10.32
C ARG A 419 -29.87 -12.32 11.65
N LEU A 420 -28.71 -11.69 11.73
CA LEU A 420 -27.97 -11.59 12.99
C LEU A 420 -28.75 -10.78 14.02
N ARG A 421 -29.39 -9.70 13.57
CA ARG A 421 -30.23 -8.88 14.43
C ARG A 421 -31.45 -9.66 14.91
N ASP A 422 -32.01 -10.49 14.03
CA ASP A 422 -33.17 -11.32 14.39
C ASP A 422 -32.79 -12.37 15.42
N MET A 423 -31.73 -13.13 15.16
CA MET A 423 -31.33 -14.18 16.08
C MET A 423 -30.76 -13.64 17.37
N VAL A 424 -30.39 -12.36 17.43
CA VAL A 424 -30.18 -11.73 18.73
C VAL A 424 -31.50 -11.44 19.41
N ARG A 425 -32.45 -10.82 18.71
CA ARG A 425 -33.69 -10.41 19.36
C ARG A 425 -34.76 -11.48 19.42
N TRP A 426 -34.58 -12.62 18.74
CA TRP A 426 -35.46 -13.76 18.91
C TRP A 426 -34.89 -14.84 19.80
N SER A 427 -33.70 -14.62 20.39
CA SER A 427 -33.03 -15.50 21.34
C SER A 427 -32.73 -16.87 20.73
N ILE A 428 -31.94 -16.87 19.67
CA ILE A 428 -31.54 -18.08 18.97
C ILE A 428 -30.03 -18.22 19.10
N PRO A 429 -29.51 -19.38 19.53
CA PRO A 429 -28.06 -19.59 19.50
C PRO A 429 -27.57 -19.95 18.11
N ASN A 430 -26.30 -20.34 17.97
CA ASN A 430 -25.82 -20.60 16.62
C ASN A 430 -26.23 -21.98 16.11
N ASN A 431 -25.75 -23.04 16.77
CA ASN A 431 -25.85 -24.43 16.30
C ASN A 431 -25.26 -24.60 14.90
N HIS A 432 -24.12 -23.97 14.66
CA HIS A 432 -23.38 -24.18 13.42
C HIS A 432 -22.79 -25.58 13.37
N ASP A 433 -22.46 -26.15 14.53
CA ASP A 433 -21.83 -27.46 14.59
C ASP A 433 -22.82 -28.61 14.45
N ALA A 434 -24.12 -28.34 14.47
CA ALA A 434 -25.13 -29.38 14.39
C ALA A 434 -25.89 -29.40 13.07
N PHE A 435 -25.70 -28.40 12.21
CA PHE A 435 -26.45 -28.32 10.98
C PHE A 435 -25.81 -29.18 9.89
N GLU A 436 -26.65 -29.66 8.98
CA GLU A 436 -26.22 -30.53 7.91
C GLU A 436 -25.93 -29.72 6.65
N THR A 437 -24.80 -30.01 6.01
CA THR A 437 -24.48 -29.38 4.73
C THR A 437 -25.30 -30.02 3.62
N GLN A 438 -25.16 -29.51 2.41
CA GLN A 438 -25.94 -30.03 1.29
C GLN A 438 -25.38 -31.38 0.86
N PRO A 439 -26.23 -32.37 0.59
CA PRO A 439 -25.72 -33.68 0.18
C PRO A 439 -25.20 -33.72 -1.22
N GLY A 440 -25.61 -32.79 -2.10
CA GLY A 440 -25.07 -32.76 -3.44
C GLY A 440 -23.66 -32.21 -3.51
N LEU A 441 -23.30 -31.35 -2.57
CA LEU A 441 -21.97 -30.74 -2.53
C LEU A 441 -21.11 -31.47 -1.51
N GLU A 442 -20.64 -32.64 -1.89
CA GLU A 442 -19.73 -33.42 -1.06
C GLU A 442 -18.35 -33.37 -1.70
N GLY A 443 -17.39 -32.80 -0.98
CA GLY A 443 -16.07 -32.51 -1.50
C GLY A 443 -15.85 -31.05 -1.78
N PHE A 444 -16.92 -30.31 -2.05
CA PHE A 444 -16.84 -28.87 -2.29
C PHE A 444 -17.22 -28.07 -1.06
N ALA A 445 -18.34 -28.40 -0.42
CA ALA A 445 -18.84 -27.65 0.73
C ALA A 445 -18.90 -28.58 1.92
N ASN A 446 -17.82 -28.63 2.69
CA ASN A 446 -17.77 -29.50 3.85
C ASN A 446 -17.87 -28.68 5.13
N THR A 447 -17.80 -29.35 6.27
CA THR A 447 -17.99 -28.70 7.55
C THR A 447 -16.65 -28.30 8.16
N THR A 448 -16.69 -27.24 8.97
CA THR A 448 -15.55 -26.68 9.66
C THR A 448 -16.15 -26.18 10.96
N PRO A 449 -15.63 -26.60 12.11
CA PRO A 449 -16.23 -26.21 13.39
C PRO A 449 -15.97 -24.75 13.72
N LEU A 450 -16.79 -24.22 14.63
CA LEU A 450 -16.61 -22.83 15.05
C LEU A 450 -15.36 -22.70 15.92
N LYS A 451 -14.61 -21.63 15.68
CA LYS A 451 -13.44 -21.36 16.51
C LYS A 451 -13.79 -20.73 17.83
N ALA A 452 -15.06 -20.36 18.04
CA ALA A 452 -15.52 -19.81 19.31
C ALA A 452 -17.02 -20.02 19.38
N GLN A 453 -17.48 -20.73 20.40
CA GLN A 453 -18.91 -21.01 20.53
C GLN A 453 -19.65 -19.77 20.98
N ALA A 454 -20.81 -19.52 20.36
CA ALA A 454 -21.57 -18.28 20.53
C ALA A 454 -22.96 -18.57 21.07
N PRO A 455 -23.14 -18.72 22.37
CA PRO A 455 -24.47 -19.01 22.92
C PRO A 455 -25.38 -17.80 22.96
N VAL A 456 -26.53 -17.93 23.62
CA VAL A 456 -27.47 -16.82 23.74
C VAL A 456 -26.91 -15.79 24.71
N GLY A 457 -26.72 -14.57 24.21
CA GLY A 457 -26.18 -13.50 25.04
C GLY A 457 -24.68 -13.35 24.99
N PHE A 458 -24.03 -13.84 23.94
CA PHE A 458 -22.60 -13.73 23.80
C PHE A 458 -22.21 -12.30 23.44
N TYR A 459 -21.01 -11.90 23.83
CA TYR A 459 -20.59 -10.53 23.59
C TYR A 459 -20.23 -10.27 22.15
N ALA A 460 -19.89 -11.29 21.37
CA ALA A 460 -19.37 -11.12 20.03
C ALA A 460 -20.44 -10.98 18.97
N TYR A 461 -21.71 -10.87 19.37
CA TYR A 461 -22.74 -10.48 18.41
C TYR A 461 -22.65 -8.99 18.12
N THR A 462 -22.02 -8.24 19.01
CA THR A 462 -21.76 -6.83 18.82
C THR A 462 -20.28 -6.63 18.53
N TRP A 463 -19.98 -5.94 17.44
CA TRP A 463 -18.61 -5.77 17.00
C TRP A 463 -17.84 -4.88 17.97
N GLU A 464 -16.52 -4.95 17.89
CA GLU A 464 -15.64 -4.15 18.72
C GLU A 464 -15.26 -2.89 17.97
N PHE A 465 -15.10 -1.79 18.71
CA PHE A 465 -14.65 -0.53 18.14
C PHE A 465 -13.28 -0.71 17.49
N PRO A 466 -12.99 0.03 16.42
CA PRO A 466 -11.72 -0.15 15.70
C PRO A 466 -10.52 0.23 16.54
N GLN A 467 -9.34 -0.06 16.01
CA GLN A 467 -8.12 0.23 16.75
C GLN A 467 -7.60 1.64 16.51
N ARG A 468 -8.13 2.39 15.54
CA ARG A 468 -7.68 3.77 15.43
C ARG A 468 -8.37 4.66 16.45
N ASP A 469 -9.67 4.43 16.68
CA ASP A 469 -10.25 4.86 17.93
C ASP A 469 -9.78 3.94 19.04
N ARG A 470 -9.93 4.38 20.28
CA ARG A 470 -9.40 3.76 21.51
C ARG A 470 -7.88 3.55 21.52
N GLN A 471 -7.16 4.10 20.54
CA GLN A 471 -5.75 4.44 20.63
C GLN A 471 -5.53 5.93 20.57
N THR A 472 -6.25 6.64 19.72
CA THR A 472 -6.24 8.10 19.68
C THR A 472 -7.17 8.71 20.71
N ASN A 473 -8.08 7.93 21.28
CA ASN A 473 -9.05 8.40 22.26
C ASN A 473 -8.99 7.47 23.46
N PRO A 474 -8.17 7.80 24.46
CA PRO A 474 -8.09 6.96 25.66
C PRO A 474 -9.23 7.18 26.66
N GLN A 475 -10.23 7.99 26.30
CA GLN A 475 -11.43 8.18 27.08
C GLN A 475 -12.53 7.20 26.72
N LEU A 476 -12.29 6.31 25.77
CA LEU A 476 -13.33 5.45 25.21
C LEU A 476 -13.37 4.14 25.97
N ILE A 477 -14.56 3.76 26.43
CA ILE A 477 -14.80 2.48 27.08
C ILE A 477 -15.11 1.46 25.99
N LYS A 478 -14.30 0.42 25.89
CA LYS A 478 -14.44 -0.58 24.84
C LYS A 478 -15.54 -1.58 25.20
N ASN A 479 -15.85 -2.47 24.25
CA ASN A 479 -17.01 -3.35 24.37
C ASN A 479 -16.69 -4.69 25.00
N TRP A 480 -15.75 -5.43 24.45
CA TRP A 480 -15.58 -6.85 24.75
C TRP A 480 -14.84 -7.07 26.05
N PRO A 481 -15.12 -8.16 26.75
CA PRO A 481 -14.32 -8.51 27.95
C PRO A 481 -12.90 -8.86 27.62
N ILE A 482 -12.64 -9.46 26.46
CA ILE A 482 -11.28 -9.72 26.02
C ILE A 482 -10.77 -8.50 25.27
N LEU B 1 32.17 23.74 -2.99
CA LEU B 1 31.29 22.59 -2.91
C LEU B 1 30.81 22.36 -1.48
N SER B 2 31.74 22.49 -0.54
CA SER B 2 31.47 22.29 0.87
C SER B 2 32.53 23.03 1.68
N THR B 3 32.26 23.19 2.97
CA THR B 3 33.18 23.88 3.85
C THR B 3 34.36 23.00 4.20
N VAL B 4 35.32 23.57 4.93
CA VAL B 4 36.48 22.81 5.37
C VAL B 4 36.21 22.14 6.71
N SER B 5 35.29 22.68 7.50
CA SER B 5 34.92 22.11 8.78
C SER B 5 33.70 21.20 8.69
N GLY B 6 33.31 20.77 7.49
CA GLY B 6 32.13 19.97 7.31
C GLY B 6 32.43 18.48 7.38
N SER B 7 31.36 17.70 7.32
CA SER B 7 31.44 16.24 7.31
C SER B 7 31.15 15.77 5.88
N VAL B 8 32.21 15.50 5.13
CA VAL B 8 32.10 15.15 3.71
C VAL B 8 32.76 13.80 3.50
N ALA B 9 32.06 12.89 2.83
CA ALA B 9 32.63 11.62 2.43
C ALA B 9 32.62 11.56 0.91
N LYS B 10 33.81 11.44 0.31
CA LYS B 10 33.93 11.45 -1.14
C LYS B 10 34.18 10.02 -1.63
N VAL B 11 33.33 9.56 -2.53
CA VAL B 11 33.45 8.26 -3.17
C VAL B 11 34.01 8.47 -4.57
N SER B 12 35.03 7.70 -4.93
CA SER B 12 35.75 7.91 -6.17
C SER B 12 35.04 7.22 -7.33
N SER B 13 35.62 7.35 -8.52
CA SER B 13 35.02 6.81 -9.73
C SER B 13 35.14 5.29 -9.83
N GLU B 14 36.10 4.69 -9.15
CA GLU B 14 36.30 3.25 -9.24
C GLU B 14 35.23 2.48 -8.47
N LYS B 15 34.63 3.07 -7.45
CA LYS B 15 33.48 2.47 -6.79
C LYS B 15 32.18 2.76 -7.52
N LEU B 16 32.21 3.65 -8.52
CA LEU B 16 31.11 3.89 -9.44
C LEU B 16 31.43 3.34 -10.82
N ALA B 17 32.12 2.20 -10.86
CA ALA B 17 32.56 1.54 -12.08
C ALA B 17 31.40 0.79 -12.72
N GLU B 18 31.70 -0.19 -13.58
CA GLU B 18 30.63 -1.03 -14.10
C GLU B 18 29.94 -1.80 -12.98
N LYS B 19 28.66 -1.50 -12.79
CA LYS B 19 27.81 -2.23 -11.90
C LYS B 19 26.64 -2.58 -12.81
N PRO B 20 26.24 -3.82 -12.84
CA PRO B 20 25.21 -4.22 -13.81
C PRO B 20 23.79 -4.02 -13.32
N VAL B 21 23.52 -2.89 -12.68
CA VAL B 21 22.18 -2.50 -12.27
C VAL B 21 21.98 -1.04 -12.61
N ALA B 22 20.73 -0.64 -12.78
CA ALA B 22 20.41 0.75 -13.02
C ALA B 22 20.30 1.55 -11.73
N ASN B 23 20.21 0.86 -10.59
CA ASN B 23 20.04 1.49 -9.29
C ASN B 23 21.42 1.77 -8.71
N ILE B 24 21.86 3.03 -8.81
CA ILE B 24 23.26 3.34 -8.49
C ILE B 24 23.51 3.43 -6.99
N MET B 25 22.49 3.74 -6.18
CA MET B 25 22.67 3.84 -4.74
C MET B 25 22.98 2.50 -4.11
N ASP B 26 22.56 1.40 -4.74
CA ASP B 26 22.90 0.07 -4.23
C ASP B 26 24.38 -0.23 -4.40
N ALA B 27 25.09 0.54 -5.23
CA ALA B 27 26.53 0.45 -5.30
C ALA B 27 27.23 1.12 -4.13
N LEU B 28 26.49 1.86 -3.29
CA LEU B 28 27.07 2.53 -2.13
C LEU B 28 26.63 1.92 -0.81
N GLN B 29 26.15 0.68 -0.83
CA GLN B 29 25.76 0.04 0.41
C GLN B 29 27.02 -0.37 1.16
N GLY B 30 27.38 0.42 2.17
CA GLY B 30 28.53 0.13 2.99
C GLY B 30 29.78 0.92 2.69
N GLN B 31 29.69 1.98 1.90
CA GLN B 31 30.88 2.78 1.57
C GLN B 31 30.93 4.12 2.30
N VAL B 32 29.82 4.58 2.85
CA VAL B 32 29.76 5.84 3.59
C VAL B 32 29.35 5.54 5.02
N ALA B 33 30.02 6.18 5.98
CA ALA B 33 29.66 6.01 7.38
C ALA B 33 28.38 6.76 7.69
N GLY B 34 27.43 6.10 8.33
CA GLY B 34 26.18 6.75 8.64
C GLY B 34 25.09 6.59 7.60
N MET B 35 25.43 6.82 6.33
CA MET B 35 24.50 6.60 5.25
C MET B 35 24.23 5.11 5.08
N GLN B 36 22.99 4.68 5.30
CA GLN B 36 22.62 3.30 5.05
C GLN B 36 21.64 3.24 3.89
N VAL B 37 21.87 2.29 2.99
CA VAL B 37 21.11 2.11 1.76
C VAL B 37 20.50 0.73 1.77
N MET B 38 19.18 0.65 1.62
CA MET B 38 18.50 -0.64 1.53
C MET B 38 17.49 -0.60 0.40
N THR B 39 17.60 -1.54 -0.53
CA THR B 39 16.63 -1.70 -1.59
C THR B 39 15.74 -2.90 -1.30
N THR B 40 14.54 -2.88 -1.87
CA THR B 40 13.48 -3.79 -1.45
C THR B 40 12.94 -4.65 -2.59
N SER B 41 13.62 -4.69 -3.74
CA SER B 41 13.19 -5.52 -4.84
C SER B 41 14.40 -5.81 -5.72
N GLY B 42 14.36 -6.96 -6.37
CA GLY B 42 15.26 -7.28 -7.46
C GLY B 42 14.73 -6.84 -8.79
N ASP B 43 13.64 -6.06 -8.76
CA ASP B 43 13.10 -5.41 -9.94
C ASP B 43 14.17 -4.54 -10.59
N PRO B 44 14.31 -4.56 -11.91
CA PRO B 44 15.24 -3.63 -12.55
C PRO B 44 14.83 -2.17 -12.41
N THR B 45 13.53 -1.90 -12.36
CA THR B 45 13.02 -0.55 -12.18
C THR B 45 12.70 -0.28 -10.71
N ALA B 46 13.70 -0.47 -9.86
CA ALA B 46 13.56 -0.26 -8.43
C ALA B 46 14.55 0.78 -7.95
N VAL B 47 14.17 1.50 -6.91
CA VAL B 47 14.90 2.67 -6.43
C VAL B 47 15.20 2.47 -4.94
N ALA B 48 16.46 2.66 -4.57
CA ALA B 48 16.93 2.33 -3.24
C ALA B 48 16.46 3.35 -2.20
N SER B 49 16.50 2.92 -0.94
CA SER B 49 16.07 3.73 0.19
C SER B 49 17.30 4.14 1.00
N VAL B 50 17.63 5.42 0.96
CA VAL B 50 18.82 5.95 1.60
C VAL B 50 18.42 6.73 2.84
N GLU B 51 19.15 6.54 3.92
CA GLU B 51 18.92 7.25 5.17
C GLU B 51 20.26 7.63 5.78
N ILE B 52 20.46 8.92 6.02
CA ILE B 52 21.69 9.42 6.62
C ILE B 52 21.40 9.79 8.06
N HIS B 53 22.13 9.16 8.99
CA HIS B 53 22.03 9.39 10.44
C HIS B 53 20.62 9.10 10.97
N GLY B 54 20.07 7.97 10.56
CA GLY B 54 18.77 7.55 11.07
C GLY B 54 17.61 8.32 10.44
N THR B 55 16.41 7.91 10.84
CA THR B 55 15.19 8.53 10.33
C THR B 55 14.91 9.81 11.09
N GLY B 56 14.65 10.90 10.38
CA GLY B 56 14.50 12.19 10.99
C GLY B 56 13.09 12.62 11.30
N SER B 57 12.09 11.96 10.71
CA SER B 57 10.71 12.34 10.92
C SER B 57 9.88 11.07 11.02
N LEU B 58 8.56 11.22 11.09
CA LEU B 58 7.67 10.06 11.11
C LEU B 58 6.66 10.17 9.98
N GLY B 59 6.33 11.39 9.58
CA GLY B 59 5.41 11.60 8.48
C GLY B 59 6.05 12.02 7.18
N ALA B 60 6.97 12.97 7.23
CA ALA B 60 7.62 13.44 6.02
C ALA B 60 8.76 12.50 5.63
N SER B 61 9.19 12.62 4.38
CA SER B 61 10.18 11.70 3.84
C SER B 61 11.57 12.06 4.33
N SER B 62 12.37 11.02 4.58
CA SER B 62 13.73 11.18 5.09
C SER B 62 14.76 10.93 4.01
N ALA B 63 14.39 11.04 2.74
CA ALA B 63 15.33 10.87 1.66
C ALA B 63 16.25 12.08 1.58
N PRO B 64 17.48 11.90 1.13
CA PRO B 64 18.39 13.04 0.96
C PRO B 64 18.05 13.92 -0.22
N LEU B 65 18.91 14.85 -0.53
CA LEU B 65 18.75 15.74 -1.67
C LEU B 65 19.76 15.34 -2.73
N TYR B 66 19.29 14.76 -3.82
CA TYR B 66 20.17 14.26 -4.86
C TYR B 66 20.43 15.36 -5.87
N ILE B 67 21.70 15.78 -5.99
CA ILE B 67 22.09 16.89 -6.84
C ILE B 67 23.11 16.39 -7.83
N VAL B 68 22.80 16.51 -9.12
CA VAL B 68 23.72 16.17 -10.19
C VAL B 68 24.10 17.46 -10.89
N ASP B 69 25.33 17.91 -10.67
CA ASP B 69 25.91 19.13 -11.26
C ASP B 69 25.09 20.38 -10.95
N GLY B 70 24.97 20.68 -9.67
CA GLY B 70 24.34 21.91 -9.24
C GLY B 70 22.84 21.92 -9.13
N MET B 71 22.13 21.40 -10.14
CA MET B 71 20.68 21.41 -10.12
C MET B 71 20.18 20.07 -9.61
N GLN B 72 19.09 20.10 -8.86
CA GLN B 72 18.68 18.94 -8.06
C GLN B 72 17.66 18.10 -8.81
N THR B 73 17.86 16.78 -8.78
CA THR B 73 17.11 15.82 -9.56
C THR B 73 16.45 14.79 -8.63
N SER B 74 15.85 13.78 -9.24
CA SER B 74 15.26 12.66 -8.53
C SER B 74 15.93 11.38 -9.00
N LEU B 75 15.72 10.29 -8.25
CA LEU B 75 16.47 9.06 -8.50
C LEU B 75 16.01 8.34 -9.76
N ASP B 76 14.79 8.58 -10.22
CA ASP B 76 14.34 8.00 -11.48
C ASP B 76 15.01 8.67 -12.67
N VAL B 77 15.27 9.97 -12.58
CA VAL B 77 16.00 10.67 -13.64
C VAL B 77 17.48 10.31 -13.60
N VAL B 78 18.02 10.06 -12.40
CA VAL B 78 19.41 9.62 -12.26
C VAL B 78 19.58 8.22 -12.83
N ALA B 79 18.52 7.41 -12.79
CA ALA B 79 18.58 6.05 -13.34
C ALA B 79 18.74 6.01 -14.86
N THR B 80 18.47 7.11 -15.56
CA THR B 80 18.67 7.18 -17.00
C THR B 80 20.02 7.79 -17.38
N MET B 81 20.86 8.12 -16.41
CA MET B 81 22.20 8.61 -16.66
C MET B 81 23.18 7.45 -16.64
N ASN B 82 24.12 7.47 -17.57
CA ASN B 82 25.14 6.43 -17.62
C ASN B 82 26.09 6.58 -16.44
N PRO B 83 26.31 5.54 -15.64
CA PRO B 83 27.18 5.67 -14.46
C PRO B 83 28.65 5.76 -14.78
N ASN B 84 29.05 5.52 -16.03
CA ASN B 84 30.44 5.66 -16.43
C ASN B 84 30.82 7.10 -16.72
N ASP B 85 29.90 8.04 -16.55
CA ASP B 85 30.13 9.45 -16.75
C ASP B 85 30.42 10.19 -15.47
N PHE B 86 30.30 9.53 -14.32
CA PHE B 86 30.38 10.17 -13.02
C PHE B 86 31.82 10.14 -12.53
N GLU B 87 32.33 11.30 -12.13
CA GLU B 87 33.70 11.43 -11.66
C GLU B 87 33.84 11.07 -10.19
N SER B 88 32.89 11.50 -9.37
CA SER B 88 32.92 11.23 -7.94
C SER B 88 31.53 11.44 -7.38
N MET B 89 31.37 11.15 -6.09
CA MET B 89 30.11 11.34 -5.39
C MET B 89 30.39 11.76 -3.97
N SER B 90 30.07 13.00 -3.62
CA SER B 90 30.30 13.52 -2.28
C SER B 90 29.01 13.45 -1.49
N VAL B 91 29.09 12.92 -0.28
CA VAL B 91 27.97 12.83 0.64
C VAL B 91 28.23 13.81 1.77
N LEU B 92 27.34 14.78 1.95
CA LEU B 92 27.54 15.88 2.88
C LEU B 92 26.58 15.68 4.05
N LYS B 93 27.05 14.99 5.07
CA LYS B 93 26.22 14.63 6.22
C LYS B 93 26.47 15.57 7.40
N ASP B 94 26.25 16.86 7.19
CA ASP B 94 26.51 17.84 8.24
C ASP B 94 25.51 18.98 8.13
N ALA B 95 25.47 19.81 9.17
CA ALA B 95 24.65 21.01 9.16
C ALA B 95 25.44 22.24 8.73
N SER B 96 26.76 22.14 8.66
CA SER B 96 27.58 23.19 8.07
C SER B 96 27.97 22.89 6.64
N ALA B 97 28.00 21.62 6.24
CA ALA B 97 28.29 21.26 4.86
C ALA B 97 27.10 21.55 3.96
N THR B 98 25.90 21.19 4.42
CA THR B 98 24.66 21.45 3.68
C THR B 98 24.09 22.77 4.15
N SER B 99 24.61 23.85 3.59
CA SER B 99 24.13 25.17 3.96
C SER B 99 23.96 26.10 2.78
N ILE B 100 24.28 25.66 1.56
CA ILE B 100 23.95 26.41 0.36
C ILE B 100 22.92 25.69 -0.50
N TYR B 101 22.60 24.44 -0.19
CA TYR B 101 21.54 23.68 -0.83
C TYR B 101 20.44 23.55 0.20
N GLY B 102 19.23 24.04 -0.10
CA GLY B 102 18.13 23.67 0.76
C GLY B 102 16.79 23.39 0.13
N ALA B 103 16.33 22.16 0.17
CA ALA B 103 14.91 21.83 0.11
C ALA B 103 14.54 20.78 1.15
N ARG B 104 15.39 19.78 1.33
CA ARG B 104 15.33 18.83 2.44
C ARG B 104 16.74 18.56 2.92
N ALA B 105 17.53 19.61 3.10
CA ALA B 105 18.93 19.52 3.48
C ALA B 105 19.15 19.06 4.90
N ALA B 106 18.08 18.88 5.68
CA ALA B 106 18.24 18.29 7.00
C ALA B 106 18.52 16.80 6.92
N ASN B 107 18.21 16.17 5.79
CA ASN B 107 18.47 14.76 5.55
C ASN B 107 19.83 14.51 4.92
N GLY B 108 20.64 15.55 4.70
CA GLY B 108 21.87 15.43 3.97
C GLY B 108 21.66 15.56 2.47
N VAL B 109 22.73 15.87 1.76
CA VAL B 109 22.65 15.94 0.32
C VAL B 109 23.64 14.94 -0.27
N VAL B 110 23.40 14.55 -1.51
CA VAL B 110 24.29 13.68 -2.26
C VAL B 110 24.66 14.43 -3.52
N PHE B 111 25.93 14.76 -3.67
CA PHE B 111 26.38 15.57 -4.79
C PHE B 111 27.06 14.65 -5.79
N ILE B 112 26.36 14.33 -6.86
CA ILE B 112 26.95 13.61 -7.98
C ILE B 112 27.60 14.62 -8.90
N GLN B 113 28.79 14.31 -9.39
CA GLN B 113 29.56 15.24 -10.19
C GLN B 113 30.09 14.51 -11.41
N THR B 114 29.95 15.11 -12.58
CA THR B 114 30.21 14.40 -13.81
C THR B 114 31.64 14.64 -14.28
N LYS B 115 32.09 13.79 -15.20
CA LYS B 115 33.47 13.80 -15.65
C LYS B 115 33.71 14.96 -16.60
N LYS B 116 34.93 15.49 -16.58
CA LYS B 116 35.33 16.55 -17.49
C LYS B 116 36.62 16.13 -18.20
N GLY B 117 36.85 16.73 -19.37
CA GLY B 117 37.96 16.31 -20.19
C GLY B 117 39.27 16.91 -19.71
N LYS B 118 40.27 16.05 -19.57
CA LYS B 118 41.61 16.52 -19.25
C LYS B 118 42.24 17.15 -20.48
N MET B 119 43.24 17.99 -20.25
CA MET B 119 43.71 18.95 -21.24
C MET B 119 45.00 18.52 -21.94
N SER B 120 45.12 17.24 -22.25
CA SER B 120 46.28 16.76 -23.01
C SER B 120 46.13 17.10 -24.49
N GLU B 121 47.26 17.03 -25.20
CA GLU B 121 47.33 17.42 -26.61
C GLU B 121 46.80 16.36 -27.55
N ARG B 122 46.47 15.17 -27.06
CA ARG B 122 45.87 14.13 -27.87
C ARG B 122 44.72 13.53 -27.08
N GLY B 123 43.54 13.48 -27.69
CA GLY B 123 42.33 13.07 -26.99
C GLY B 123 42.31 11.59 -26.66
N ARG B 124 41.35 11.22 -25.84
CA ARG B 124 41.22 9.85 -25.33
C ARG B 124 39.89 9.27 -25.76
N ILE B 125 39.91 8.04 -26.27
CA ILE B 125 38.71 7.31 -26.65
C ILE B 125 38.65 6.07 -25.78
N THR B 126 37.43 5.67 -25.38
CA THR B 126 37.29 4.49 -24.54
C THR B 126 36.04 3.74 -24.96
N PHE B 127 36.17 2.43 -25.20
CA PHE B 127 35.05 1.58 -25.60
C PHE B 127 34.87 0.51 -24.54
N ASN B 128 33.75 0.54 -23.83
CA ASN B 128 33.44 -0.46 -22.81
C ASN B 128 32.33 -1.37 -23.31
N ALA B 129 32.39 -2.65 -22.94
CA ALA B 129 31.30 -3.57 -23.23
C ALA B 129 31.20 -4.57 -22.10
N SER B 130 30.00 -5.13 -21.93
CA SER B 130 29.80 -6.10 -20.86
C SER B 130 28.65 -7.03 -21.19
N TYR B 131 28.63 -8.18 -20.53
CA TYR B 131 27.54 -9.13 -20.67
C TYR B 131 27.49 -10.01 -19.44
N GLY B 132 26.28 -10.26 -18.95
CA GLY B 132 26.14 -11.09 -17.76
C GLY B 132 24.78 -11.73 -17.67
N ILE B 133 24.61 -12.56 -16.64
CA ILE B 133 23.33 -13.18 -16.33
C ILE B 133 22.98 -12.90 -14.88
N SER B 134 21.68 -13.00 -14.59
CA SER B 134 21.14 -12.79 -13.25
C SER B 134 20.21 -13.93 -12.87
N GLN B 135 20.38 -14.43 -11.64
CA GLN B 135 19.59 -15.52 -11.10
C GLN B 135 19.01 -15.13 -9.74
N ILE B 136 18.09 -15.98 -9.26
CA ILE B 136 17.60 -15.84 -7.89
C ILE B 136 18.68 -16.28 -6.93
N LEU B 137 18.69 -15.69 -5.73
CA LEU B 137 19.82 -15.90 -4.85
C LEU B 137 19.54 -16.85 -3.70
N ASN B 138 18.30 -17.25 -3.47
CA ASN B 138 17.96 -18.12 -2.36
C ASN B 138 16.99 -19.19 -2.81
N THR B 139 17.21 -20.40 -2.32
CA THR B 139 16.38 -21.55 -2.65
C THR B 139 15.99 -22.33 -1.40
N LYS B 140 16.73 -22.19 -0.30
CA LYS B 140 16.48 -22.76 1.02
C LYS B 140 15.06 -22.65 1.59
N PRO B 141 14.24 -21.62 1.30
CA PRO B 141 12.84 -21.66 1.79
C PRO B 141 12.00 -22.79 1.24
N LEU B 142 12.23 -23.24 0.01
CA LEU B 142 11.49 -24.37 -0.53
C LEU B 142 12.22 -25.69 -0.40
N ASP B 143 13.01 -25.86 0.65
CA ASP B 143 13.65 -27.13 0.95
C ASP B 143 12.93 -27.92 2.02
N ASN B 144 11.96 -27.32 2.71
CA ASN B 144 11.21 -28.00 3.76
C ASN B 144 9.72 -27.93 3.54
N MET B 145 9.29 -27.86 2.29
CA MET B 145 7.88 -27.89 1.96
C MET B 145 7.44 -29.32 1.70
N MET B 146 6.12 -29.54 1.71
CA MET B 146 5.61 -30.88 1.48
C MET B 146 5.72 -31.24 0.00
N THR B 147 5.58 -32.53 -0.29
CA THR B 147 5.49 -33.01 -1.65
C THR B 147 4.01 -33.07 -2.05
N GLY B 148 3.70 -33.72 -3.17
CA GLY B 148 2.32 -33.76 -3.63
C GLY B 148 1.42 -34.70 -2.86
N ASP B 149 1.77 -35.99 -2.88
CA ASP B 149 0.97 -37.00 -2.22
C ASP B 149 1.02 -36.88 -0.70
N GLU B 150 2.10 -36.33 -0.17
CA GLU B 150 2.20 -36.08 1.27
C GLU B 150 1.22 -34.98 1.69
N LEU B 151 1.11 -33.92 0.89
CA LEU B 151 0.12 -32.88 1.14
C LEU B 151 -1.29 -33.42 0.98
N LEU B 152 -1.51 -34.31 0.01
CA LEU B 152 -2.85 -34.86 -0.18
C LEU B 152 -3.27 -35.75 0.98
N ASP B 153 -2.33 -36.53 1.52
CA ASP B 153 -2.62 -37.33 2.70
C ASP B 153 -2.86 -36.46 3.92
N PHE B 154 -2.10 -35.37 4.06
CA PHE B 154 -2.31 -34.44 5.18
C PHE B 154 -3.67 -33.74 5.08
N GLN B 155 -4.11 -33.43 3.87
CA GLN B 155 -5.41 -32.79 3.69
C GLN B 155 -6.55 -33.75 3.95
N VAL B 156 -6.39 -35.01 3.51
CA VAL B 156 -7.45 -36.01 3.70
C VAL B 156 -7.59 -36.36 5.18
N LYS B 157 -6.47 -36.45 5.90
CA LYS B 157 -6.54 -36.75 7.33
C LYS B 157 -7.15 -35.60 8.14
N ALA B 158 -6.91 -34.36 7.74
CA ALA B 158 -7.38 -33.22 8.51
C ALA B 158 -8.83 -32.86 8.22
N GLY B 159 -9.51 -33.58 7.33
CA GLY B 159 -10.91 -33.31 7.07
C GLY B 159 -11.18 -32.11 6.20
N PHE B 160 -10.26 -31.79 5.27
CA PHE B 160 -10.49 -30.68 4.37
C PHE B 160 -11.33 -31.08 3.17
N TRP B 161 -11.16 -32.30 2.68
CA TRP B 161 -11.89 -32.73 1.50
C TRP B 161 -13.25 -33.31 1.88
N GLY B 162 -13.28 -34.19 2.88
CA GLY B 162 -14.52 -34.79 3.33
C GLY B 162 -14.45 -35.16 4.80
N ASN B 163 -15.61 -35.53 5.34
CA ASN B 163 -15.64 -36.07 6.69
C ASN B 163 -15.32 -37.55 6.71
N ASN B 164 -15.76 -38.30 5.70
CA ASN B 164 -15.45 -39.72 5.57
C ASN B 164 -14.99 -39.94 4.12
N GLN B 165 -13.71 -39.71 3.87
CA GLN B 165 -13.15 -39.87 2.53
C GLN B 165 -11.74 -40.41 2.63
N THR B 166 -11.32 -41.12 1.59
CA THR B 166 -10.00 -41.72 1.51
C THR B 166 -9.13 -40.94 0.54
N VAL B 167 -7.91 -41.43 0.32
CA VAL B 167 -6.98 -40.74 -0.57
C VAL B 167 -7.35 -41.01 -2.03
N GLN B 168 -7.77 -42.22 -2.35
CA GLN B 168 -8.07 -42.56 -3.73
C GLN B 168 -9.39 -41.95 -4.17
N LYS B 169 -10.38 -41.90 -3.27
CA LYS B 169 -11.67 -41.30 -3.59
C LYS B 169 -11.55 -39.81 -3.85
N VAL B 170 -10.59 -39.15 -3.21
CA VAL B 170 -10.34 -37.74 -3.47
C VAL B 170 -9.54 -37.57 -4.75
N LYS B 171 -8.41 -38.29 -4.87
CA LYS B 171 -7.51 -38.05 -5.99
C LYS B 171 -8.04 -38.60 -7.31
N ASP B 172 -9.04 -39.47 -7.30
CA ASP B 172 -9.46 -40.12 -8.54
C ASP B 172 -10.53 -39.33 -9.26
N MET B 173 -11.67 -39.10 -8.60
CA MET B 173 -12.82 -38.56 -9.28
C MET B 173 -13.20 -37.16 -8.85
N ILE B 174 -12.56 -36.61 -7.83
CA ILE B 174 -12.83 -35.23 -7.47
C ILE B 174 -11.97 -34.28 -8.29
N LEU B 175 -10.65 -34.38 -8.18
CA LEU B 175 -9.78 -33.41 -8.84
C LEU B 175 -8.89 -34.01 -9.91
N ALA B 176 -9.14 -35.23 -10.35
CA ALA B 176 -8.60 -35.72 -11.61
C ALA B 176 -9.69 -36.05 -12.60
N GLY B 177 -10.95 -36.10 -12.17
CA GLY B 177 -12.09 -36.19 -13.03
C GLY B 177 -12.60 -34.81 -13.39
N ALA B 178 -11.64 -33.89 -13.59
CA ALA B 178 -11.88 -32.54 -14.06
C ALA B 178 -11.21 -32.37 -15.42
N GLU B 179 -11.41 -33.37 -16.28
CA GLU B 179 -11.41 -33.20 -17.72
C GLU B 179 -12.71 -32.58 -18.21
N ASP B 180 -13.69 -32.48 -17.32
CA ASP B 180 -14.94 -31.80 -17.61
C ASP B 180 -14.72 -30.32 -17.86
N LEU B 181 -13.64 -29.74 -17.32
CA LEU B 181 -13.31 -28.35 -17.59
C LEU B 181 -12.57 -28.20 -18.91
N TYR B 182 -11.58 -29.05 -19.16
CA TYR B 182 -10.80 -28.96 -20.39
C TYR B 182 -11.59 -29.39 -21.61
N GLY B 183 -12.68 -30.13 -21.43
CA GLY B 183 -13.53 -30.50 -22.54
C GLY B 183 -14.52 -29.45 -22.98
N ASN B 184 -14.39 -28.21 -22.52
CA ASN B 184 -15.25 -27.13 -22.94
C ASN B 184 -14.57 -26.17 -23.91
N TYR B 185 -13.28 -26.34 -24.15
CA TYR B 185 -12.50 -25.42 -24.95
C TYR B 185 -11.94 -26.14 -26.16
N ASP B 186 -12.11 -25.53 -27.33
CA ASP B 186 -11.70 -26.19 -28.58
C ASP B 186 -10.19 -26.30 -28.72
N SER B 187 -9.42 -25.43 -28.06
CA SER B 187 -7.98 -25.47 -28.21
C SER B 187 -7.33 -26.60 -27.44
N LEU B 188 -7.98 -27.10 -26.39
CA LEU B 188 -7.32 -28.11 -25.55
C LEU B 188 -8.27 -29.20 -25.07
N LYS B 189 -9.36 -29.48 -25.79
CA LYS B 189 -10.16 -30.65 -25.47
C LYS B 189 -9.58 -31.93 -26.05
N ASP B 190 -8.68 -31.82 -27.03
CA ASP B 190 -7.99 -32.97 -27.59
C ASP B 190 -6.53 -33.03 -27.15
N GLU B 191 -6.13 -32.19 -26.20
CA GLU B 191 -4.79 -32.24 -25.65
C GLU B 191 -4.75 -32.80 -24.24
N TYR B 192 -5.89 -32.94 -23.56
CA TYR B 192 -5.91 -33.55 -22.25
C TYR B 192 -5.58 -35.03 -22.35
N GLY B 193 -4.65 -35.48 -21.51
CA GLY B 193 -4.25 -36.87 -21.47
C GLY B 193 -3.31 -37.31 -22.57
N LYS B 194 -3.12 -36.49 -23.59
CA LYS B 194 -2.25 -36.79 -24.72
C LYS B 194 -0.92 -36.04 -24.63
N THR B 195 -0.98 -34.73 -24.45
CA THR B 195 0.22 -33.92 -24.33
C THR B 195 0.12 -32.89 -23.22
N LEU B 196 -0.90 -32.98 -22.37
CA LEU B 196 -1.17 -31.95 -21.37
C LEU B 196 -1.82 -32.63 -20.17
N PHE B 197 -1.04 -32.80 -19.10
CA PHE B 197 -1.53 -33.41 -17.87
C PHE B 197 -1.55 -32.37 -16.77
N PRO B 198 -2.67 -31.68 -16.53
CA PRO B 198 -2.66 -30.61 -15.54
C PRO B 198 -2.64 -31.09 -14.11
N VAL B 199 -3.14 -32.28 -13.83
CA VAL B 199 -3.15 -32.84 -12.48
C VAL B 199 -2.38 -34.15 -12.53
N ASP B 200 -1.20 -34.16 -11.92
CA ASP B 200 -0.27 -35.29 -12.01
C ASP B 200 0.15 -35.69 -10.61
N PHE B 201 -0.37 -36.82 -10.13
CA PHE B 201 -0.15 -37.26 -8.76
C PHE B 201 1.09 -38.12 -8.60
N ASN B 202 1.89 -38.28 -9.64
CA ASN B 202 3.04 -39.18 -9.59
C ASN B 202 4.38 -38.45 -9.52
N HIS B 203 4.48 -37.24 -10.06
CA HIS B 203 5.69 -36.44 -10.01
C HIS B 203 5.45 -35.23 -9.12
N ASP B 204 6.43 -34.34 -9.08
CA ASP B 204 6.32 -33.06 -8.40
C ASP B 204 6.69 -31.97 -9.39
N ALA B 205 5.75 -31.08 -9.67
CA ALA B 205 5.98 -29.98 -10.59
C ALA B 205 6.91 -28.96 -9.95
N ASP B 206 7.99 -28.61 -10.65
CA ASP B 206 8.93 -27.60 -10.17
C ASP B 206 8.30 -26.24 -10.39
N TRP B 207 7.71 -25.67 -9.34
CA TRP B 207 7.07 -24.37 -9.48
C TRP B 207 8.04 -23.22 -9.46
N LEU B 208 9.30 -23.45 -9.07
CA LEU B 208 10.30 -22.40 -9.21
C LEU B 208 10.71 -22.21 -10.66
N LYS B 209 10.76 -23.30 -11.43
CA LYS B 209 11.07 -23.20 -12.85
C LYS B 209 9.92 -22.57 -13.63
N ALA B 210 8.70 -22.60 -13.11
CA ALA B 210 7.55 -22.05 -13.80
C ALA B 210 7.31 -20.59 -13.49
N LEU B 211 8.05 -20.02 -12.55
CA LEU B 211 7.80 -18.65 -12.13
C LEU B 211 9.03 -17.76 -12.09
N PHE B 212 10.24 -18.31 -12.18
CA PHE B 212 11.46 -17.53 -12.18
C PHE B 212 12.43 -18.11 -13.21
N LYS B 213 13.23 -17.24 -13.83
CA LYS B 213 14.14 -17.68 -14.88
C LYS B 213 15.53 -17.09 -14.71
N THR B 214 16.38 -17.27 -15.70
CA THR B 214 17.73 -16.70 -15.74
C THR B 214 17.76 -15.59 -16.79
N ALA B 215 18.13 -14.38 -16.38
CA ALA B 215 17.91 -13.26 -17.28
C ALA B 215 19.22 -12.62 -17.75
N PRO B 216 19.33 -12.29 -19.03
CA PRO B 216 20.56 -11.67 -19.53
C PRO B 216 20.63 -10.17 -19.24
N THR B 217 21.83 -9.63 -19.35
CA THR B 217 22.11 -8.23 -19.09
C THR B 217 23.26 -7.77 -19.96
N SER B 218 23.08 -6.67 -20.70
CA SER B 218 24.11 -6.16 -21.58
C SER B 218 24.28 -4.67 -21.38
N GLN B 219 25.49 -4.18 -21.63
CA GLN B 219 25.72 -2.75 -21.68
C GLN B 219 26.91 -2.47 -22.57
N GLY B 220 26.88 -1.33 -23.23
CA GLY B 220 27.96 -0.91 -24.09
C GLY B 220 28.08 0.59 -24.04
N ASP B 221 29.27 1.10 -24.29
CA ASP B 221 29.54 2.51 -24.04
C ASP B 221 30.75 2.92 -24.86
N ILE B 222 30.77 4.18 -25.31
CA ILE B 222 31.93 4.73 -25.99
C ILE B 222 32.02 6.22 -25.67
N SER B 223 33.20 6.66 -25.26
CA SER B 223 33.41 7.96 -24.64
C SER B 223 34.63 8.64 -25.20
N PHE B 224 34.50 9.93 -25.54
CA PHE B 224 35.59 10.74 -26.08
C PHE B 224 35.85 11.89 -25.12
N SER B 225 37.03 11.91 -24.53
CA SER B 225 37.43 12.98 -23.63
C SER B 225 38.54 13.79 -24.25
N GLY B 226 38.48 15.10 -24.10
CA GLY B 226 39.52 15.90 -24.72
C GLY B 226 39.59 17.27 -24.11
N GLY B 227 40.68 17.96 -24.40
CA GLY B 227 40.80 19.32 -23.92
C GLY B 227 42.00 20.04 -24.50
N SER B 228 41.74 21.20 -25.08
CA SER B 228 42.75 22.07 -25.63
C SER B 228 43.13 23.14 -24.61
N GLN B 229 43.70 24.25 -25.08
CA GLN B 229 44.34 25.24 -24.20
C GLN B 229 43.35 25.94 -23.27
N GLY B 230 42.11 26.16 -23.69
CA GLY B 230 41.14 26.78 -22.82
C GLY B 230 39.92 25.92 -22.57
N THR B 231 39.54 25.14 -23.57
CA THR B 231 38.29 24.39 -23.55
C THR B 231 38.53 22.95 -23.09
N SER B 232 37.43 22.31 -22.70
CA SER B 232 37.45 20.91 -22.28
C SER B 232 36.12 20.31 -22.68
N TYR B 233 36.12 19.03 -23.02
CA TYR B 233 34.86 18.39 -23.39
C TYR B 233 34.91 16.92 -23.01
N TYR B 234 33.73 16.39 -22.71
CA TYR B 234 33.54 14.97 -22.47
C TYR B 234 32.24 14.56 -23.15
N ALA B 235 32.34 13.80 -24.23
CA ALA B 235 31.17 13.30 -24.94
C ALA B 235 31.08 11.79 -24.73
N SER B 236 29.87 11.27 -24.75
CA SER B 236 29.67 9.86 -24.47
C SER B 236 28.34 9.41 -25.01
N ILE B 237 28.31 8.19 -25.57
CA ILE B 237 27.04 7.54 -25.87
C ILE B 237 27.13 6.09 -25.40
N GLY B 238 25.98 5.48 -25.19
CA GLY B 238 25.96 4.10 -24.75
C GLY B 238 24.55 3.61 -24.59
N TYR B 239 24.44 2.34 -24.23
CA TYR B 239 23.14 1.75 -23.98
C TYR B 239 23.25 0.70 -22.89
N PHE B 240 22.13 0.44 -22.24
CA PHE B 240 22.00 -0.48 -21.13
C PHE B 240 20.74 -1.29 -21.32
N ASP B 241 20.79 -2.57 -20.98
CA ASP B 241 19.64 -3.44 -21.18
C ASP B 241 19.65 -4.50 -20.09
N GLN B 242 18.66 -4.49 -19.22
CA GLN B 242 18.52 -5.47 -18.17
C GLN B 242 17.16 -6.13 -18.26
N GLU B 243 17.14 -7.45 -18.17
CA GLU B 243 15.94 -8.24 -18.22
C GLU B 243 15.52 -8.64 -16.81
N GLY B 244 14.24 -8.98 -16.67
CA GLY B 244 13.72 -9.32 -15.36
C GLY B 244 13.99 -10.78 -15.01
N MET B 245 14.35 -10.99 -13.76
CA MET B 245 14.65 -12.33 -13.27
C MET B 245 13.40 -13.19 -13.15
N ALA B 246 12.28 -12.59 -12.77
CA ALA B 246 11.00 -13.28 -12.67
C ALA B 246 10.39 -13.47 -14.04
N ARG B 247 9.48 -14.44 -14.12
CA ARG B 247 8.87 -14.78 -15.40
C ARG B 247 7.79 -13.78 -15.79
N GLU B 248 7.22 -13.08 -14.83
CA GLU B 248 6.34 -11.94 -15.08
C GLU B 248 7.19 -10.75 -15.47
N PRO B 249 7.02 -10.18 -16.68
CA PRO B 249 8.08 -9.39 -17.30
C PRO B 249 8.23 -8.01 -16.69
N ALA B 250 9.48 -7.63 -16.42
CA ALA B 250 9.80 -6.30 -15.90
C ALA B 250 11.24 -6.00 -16.31
N ASN B 251 11.41 -5.26 -17.39
CA ASN B 251 12.73 -4.99 -17.94
C ASN B 251 13.12 -3.54 -17.71
N PHE B 252 14.28 -3.17 -18.25
CA PHE B 252 14.77 -1.79 -18.24
C PHE B 252 15.71 -1.67 -19.41
N LYS B 253 15.54 -0.66 -20.25
CA LYS B 253 16.42 -0.52 -21.39
C LYS B 253 16.57 0.95 -21.78
N ARG B 254 17.79 1.45 -21.81
CA ARG B 254 17.96 2.87 -22.10
C ARG B 254 19.09 3.11 -23.09
N TYR B 255 18.90 4.15 -23.91
CA TYR B 255 19.92 4.66 -24.82
C TYR B 255 20.26 6.06 -24.37
N SER B 256 21.53 6.30 -24.04
CA SER B 256 21.94 7.51 -23.36
C SER B 256 22.82 8.37 -24.24
N GLY B 257 23.01 9.62 -23.84
CA GLY B 257 23.96 10.50 -24.48
C GLY B 257 24.41 11.56 -23.50
N ARG B 258 25.61 12.10 -23.67
CA ARG B 258 26.13 13.07 -22.71
C ARG B 258 27.13 13.95 -23.40
N LEU B 259 27.06 15.26 -23.17
CA LEU B 259 28.07 16.19 -23.66
C LEU B 259 28.32 17.24 -22.59
N ASN B 260 29.42 17.11 -21.86
CA ASN B 260 29.89 18.15 -20.97
C ASN B 260 30.88 19.03 -21.73
N PHE B 261 30.79 20.32 -21.54
CA PHE B 261 31.62 21.23 -22.30
C PHE B 261 31.95 22.44 -21.43
N GLU B 262 33.20 22.87 -21.47
CA GLU B 262 33.63 24.01 -20.67
C GLU B 262 34.58 24.84 -21.51
N SER B 263 34.54 26.16 -21.35
CA SER B 263 35.40 27.00 -22.15
C SER B 263 35.68 28.30 -21.44
N ARG B 264 36.85 28.85 -21.70
CA ARG B 264 37.24 30.17 -21.24
C ARG B 264 37.24 31.10 -22.45
N ILE B 265 36.27 32.00 -22.49
CA ILE B 265 36.08 32.84 -23.68
C ILE B 265 37.19 33.88 -23.77
N ASN B 266 37.41 34.62 -22.70
CA ASN B 266 38.49 35.61 -22.65
C ASN B 266 38.98 35.67 -21.21
N GLU B 267 39.69 36.73 -20.85
CA GLU B 267 40.25 36.86 -19.51
C GLU B 267 39.26 37.38 -18.48
N TRP B 268 37.98 37.36 -18.82
CA TRP B 268 36.93 38.06 -18.11
C TRP B 268 35.66 37.23 -17.94
N LEU B 269 35.48 36.15 -18.72
CA LEU B 269 34.25 35.37 -18.74
C LEU B 269 34.59 33.91 -19.02
N LYS B 270 33.91 33.00 -18.32
CA LYS B 270 34.10 31.58 -18.55
C LYS B 270 32.73 30.92 -18.63
N VAL B 271 32.45 30.21 -19.71
CA VAL B 271 31.11 29.66 -19.92
C VAL B 271 31.18 28.15 -19.97
N GLY B 272 30.04 27.52 -19.76
CA GLY B 272 30.01 26.07 -19.78
C GLY B 272 28.61 25.55 -19.87
N ALA B 273 28.51 24.31 -20.35
CA ALA B 273 27.22 23.68 -20.58
C ALA B 273 27.38 22.18 -20.50
N ASN B 274 26.66 21.54 -19.60
CA ASN B 274 26.71 20.10 -19.47
C ASN B 274 25.30 19.54 -19.67
N LEU B 275 25.08 18.89 -20.81
CA LEU B 275 23.74 18.55 -21.23
C LEU B 275 23.65 17.10 -21.70
N SER B 276 22.55 16.44 -21.35
CA SER B 276 22.38 15.01 -21.54
C SER B 276 20.96 14.68 -21.98
N GLY B 277 20.81 13.47 -22.50
CA GLY B 277 19.51 13.01 -22.97
C GLY B 277 19.46 11.51 -22.95
N ALA B 278 18.24 10.99 -22.96
CA ALA B 278 18.02 9.55 -22.84
C ALA B 278 16.69 9.16 -23.46
N ILE B 279 16.64 7.94 -23.97
CA ILE B 279 15.41 7.31 -24.42
C ILE B 279 15.28 5.99 -23.68
N ALA B 280 14.25 5.85 -22.86
CA ALA B 280 14.20 4.78 -21.88
C ALA B 280 12.90 4.01 -21.95
N ASN B 281 12.97 2.71 -21.66
CA ASN B 281 11.83 1.80 -21.64
C ASN B 281 11.80 1.07 -20.32
N ARG B 282 10.74 1.27 -19.54
CA ARG B 282 10.52 0.64 -18.26
C ARG B 282 9.31 -0.29 -18.30
N ARG B 283 9.27 -1.21 -17.34
CA ARG B 283 8.14 -2.08 -17.09
C ARG B 283 8.34 -2.66 -15.71
N SER B 284 7.26 -2.79 -14.94
CA SER B 284 7.36 -3.27 -13.57
C SER B 284 6.42 -4.44 -13.35
N ALA B 285 6.88 -5.38 -12.54
CA ALA B 285 6.06 -6.53 -12.12
C ALA B 285 5.21 -6.07 -10.94
N ASP B 286 3.99 -5.66 -11.20
CA ASP B 286 3.13 -5.07 -10.17
C ASP B 286 2.20 -6.09 -9.54
N TYR B 287 2.73 -7.22 -9.11
CA TYR B 287 1.98 -8.18 -8.32
C TYR B 287 2.76 -8.64 -7.11
N PHE B 288 4.00 -8.20 -6.95
CA PHE B 288 4.81 -8.55 -5.80
C PHE B 288 4.46 -7.61 -4.67
N GLY B 289 4.21 -8.16 -3.50
CA GLY B 289 3.68 -7.41 -2.38
C GLY B 289 2.23 -7.72 -2.08
N LYS B 290 1.55 -8.44 -2.96
CA LYS B 290 0.18 -8.86 -2.75
C LYS B 290 0.13 -10.37 -2.85
N TYR B 291 -0.87 -10.95 -2.19
CA TYR B 291 -0.99 -12.40 -2.05
C TYR B 291 -2.06 -12.93 -2.99
N TYR B 292 -1.67 -13.12 -4.25
CA TYR B 292 -2.51 -13.82 -5.21
C TYR B 292 -2.10 -15.28 -5.26
N MET B 293 -2.90 -16.10 -5.94
CA MET B 293 -2.84 -17.54 -5.71
C MET B 293 -1.60 -18.17 -6.34
N GLY B 294 -1.25 -17.77 -7.55
CA GLY B 294 -0.15 -18.44 -8.20
C GLY B 294 0.93 -17.51 -8.69
N SER B 295 1.26 -16.49 -7.91
CA SER B 295 2.16 -15.45 -8.37
C SER B 295 3.25 -15.22 -7.33
N GLY B 296 4.47 -15.02 -7.79
CA GLY B 296 5.55 -14.59 -6.93
C GLY B 296 6.15 -15.71 -6.12
N THR B 297 6.90 -15.31 -5.10
CA THR B 297 7.54 -16.27 -4.22
C THR B 297 6.52 -16.98 -3.32
N PHE B 298 5.43 -16.30 -3.00
CA PHE B 298 4.29 -16.95 -2.37
C PHE B 298 3.71 -18.03 -3.26
N GLY B 299 3.76 -17.84 -4.57
CA GLY B 299 3.32 -18.88 -5.49
C GLY B 299 4.33 -20.00 -5.67
N VAL B 300 5.62 -19.71 -5.52
CA VAL B 300 6.57 -20.83 -5.60
C VAL B 300 6.58 -21.62 -4.30
N LEU B 301 6.09 -21.04 -3.21
CA LEU B 301 6.06 -21.75 -1.94
C LEU B 301 4.76 -22.50 -1.70
N THR B 302 3.62 -21.92 -2.06
CA THR B 302 2.34 -22.43 -1.59
C THR B 302 1.54 -23.21 -2.62
N MET B 303 1.95 -23.23 -3.89
CA MET B 303 1.15 -23.95 -4.87
C MET B 303 1.34 -25.44 -4.67
N PRO B 304 0.25 -26.22 -4.71
CA PRO B 304 0.37 -27.67 -4.49
C PRO B 304 1.16 -28.34 -5.60
N ARG B 305 1.92 -29.35 -5.22
CA ARG B 305 2.85 -29.97 -6.16
C ARG B 305 2.20 -31.07 -7.00
N TYR B 306 0.88 -31.23 -6.94
CA TYR B 306 0.19 -32.10 -7.88
C TYR B 306 -0.56 -31.31 -8.95
N TYR B 307 -0.27 -30.03 -9.09
CA TYR B 307 -0.73 -29.21 -10.19
C TYR B 307 0.46 -28.95 -11.10
N ASN B 308 0.33 -29.30 -12.36
CA ASN B 308 1.45 -29.30 -13.30
C ASN B 308 1.27 -28.18 -14.32
N PRO B 309 2.11 -27.14 -14.31
CA PRO B 309 1.98 -26.08 -15.31
C PRO B 309 2.69 -26.38 -16.61
N PHE B 310 3.45 -27.48 -16.68
CA PHE B 310 4.21 -27.85 -17.86
C PHE B 310 3.43 -28.86 -18.70
N ASP B 311 3.84 -29.01 -19.95
CA ASP B 311 3.28 -30.07 -20.78
C ASP B 311 4.15 -31.32 -20.67
N VAL B 312 3.93 -32.30 -21.55
CA VAL B 312 4.66 -33.55 -21.46
C VAL B 312 6.10 -33.40 -21.94
N ASN B 313 6.41 -32.38 -22.73
CA ASN B 313 7.74 -32.19 -23.29
C ASN B 313 8.61 -31.24 -22.45
N GLY B 314 8.11 -30.78 -21.30
CA GLY B 314 8.89 -29.97 -20.42
C GLY B 314 8.71 -28.47 -20.56
N ASP B 315 8.10 -28.01 -21.64
CA ASP B 315 7.89 -26.58 -21.84
C ASP B 315 6.74 -26.10 -20.99
N LEU B 316 6.64 -24.79 -20.83
CA LEU B 316 5.59 -24.19 -20.03
C LEU B 316 4.32 -24.11 -20.86
N ALA B 317 3.21 -24.57 -20.32
CA ALA B 317 1.97 -24.61 -21.06
C ALA B 317 1.33 -23.23 -21.11
N ASP B 318 0.17 -23.15 -21.74
CA ASP B 318 -0.54 -21.88 -21.77
C ASP B 318 -1.41 -21.71 -20.54
N VAL B 319 -1.91 -22.81 -19.98
CA VAL B 319 -2.83 -22.78 -18.85
C VAL B 319 -2.52 -23.91 -17.89
N TYR B 320 -2.95 -23.75 -16.64
CA TYR B 320 -2.97 -24.86 -15.70
C TYR B 320 -4.34 -24.95 -15.05
N TYR B 321 -4.49 -25.79 -14.03
CA TYR B 321 -5.80 -26.06 -13.46
C TYR B 321 -5.71 -26.07 -11.94
N MET B 322 -6.63 -25.36 -11.30
CA MET B 322 -6.84 -25.44 -9.85
C MET B 322 -8.26 -25.91 -9.59
N TYR B 323 -8.44 -26.75 -8.58
CA TYR B 323 -9.72 -27.42 -8.39
C TYR B 323 -10.78 -26.46 -7.89
N GLY B 324 -11.93 -26.48 -8.55
CA GLY B 324 -13.02 -25.59 -8.26
C GLY B 324 -13.15 -24.45 -9.24
N ALA B 325 -12.12 -24.19 -10.03
CA ALA B 325 -12.12 -23.05 -10.94
C ALA B 325 -13.06 -23.27 -12.10
N THR B 326 -13.53 -22.18 -12.69
CA THR B 326 -14.46 -22.24 -13.81
C THR B 326 -13.84 -21.85 -15.14
N ARG B 327 -12.63 -21.32 -15.13
CA ARG B 327 -11.86 -21.12 -16.35
C ARG B 327 -10.42 -21.51 -16.04
N PRO B 328 -9.64 -21.88 -17.05
CA PRO B 328 -8.24 -22.24 -16.78
C PRO B 328 -7.41 -21.01 -16.48
N SER B 329 -6.49 -21.15 -15.53
CA SER B 329 -5.65 -20.03 -15.13
C SER B 329 -4.48 -19.89 -16.09
N MET B 330 -4.26 -18.69 -16.58
CA MET B 330 -3.19 -18.45 -17.54
C MET B 330 -1.84 -18.37 -16.85
N THR B 331 -0.82 -18.97 -17.45
CA THR B 331 0.53 -18.84 -16.93
C THR B 331 1.12 -17.49 -17.32
N GLU B 332 2.29 -17.18 -16.79
CA GLU B 332 2.87 -15.86 -16.96
C GLU B 332 3.34 -15.49 -18.38
N PRO B 333 3.89 -16.39 -19.21
CA PRO B 333 4.13 -15.99 -20.61
C PRO B 333 2.86 -15.77 -21.43
N TYR B 334 1.82 -16.58 -21.21
CA TYR B 334 0.58 -16.38 -21.94
C TYR B 334 -0.13 -15.12 -21.47
N PHE B 335 -0.11 -14.86 -20.16
CA PHE B 335 -0.67 -13.62 -19.63
C PHE B 335 0.16 -12.42 -20.03
N ALA B 336 1.43 -12.61 -20.37
CA ALA B 336 2.24 -11.52 -20.88
C ALA B 336 2.00 -11.23 -22.35
N LYS B 337 1.67 -12.24 -23.14
CA LYS B 337 1.40 -11.99 -24.55
C LYS B 337 -0.07 -11.72 -24.84
N MET B 338 -0.95 -11.88 -23.86
CA MET B 338 -2.33 -11.47 -24.01
C MET B 338 -2.64 -10.13 -23.35
N ARG B 339 -1.71 -9.58 -22.57
CA ARG B 339 -1.83 -8.23 -22.01
C ARG B 339 -0.57 -7.44 -22.30
N PRO B 340 -0.41 -6.92 -23.52
CA PRO B 340 0.81 -6.17 -23.84
C PRO B 340 0.86 -4.83 -23.11
N PHE B 341 2.09 -4.37 -22.87
CA PHE B 341 2.34 -3.08 -22.24
C PHE B 341 3.63 -2.55 -22.83
N SER B 342 3.66 -1.25 -23.11
CA SER B 342 4.87 -0.65 -23.67
C SER B 342 4.95 0.80 -23.25
N SER B 343 6.10 1.19 -22.73
CA SER B 343 6.40 2.55 -22.31
C SER B 343 7.48 3.12 -23.22
N GLU B 344 7.51 4.44 -23.36
CA GLU B 344 8.62 5.09 -24.04
C GLU B 344 8.79 6.47 -23.46
N SER B 345 9.93 6.75 -22.85
CA SER B 345 10.16 8.01 -22.18
C SER B 345 11.33 8.72 -22.82
N HIS B 346 11.18 10.01 -23.09
CA HIS B 346 12.23 10.85 -23.64
C HIS B 346 12.61 11.89 -22.60
N GLN B 347 13.87 11.86 -22.17
CA GLN B 347 14.36 12.71 -21.10
C GLN B 347 15.48 13.60 -21.61
N ALA B 348 15.43 14.89 -21.26
CA ALA B 348 16.48 15.83 -21.63
C ALA B 348 16.81 16.73 -20.46
N ASN B 349 18.10 16.86 -20.15
CA ASN B 349 18.60 17.72 -19.10
C ASN B 349 19.56 18.73 -19.70
N VAL B 350 19.19 20.00 -19.69
CA VAL B 350 20.01 21.07 -20.25
C VAL B 350 20.43 21.98 -19.10
N ASN B 351 21.71 22.31 -19.04
CA ASN B 351 22.24 22.93 -17.84
C ASN B 351 23.46 23.75 -18.19
N GLY B 352 23.48 25.01 -17.80
CA GLY B 352 24.53 25.91 -18.25
C GLY B 352 24.90 26.94 -17.21
N PHE B 353 26.14 27.43 -17.32
CA PHE B 353 26.62 28.43 -16.37
C PHE B 353 27.54 29.43 -17.06
N ALA B 354 27.72 30.57 -16.39
CA ALA B 354 28.60 31.64 -16.84
C ALA B 354 29.19 32.35 -15.63
N GLN B 355 30.52 32.38 -15.55
CA GLN B 355 31.24 33.11 -14.51
C GLN B 355 31.82 34.39 -15.07
N ILE B 356 31.66 35.48 -14.32
CA ILE B 356 32.20 36.78 -14.67
C ILE B 356 33.11 37.21 -13.54
N THR B 357 34.33 37.63 -13.87
CA THR B 357 35.30 38.09 -12.88
C THR B 357 35.68 39.53 -13.23
N PRO B 358 34.89 40.52 -12.79
CA PRO B 358 35.17 41.91 -13.17
C PRO B 358 36.42 42.50 -12.53
N ILE B 359 36.55 42.39 -11.21
CA ILE B 359 37.72 42.88 -10.49
C ILE B 359 38.40 41.70 -9.82
N LYS B 360 39.57 41.96 -9.27
CA LYS B 360 40.28 40.92 -8.52
C LYS B 360 39.54 40.63 -7.22
N GLY B 361 39.44 39.35 -6.88
CA GLY B 361 38.52 38.97 -5.83
C GLY B 361 37.23 38.39 -6.35
N LEU B 362 36.18 39.21 -6.45
CA LEU B 362 34.82 38.71 -6.60
C LEU B 362 34.57 38.10 -7.98
N THR B 363 33.85 36.97 -7.96
CA THR B 363 33.36 36.30 -9.16
C THR B 363 31.85 36.20 -9.01
N LEU B 364 31.12 36.67 -10.03
CA LEU B 364 29.70 36.42 -10.13
C LEU B 364 29.51 35.15 -10.93
N LYS B 365 28.46 34.40 -10.61
CA LYS B 365 28.19 33.16 -11.31
C LYS B 365 26.70 33.02 -11.51
N ALA B 366 26.28 32.83 -12.76
CA ALA B 366 24.88 32.56 -13.08
C ALA B 366 24.76 31.15 -13.61
N GLN B 367 23.67 30.47 -13.24
CA GLN B 367 23.46 29.10 -13.67
C GLN B 367 21.98 28.88 -13.88
N ALA B 368 21.64 28.14 -14.95
CA ALA B 368 20.25 27.85 -15.25
C ALA B 368 20.12 26.44 -15.81
N GLY B 369 19.08 25.74 -15.42
CA GLY B 369 18.86 24.38 -15.86
C GLY B 369 17.40 24.10 -16.12
N VAL B 370 17.16 23.26 -17.13
CA VAL B 370 15.84 22.79 -17.52
C VAL B 370 15.89 21.27 -17.54
N ASP B 371 14.82 20.63 -17.07
CA ASP B 371 14.75 19.18 -17.00
C ASP B 371 13.38 18.78 -17.52
N ILE B 372 13.33 18.22 -18.72
CA ILE B 372 12.07 17.89 -19.39
C ILE B 372 12.01 16.38 -19.57
N THR B 373 10.85 15.78 -19.31
CA THR B 373 10.64 14.39 -19.64
C THR B 373 9.22 14.14 -20.10
N ASN B 374 9.10 13.52 -21.28
CA ASN B 374 7.83 13.22 -21.91
C ASN B 374 7.71 11.71 -22.00
N THR B 375 6.78 11.14 -21.27
CA THR B 375 6.62 9.69 -21.18
C THR B 375 5.31 9.33 -21.88
N ARG B 376 5.27 8.18 -22.52
CA ARG B 376 4.08 7.82 -23.27
C ARG B 376 3.91 6.32 -23.24
N THR B 377 2.84 5.84 -22.60
CA THR B 377 2.64 4.42 -22.36
C THR B 377 1.37 3.94 -23.03
N SER B 378 1.32 2.63 -23.26
CA SER B 378 0.20 1.98 -23.93
C SER B 378 -0.02 0.59 -23.35
N SER B 379 -1.29 0.21 -23.21
CA SER B 379 -1.66 -1.08 -22.65
C SER B 379 -2.83 -1.64 -23.45
N LYS B 380 -2.84 -2.96 -23.61
CA LYS B 380 -3.89 -3.64 -24.36
C LYS B 380 -4.46 -4.81 -23.56
N ARG B 381 -5.58 -5.31 -24.03
CA ARG B 381 -6.19 -6.54 -23.55
C ARG B 381 -6.78 -7.20 -24.78
N MET B 382 -6.19 -8.30 -25.21
CA MET B 382 -6.32 -8.71 -26.60
C MET B 382 -7.63 -9.46 -26.83
N PRO B 383 -8.29 -9.22 -27.95
CA PRO B 383 -9.58 -9.86 -28.20
C PRO B 383 -9.41 -11.29 -28.67
N ASN B 384 -10.54 -12.00 -28.72
CA ASN B 384 -10.65 -13.40 -29.13
C ASN B 384 -9.77 -14.30 -28.27
N ASN B 385 -9.79 -14.09 -26.99
CA ASN B 385 -9.06 -14.96 -26.08
C ASN B 385 -10.00 -15.99 -25.51
N PRO B 386 -9.71 -17.29 -25.66
CA PRO B 386 -10.66 -18.30 -25.17
C PRO B 386 -10.71 -18.41 -23.66
N TYR B 387 -9.62 -18.09 -22.96
CA TYR B 387 -9.58 -18.24 -21.51
C TYR B 387 -9.88 -16.94 -20.80
N ASP B 388 -10.51 -15.98 -21.48
CA ASP B 388 -10.88 -14.71 -20.90
C ASP B 388 -12.36 -14.71 -20.56
N SER B 389 -12.80 -13.65 -19.89
CA SER B 389 -14.19 -13.51 -19.50
C SER B 389 -15.03 -12.87 -20.61
N THR B 390 -14.40 -12.37 -21.65
CA THR B 390 -15.12 -11.72 -22.74
C THR B 390 -14.31 -11.91 -24.02
N PRO B 391 -14.96 -11.96 -25.18
CA PRO B 391 -14.21 -12.00 -26.44
C PRO B 391 -13.84 -10.64 -26.99
N LEU B 392 -14.10 -9.57 -26.24
CA LEU B 392 -13.86 -8.21 -26.67
C LEU B 392 -12.52 -7.75 -26.10
N GLY B 393 -11.88 -6.81 -26.76
CA GLY B 393 -10.59 -6.33 -26.30
C GLY B 393 -10.62 -4.87 -25.93
N GLU B 394 -9.65 -4.43 -25.13
CA GLU B 394 -9.58 -3.07 -24.60
C GLU B 394 -8.20 -2.48 -24.85
N ARG B 395 -8.09 -1.17 -24.70
CA ARG B 395 -6.85 -0.45 -24.92
C ARG B 395 -6.82 0.79 -24.04
N ARG B 396 -5.62 1.27 -23.73
CA ARG B 396 -5.47 2.44 -22.86
C ARG B 396 -4.15 3.12 -23.13
N GLU B 397 -4.19 4.41 -23.46
CA GLU B 397 -3.01 5.20 -23.78
C GLU B 397 -2.83 6.26 -22.72
N ARG B 398 -1.59 6.68 -22.47
CA ARG B 398 -1.31 7.71 -21.48
C ARG B 398 -0.13 8.54 -21.91
N ALA B 399 -0.18 9.83 -21.60
CA ALA B 399 0.87 10.78 -21.92
C ALA B 399 1.22 11.58 -20.67
N TYR B 400 2.49 11.53 -20.27
CA TYR B 400 3.03 12.27 -19.13
C TYR B 400 3.97 13.35 -19.63
N ARG B 401 3.98 14.50 -18.96
CA ARG B 401 4.97 15.55 -19.23
C ARG B 401 5.37 16.15 -17.91
N ASP B 402 6.66 16.12 -17.60
CA ASP B 402 7.16 16.68 -16.36
C ASP B 402 8.29 17.64 -16.68
N VAL B 403 8.14 18.91 -16.31
CA VAL B 403 9.08 19.97 -16.66
C VAL B 403 9.53 20.68 -15.39
N SER B 404 10.83 20.76 -15.17
CA SER B 404 11.38 21.31 -13.93
C SER B 404 12.50 22.29 -14.24
N LYS B 405 12.32 23.55 -13.89
CA LYS B 405 13.27 24.61 -14.21
C LYS B 405 13.96 25.09 -12.94
N SER B 406 15.16 25.63 -13.09
CA SER B 406 15.93 26.07 -11.94
C SER B 406 16.89 27.16 -12.34
N PHE B 407 17.08 28.14 -11.44
CA PHE B 407 17.98 29.26 -11.66
C PHE B 407 18.73 29.54 -10.37
N THR B 408 20.03 29.77 -10.45
CA THR B 408 20.81 30.03 -9.25
C THR B 408 21.99 30.95 -9.54
N ASN B 409 22.16 31.96 -8.70
CA ASN B 409 23.07 33.08 -8.97
C ASN B 409 23.84 33.43 -7.71
N THR B 410 25.16 33.25 -7.72
CA THR B 410 25.97 33.59 -6.57
C THR B 410 26.94 34.71 -6.89
N ALA B 411 27.55 35.27 -5.85
CA ALA B 411 28.53 36.35 -6.00
C ALA B 411 29.54 36.25 -4.85
N GLU B 412 30.68 35.63 -5.12
CA GLU B 412 31.69 35.35 -4.09
C GLU B 412 32.78 36.42 -4.12
N TYR B 413 33.22 36.85 -2.93
CA TYR B 413 34.28 37.86 -2.83
C TYR B 413 35.27 37.43 -1.76
N LYS B 414 36.49 37.09 -2.15
CA LYS B 414 37.51 36.60 -1.22
C LYS B 414 38.70 37.56 -1.19
N PHE B 415 39.24 37.77 0.00
CA PHE B 415 40.33 38.73 0.19
C PHE B 415 41.06 38.43 1.48
N SER B 416 42.25 39.00 1.60
CA SER B 416 43.02 39.04 2.83
C SER B 416 43.17 40.48 3.29
N ILE B 417 43.44 40.69 4.57
CA ILE B 417 43.55 42.03 5.12
C ILE B 417 45.00 42.41 5.43
N ASP B 418 45.81 41.55 6.05
CA ASP B 418 47.23 41.85 6.18
C ASP B 418 48.14 40.78 5.60
N GLU B 419 48.25 39.60 6.22
CA GLU B 419 48.95 38.46 5.61
C GLU B 419 48.28 37.12 5.85
N LYS B 420 47.48 36.97 6.92
CA LYS B 420 47.07 35.66 7.39
C LYS B 420 45.65 35.67 7.92
N HIS B 421 44.78 36.50 7.36
CA HIS B 421 43.43 36.70 7.85
C HIS B 421 42.43 36.62 6.71
N ASP B 422 42.52 35.55 5.92
CA ASP B 422 41.76 35.42 4.68
C ASP B 422 40.27 35.25 4.97
N LEU B 423 39.47 36.25 4.63
CA LEU B 423 38.02 36.12 4.66
C LEU B 423 37.48 35.72 3.28
N THR B 424 36.24 35.24 3.29
CA THR B 424 35.52 34.91 2.07
C THR B 424 34.04 35.10 2.33
N ALA B 425 33.39 35.91 1.51
CA ALA B 425 31.95 36.11 1.61
C ALA B 425 31.26 35.46 0.42
N LEU B 426 30.01 35.08 0.61
CA LEU B 426 29.22 34.52 -0.47
C LEU B 426 27.76 34.80 -0.21
N MET B 427 27.08 35.44 -1.16
CA MET B 427 25.64 35.64 -1.13
C MET B 427 25.05 34.99 -2.37
N GLY B 428 23.78 34.61 -2.29
CA GLY B 428 23.24 33.87 -3.40
C GLY B 428 21.74 33.74 -3.35
N HIS B 429 21.19 33.34 -4.48
CA HIS B 429 19.77 33.26 -4.75
C HIS B 429 19.49 31.93 -5.45
N GLU B 430 18.35 31.32 -5.14
CA GLU B 430 18.00 30.02 -5.70
C GLU B 430 16.50 29.97 -5.95
N TYR B 431 16.10 29.52 -7.14
CA TYR B 431 14.70 29.39 -7.48
C TYR B 431 14.48 28.06 -8.18
N ILE B 432 13.59 27.23 -7.63
CA ILE B 432 13.27 25.92 -8.19
C ILE B 432 11.79 25.90 -8.51
N GLU B 433 11.41 25.25 -9.60
CA GLU B 433 10.02 25.23 -10.03
C GLU B 433 9.72 23.88 -10.67
N TYR B 434 8.46 23.45 -10.57
CA TYR B 434 8.08 22.17 -11.16
C TYR B 434 6.62 22.22 -11.56
N GLU B 435 6.31 21.61 -12.71
CA GLU B 435 4.93 21.53 -13.20
C GLU B 435 4.76 20.23 -13.96
N GLY B 436 4.08 19.25 -13.37
CA GLY B 436 3.79 17.99 -14.03
C GLY B 436 2.34 17.90 -14.49
N ASP B 437 2.03 16.81 -15.18
CA ASP B 437 0.80 16.68 -15.96
C ASP B 437 0.64 15.24 -16.41
N VAL B 438 -0.58 14.71 -16.33
CA VAL B 438 -0.92 13.37 -16.81
C VAL B 438 -2.24 13.44 -17.56
N ILE B 439 -2.28 12.84 -18.76
CA ILE B 439 -3.46 12.74 -19.60
C ILE B 439 -3.65 11.28 -19.98
N GLY B 440 -4.86 10.77 -19.88
CA GLY B 440 -5.11 9.38 -20.22
C GLY B 440 -6.45 9.18 -20.90
N ALA B 441 -6.50 8.20 -21.80
CA ALA B 441 -7.69 7.94 -22.59
C ALA B 441 -7.76 6.49 -22.99
N SER B 442 -8.87 5.83 -22.69
CA SER B 442 -9.04 4.42 -22.96
C SER B 442 -10.25 4.17 -23.85
N SER B 443 -10.31 2.96 -24.39
CA SER B 443 -11.39 2.52 -25.26
C SER B 443 -11.55 1.02 -25.08
N LYS B 444 -12.73 0.50 -25.36
CA LYS B 444 -12.92 -0.94 -25.25
C LYS B 444 -14.01 -1.40 -26.20
N GLY B 445 -13.96 -2.68 -26.54
CA GLY B 445 -14.96 -3.31 -27.35
C GLY B 445 -14.45 -3.80 -28.68
N PHE B 446 -13.16 -4.04 -28.81
CA PHE B 446 -12.61 -4.40 -30.12
C PHE B 446 -12.80 -5.87 -30.40
N GLU B 447 -12.97 -6.18 -31.69
CA GLU B 447 -13.20 -7.56 -32.12
C GLU B 447 -12.12 -8.12 -33.01
N SER B 448 -11.14 -7.31 -33.42
CA SER B 448 -10.09 -7.75 -34.31
C SER B 448 -8.75 -7.29 -33.77
N ASP B 449 -7.70 -8.01 -34.16
CA ASP B 449 -6.34 -7.63 -33.78
C ASP B 449 -5.89 -6.40 -34.57
N LYS B 450 -6.31 -6.29 -35.83
CA LYS B 450 -5.79 -5.25 -36.70
C LYS B 450 -6.48 -3.92 -36.48
N LEU B 451 -7.74 -3.95 -36.07
CA LEU B 451 -8.56 -2.74 -35.91
C LEU B 451 -8.61 -2.35 -34.45
N MET B 452 -7.53 -1.76 -33.95
CA MET B 452 -7.41 -1.45 -32.53
C MET B 452 -6.86 -0.05 -32.30
N LEU B 453 -7.37 0.95 -33.02
CA LEU B 453 -7.11 2.31 -32.61
C LEU B 453 -8.10 2.69 -31.51
N LEU B 454 -7.86 3.81 -30.85
CA LEU B 454 -8.78 4.24 -29.79
C LEU B 454 -10.10 4.77 -30.31
N SER B 455 -10.18 5.20 -31.56
CA SER B 455 -11.41 5.73 -32.11
C SER B 455 -12.27 4.66 -32.76
N GLN B 456 -12.03 3.39 -32.46
CA GLN B 456 -12.73 2.27 -33.08
C GLN B 456 -13.41 1.36 -32.06
N GLY B 457 -13.71 1.86 -30.87
CA GLY B 457 -14.41 1.08 -29.88
C GLY B 457 -15.91 1.36 -29.91
N LYS B 458 -16.63 0.68 -29.02
CA LYS B 458 -18.07 0.84 -28.95
C LYS B 458 -18.43 2.18 -28.33
N THR B 459 -19.68 2.60 -28.57
CA THR B 459 -20.10 3.98 -28.33
C THR B 459 -21.35 4.08 -27.49
N GLY B 460 -21.61 3.11 -26.64
CA GLY B 460 -22.83 3.17 -25.87
C GLY B 460 -22.59 3.25 -24.39
N ASN B 461 -22.84 2.14 -23.72
CA ASN B 461 -22.45 1.96 -22.34
C ASN B 461 -21.00 1.52 -22.21
N SER B 462 -20.28 1.39 -23.32
CA SER B 462 -18.87 1.01 -23.30
C SER B 462 -17.94 2.19 -23.35
N LEU B 463 -18.45 3.40 -23.15
CA LEU B 463 -17.59 4.56 -23.06
C LEU B 463 -17.13 4.77 -21.62
N SER B 464 -16.15 5.65 -21.46
CA SER B 464 -15.57 5.91 -20.15
C SER B 464 -15.08 7.35 -20.13
N LEU B 465 -14.67 7.78 -18.98
CA LEU B 465 -14.23 9.11 -18.63
C LEU B 465 -12.72 9.17 -18.63
N PRO B 466 -12.09 10.21 -19.20
CA PRO B 466 -10.62 10.24 -19.29
C PRO B 466 -9.90 10.42 -17.96
N GLU B 467 -8.58 10.52 -17.99
CA GLU B 467 -7.80 10.75 -16.78
C GLU B 467 -7.02 12.05 -16.93
N HIS B 468 -6.90 12.78 -15.83
CA HIS B 468 -6.17 14.05 -15.85
C HIS B 468 -5.66 14.34 -14.46
N ARG B 469 -4.36 14.55 -14.33
CA ARG B 469 -3.75 14.94 -13.07
C ARG B 469 -2.78 16.09 -13.31
N VAL B 470 -2.73 17.02 -12.35
CA VAL B 470 -1.83 18.17 -12.41
C VAL B 470 -1.16 18.31 -11.05
N ALA B 471 0.16 18.52 -11.04
CA ALA B 471 0.91 18.85 -9.84
C ALA B 471 1.89 19.96 -10.15
N GLU B 472 2.16 20.83 -9.17
CA GLU B 472 3.14 21.89 -9.36
C GLU B 472 3.62 22.42 -8.02
N TYR B 473 4.86 22.89 -7.98
CA TYR B 473 5.40 23.52 -6.78
C TYR B 473 6.52 24.49 -7.15
N ALA B 474 7.03 25.20 -6.14
CA ALA B 474 8.07 26.19 -6.31
C ALA B 474 8.79 26.39 -4.99
N TYR B 475 10.02 26.88 -5.08
CA TYR B 475 10.90 27.16 -3.95
C TYR B 475 11.70 28.42 -4.23
N LEU B 476 11.86 29.28 -3.23
CA LEU B 476 12.69 30.47 -3.36
C LEU B 476 13.59 30.62 -2.13
N SER B 477 14.88 30.86 -2.34
CA SER B 477 15.81 30.85 -1.23
C SER B 477 16.88 31.91 -1.40
N PHE B 478 17.25 32.55 -0.29
CA PHE B 478 18.36 33.51 -0.26
C PHE B 478 19.35 33.06 0.80
N PHE B 479 20.60 32.85 0.42
CA PHE B 479 21.58 32.33 1.37
C PHE B 479 22.83 33.18 1.38
N SER B 480 23.63 33.04 2.44
CA SER B 480 24.90 33.73 2.54
C SER B 480 25.78 33.04 3.57
N ARG B 481 27.01 32.75 3.19
CA ARG B 481 27.97 32.20 4.14
C ARG B 481 29.29 32.95 4.09
N PHE B 482 30.01 32.89 5.21
CA PHE B 482 31.24 33.61 5.42
C PHE B 482 32.25 32.66 6.03
N ASN B 483 33.41 32.52 5.40
CA ASN B 483 34.51 31.74 5.93
C ASN B 483 35.60 32.68 6.40
N TYR B 484 36.03 32.53 7.63
CA TYR B 484 37.17 33.25 8.16
C TYR B 484 38.26 32.24 8.47
N GLY B 485 39.48 32.57 8.10
CA GLY B 485 40.56 31.65 8.36
C GLY B 485 41.78 32.35 8.89
N PHE B 486 42.43 31.76 9.87
CA PHE B 486 43.67 32.28 10.42
C PHE B 486 44.79 31.69 9.55
N ASP B 487 46.05 31.70 9.99
CA ASP B 487 47.17 31.43 9.08
C ASP B 487 47.13 30.00 8.52
N LYS B 488 47.20 29.00 9.38
CA LYS B 488 47.08 27.59 8.97
C LYS B 488 46.11 26.78 9.79
N TRP B 489 45.80 27.15 11.03
CA TRP B 489 45.27 26.21 12.00
C TRP B 489 43.90 26.58 12.55
N MET B 490 43.19 27.53 11.96
CA MET B 490 41.91 27.94 12.52
C MET B 490 40.99 28.36 11.38
N TYR B 491 39.84 27.71 11.28
CA TYR B 491 38.84 28.07 10.28
C TYR B 491 37.49 28.12 10.95
N ILE B 492 36.72 29.18 10.67
CA ILE B 492 35.44 29.42 11.32
C ILE B 492 34.44 29.80 10.24
N ASP B 493 33.33 29.08 10.17
CA ASP B 493 32.35 29.22 9.10
C ASP B 493 31.02 29.65 9.70
N PHE B 494 30.35 30.61 9.06
CA PHE B 494 29.09 31.10 9.60
C PHE B 494 28.13 31.35 8.45
N SER B 495 26.90 30.87 8.57
CA SER B 495 25.99 30.89 7.43
C SER B 495 24.56 31.15 7.85
N VAL B 496 23.85 31.95 7.05
CA VAL B 496 22.43 32.25 7.25
C VAL B 496 21.70 31.90 5.96
N ARG B 497 20.44 31.50 6.08
CA ARG B 497 19.63 31.05 4.96
C ARG B 497 18.16 31.37 5.20
N ASN B 498 17.48 31.88 4.19
CA ASN B 498 16.03 32.10 4.25
C ASN B 498 15.38 31.27 3.16
N ASP B 499 14.45 30.40 3.56
CA ASP B 499 13.79 29.47 2.68
C ASP B 499 12.30 29.75 2.62
N GLN B 500 11.73 29.73 1.42
CA GLN B 500 10.30 29.92 1.21
C GLN B 500 9.79 28.85 0.27
N SER B 501 8.70 28.19 0.66
CA SER B 501 8.16 27.07 -0.08
C SER B 501 6.73 27.36 -0.49
N SER B 502 6.27 26.64 -1.51
CA SER B 502 4.92 26.77 -2.00
C SER B 502 3.96 25.79 -1.34
N ARG B 503 4.47 24.92 -0.49
CA ARG B 503 3.69 23.85 0.13
C ARG B 503 3.03 24.27 1.42
N PHE B 504 3.34 25.46 1.92
CA PHE B 504 2.80 25.98 3.16
C PHE B 504 2.04 27.27 2.89
N GLY B 505 1.21 27.66 3.86
CA GLY B 505 0.33 28.79 3.69
C GLY B 505 1.06 30.11 3.62
N SER B 506 0.33 31.15 3.23
CA SER B 506 0.98 32.42 2.89
C SER B 506 1.49 33.18 4.11
N ASN B 507 1.12 32.77 5.31
CA ASN B 507 1.64 33.38 6.53
C ASN B 507 2.65 32.51 7.24
N ASN B 508 3.02 31.37 6.67
CA ASN B 508 3.85 30.40 7.36
C ASN B 508 4.91 29.78 6.45
N ARG B 509 5.14 30.35 5.27
CA ARG B 509 5.98 29.67 4.30
C ARG B 509 7.46 29.98 4.44
N SER B 510 7.84 31.02 5.17
CA SER B 510 9.23 31.48 5.20
C SER B 510 9.88 31.15 6.53
N ALA B 511 11.11 30.63 6.46
CA ALA B 511 11.84 30.24 7.66
C ALA B 511 13.31 30.60 7.53
N TRP B 512 13.95 30.87 8.66
CA TRP B 512 15.35 31.27 8.73
C TRP B 512 16.16 30.19 9.42
N PHE B 513 17.27 29.80 8.81
CA PHE B 513 18.16 28.78 9.34
C PHE B 513 19.57 29.33 9.37
N TYR B 514 20.40 28.76 10.24
CA TYR B 514 21.78 29.21 10.39
C TYR B 514 22.68 28.02 10.65
N SER B 515 23.98 28.28 10.64
CA SER B 515 24.97 27.25 10.96
C SER B 515 26.29 27.92 11.33
N VAL B 516 26.95 27.42 12.36
CA VAL B 516 28.27 27.88 12.73
C VAL B 516 29.16 26.65 12.93
N GLY B 517 30.34 26.67 12.30
CA GLY B 517 31.24 25.54 12.36
C GLY B 517 32.67 25.99 12.53
N GLY B 518 33.52 25.05 12.90
CA GLY B 518 34.92 25.36 13.16
C GLY B 518 35.80 24.16 12.94
N MET B 519 37.02 24.43 12.46
CA MET B 519 38.05 23.42 12.29
C MET B 519 39.35 23.95 12.85
N PHE B 520 40.11 23.07 13.48
CA PHE B 520 41.39 23.41 14.10
C PHE B 520 42.41 22.37 13.70
N ASP B 521 43.48 22.81 13.03
CA ASP B 521 44.54 21.93 12.57
C ASP B 521 45.58 21.83 13.68
N ILE B 522 45.47 20.77 14.48
CA ILE B 522 46.32 20.64 15.65
C ILE B 522 47.76 20.27 15.25
N TYR B 523 47.92 19.59 14.13
CA TYR B 523 49.24 19.11 13.75
C TYR B 523 50.14 20.23 13.25
N ASN B 524 49.59 21.18 12.51
CA ASN B 524 50.42 22.24 11.94
C ASN B 524 50.73 23.36 12.94
N LYS B 525 50.30 23.25 14.17
CA LYS B 525 50.57 24.28 15.17
C LYS B 525 51.32 23.76 16.39
N PHE B 526 50.95 22.59 16.90
CA PHE B 526 51.46 22.12 18.18
C PHE B 526 52.45 20.98 18.05
N ILE B 527 52.15 19.97 17.24
CA ILE B 527 52.95 18.75 17.20
C ILE B 527 53.61 18.59 15.84
N GLN B 528 54.04 19.71 15.24
CA GLN B 528 54.58 19.75 13.88
C GLN B 528 55.85 18.92 13.70
N GLU B 529 56.54 18.56 14.78
CA GLU B 529 57.66 17.63 14.74
C GLU B 529 57.22 16.33 15.42
N SER B 530 56.99 15.30 14.63
CA SER B 530 56.55 14.02 15.16
C SER B 530 57.17 12.89 14.36
N ASN B 531 57.17 11.71 14.97
CA ASN B 531 57.82 10.52 14.43
C ASN B 531 56.87 9.64 13.61
N TRP B 532 55.65 9.45 14.07
CA TRP B 532 54.70 8.56 13.42
C TRP B 532 53.48 9.27 12.88
N LEU B 533 52.86 10.15 13.66
CA LEU B 533 51.64 10.82 13.25
C LEU B 533 51.95 11.87 12.17
N SER B 534 51.00 12.04 11.26
CA SER B 534 51.21 12.93 10.11
C SER B 534 50.05 13.87 9.84
N ASP B 535 48.92 13.73 10.52
CA ASP B 535 47.79 14.61 10.32
C ASP B 535 46.89 14.49 11.55
N LEU B 536 46.32 15.61 11.98
CA LEU B 536 45.35 15.61 13.07
C LEU B 536 44.53 16.88 12.98
N ARG B 537 43.24 16.75 12.65
CA ARG B 537 42.34 17.89 12.56
C ARG B 537 41.13 17.64 13.44
N LEU B 538 40.73 18.64 14.21
CA LEU B 538 39.54 18.55 15.02
C LEU B 538 38.49 19.49 14.45
N LYS B 539 37.23 19.07 14.47
CA LYS B 539 36.22 19.89 13.82
C LYS B 539 34.89 19.72 14.54
N MET B 540 34.11 20.79 14.58
CA MET B 540 32.81 20.76 15.25
C MET B 540 31.87 21.73 14.55
N SER B 541 30.58 21.56 14.79
CA SER B 541 29.58 22.33 14.07
C SER B 541 28.28 22.35 14.86
N TYR B 542 27.40 23.26 14.47
CA TYR B 542 26.03 23.32 14.97
C TYR B 542 25.22 24.17 14.01
N GLY B 543 24.10 23.63 13.51
CA GLY B 543 23.24 24.41 12.66
C GLY B 543 21.83 23.84 12.65
N THR B 544 20.89 24.69 12.25
CA THR B 544 19.49 24.28 12.12
C THR B 544 19.14 24.18 10.65
N THR B 545 18.27 23.23 10.30
CA THR B 545 17.94 22.95 8.91
C THR B 545 16.45 22.61 8.83
N GLY B 546 15.87 22.79 7.65
CA GLY B 546 14.45 22.55 7.44
C GLY B 546 14.20 21.31 6.63
N ASN B 547 12.95 20.86 6.64
CA ASN B 547 12.50 19.72 5.84
C ASN B 547 11.06 19.98 5.41
N SER B 548 10.81 19.92 4.10
CA SER B 548 9.52 20.32 3.57
C SER B 548 8.99 19.35 2.53
N GLU B 549 9.05 18.05 2.78
CA GLU B 549 8.63 17.06 1.79
C GLU B 549 7.37 16.37 2.27
N ILE B 550 6.21 16.93 1.93
CA ILE B 550 4.93 16.42 2.37
C ILE B 550 3.99 16.14 1.19
N GLY B 551 3.92 17.06 0.25
CA GLY B 551 2.83 17.03 -0.73
C GLY B 551 2.45 18.45 -1.06
N ASN B 552 1.80 18.60 -2.16
CA ASN B 552 1.76 19.94 -2.72
C ASN B 552 0.61 20.79 -2.22
N TYR B 553 -0.48 20.19 -1.78
CA TYR B 553 -1.72 20.90 -1.46
C TYR B 553 -2.28 20.44 -0.12
N ASN B 554 -1.44 20.42 0.90
CA ASN B 554 -1.76 19.79 2.18
C ASN B 554 -2.21 20.79 3.24
N HIS B 555 -2.59 22.00 2.86
CA HIS B 555 -2.95 23.00 3.84
C HIS B 555 -4.25 23.72 3.50
N GLN B 556 -4.94 23.33 2.43
CA GLN B 556 -6.20 23.94 2.06
C GLN B 556 -7.35 23.07 2.52
N ALA B 557 -8.50 23.69 2.76
CA ALA B 557 -9.75 22.99 3.05
C ALA B 557 -10.55 22.91 1.76
N LEU B 558 -10.56 21.74 1.14
CA LEU B 558 -10.92 21.61 -0.26
C LEU B 558 -12.26 20.91 -0.43
N VAL B 559 -12.86 21.13 -1.60
CA VAL B 559 -14.14 20.58 -2.00
C VAL B 559 -14.00 20.07 -3.43
N THR B 560 -14.34 18.81 -3.65
CA THR B 560 -14.15 18.16 -4.94
C THR B 560 -15.50 17.78 -5.56
N VAL B 561 -15.46 17.23 -6.77
CA VAL B 561 -16.69 16.80 -7.41
C VAL B 561 -17.09 15.43 -6.88
N ASN B 562 -18.39 15.17 -6.86
CA ASN B 562 -18.94 13.86 -6.57
C ASN B 562 -20.32 13.85 -7.21
N ASN B 563 -20.42 13.30 -8.41
CA ASN B 563 -21.67 13.39 -9.17
C ASN B 563 -22.63 12.31 -8.74
N TYR B 564 -23.91 12.67 -8.64
CA TYR B 564 -24.96 11.72 -8.31
C TYR B 564 -25.71 11.25 -9.54
N THR B 565 -26.31 12.18 -10.26
CA THR B 565 -27.01 11.89 -11.51
C THR B 565 -26.12 12.30 -12.67
N GLU B 566 -26.69 12.27 -13.88
CA GLU B 566 -25.96 12.72 -15.07
C GLU B 566 -26.52 14.03 -15.61
N ASP B 567 -27.24 14.78 -14.78
CA ASP B 567 -27.88 16.03 -15.16
C ASP B 567 -27.30 17.25 -14.46
N ALA B 568 -26.96 17.14 -13.19
CA ALA B 568 -26.30 18.20 -12.46
C ALA B 568 -25.01 17.67 -11.86
N MET B 569 -24.19 18.58 -11.35
CA MET B 569 -22.95 18.19 -10.68
C MET B 569 -23.17 18.18 -9.18
N GLY B 570 -22.22 17.59 -8.48
CA GLY B 570 -22.35 17.44 -7.05
C GLY B 570 -21.01 17.58 -6.36
N LEU B 571 -20.97 18.28 -5.23
CA LEU B 571 -19.74 18.60 -4.54
C LEU B 571 -19.68 17.85 -3.21
N SER B 572 -18.51 17.37 -2.86
CA SER B 572 -18.25 16.76 -1.57
C SER B 572 -17.05 17.43 -0.94
N ILE B 573 -16.88 17.20 0.36
CA ILE B 573 -15.74 17.74 1.10
C ILE B 573 -14.57 16.77 0.96
N SER B 574 -13.43 17.27 0.48
CA SER B 574 -12.33 16.41 0.11
C SER B 574 -11.30 16.24 1.23
N THR B 575 -10.70 17.34 1.69
CA THR B 575 -9.74 17.31 2.79
C THR B 575 -10.23 18.19 3.92
N ALA B 576 -9.49 18.18 5.03
CA ALA B 576 -9.86 18.91 6.23
C ALA B 576 -9.19 20.28 6.34
N GLY B 577 -7.94 20.38 5.92
CA GLY B 577 -7.26 21.66 5.92
C GLY B 577 -6.53 21.97 7.20
N ASN B 578 -5.35 22.54 7.08
CA ASN B 578 -4.58 22.98 8.24
C ASN B 578 -3.94 24.30 7.88
N PRO B 579 -4.45 25.42 8.38
CA PRO B 579 -3.91 26.73 7.98
C PRO B 579 -2.57 27.06 8.60
N ASP B 580 -2.18 26.35 9.66
CA ASP B 580 -0.98 26.66 10.43
C ASP B 580 0.13 25.66 10.18
N LEU B 581 0.29 25.24 8.92
CA LEU B 581 1.33 24.30 8.52
C LEU B 581 2.56 25.07 8.08
N SER B 582 3.73 24.63 8.56
CA SER B 582 5.00 25.24 8.24
C SER B 582 6.08 24.17 8.28
N TRP B 583 7.33 24.60 8.33
CA TRP B 583 8.47 23.72 8.14
C TRP B 583 8.70 22.81 9.34
N GLU B 584 9.61 21.88 9.18
CA GLU B 584 10.06 20.99 10.23
C GLU B 584 11.53 21.28 10.48
N LYS B 585 11.89 21.60 11.71
CA LYS B 585 13.17 22.25 11.98
C LYS B 585 14.08 21.29 12.74
N GLN B 586 15.21 20.96 12.13
CA GLN B 586 16.15 20.00 12.69
C GLN B 586 17.46 20.69 13.00
N SER B 587 17.89 20.63 14.25
CA SER B 587 19.15 21.21 14.69
C SER B 587 20.11 20.08 14.99
N GLN B 588 21.26 20.07 14.33
CA GLN B 588 22.23 19.00 14.48
C GLN B 588 23.53 19.53 15.06
N PHE B 589 23.99 18.92 16.15
CA PHE B 589 25.31 19.14 16.69
C PHE B 589 26.24 18.04 16.20
N ASN B 590 27.45 18.41 15.82
CA ASN B 590 28.39 17.45 15.25
C ASN B 590 29.78 17.75 15.80
N PHE B 591 30.57 16.71 16.03
CA PHE B 591 31.89 16.86 16.63
C PHE B 591 32.74 15.68 16.19
N GLY B 592 33.84 15.95 15.50
CA GLY B 592 34.60 14.89 14.87
C GLY B 592 36.09 15.04 15.15
N LEU B 593 36.83 14.06 14.63
CA LEU B 593 38.27 13.96 14.84
C LEU B 593 38.86 13.10 13.74
N ALA B 594 39.80 13.63 12.98
CA ALA B 594 40.35 12.94 11.82
C ALA B 594 41.87 12.88 11.94
N ALA B 595 42.40 11.68 12.17
CA ALA B 595 43.82 11.48 12.37
C ALA B 595 44.47 10.96 11.09
N GLY B 596 45.74 10.58 11.21
CA GLY B 596 46.48 10.02 10.10
C GLY B 596 47.89 9.66 10.51
N ALA B 597 48.36 8.47 10.12
CA ALA B 597 49.64 7.98 10.58
C ALA B 597 50.37 7.28 9.44
N PHE B 598 51.70 7.20 9.59
CA PHE B 598 52.66 6.59 8.67
C PHE B 598 52.58 7.22 7.28
N ASN B 599 52.29 8.52 7.30
CA ASN B 599 52.38 9.54 6.26
C ASN B 599 51.33 9.48 5.16
N ASN B 600 50.72 8.32 4.88
CA ASN B 600 49.34 8.17 4.41
C ASN B 600 48.75 6.83 4.79
N ARG B 601 49.47 6.01 5.55
CA ARG B 601 49.22 4.58 5.54
C ARG B 601 48.29 4.14 6.66
N LEU B 602 47.65 5.08 7.36
CA LEU B 602 46.55 4.76 8.24
C LEU B 602 45.67 5.99 8.43
N SER B 603 44.44 5.97 7.95
CA SER B 603 43.52 7.09 8.12
C SER B 603 42.37 6.66 8.99
N ALA B 604 41.98 7.50 9.93
CA ALA B 604 40.91 7.20 10.87
C ALA B 604 40.08 8.45 11.11
N GLU B 605 38.76 8.30 11.05
CA GLU B 605 37.84 9.40 11.32
C GLU B 605 36.77 8.92 12.30
N VAL B 606 36.49 9.75 13.31
CA VAL B 606 35.51 9.46 14.35
C VAL B 606 34.57 10.64 14.44
N ASP B 607 33.26 10.39 14.46
CA ASP B 607 32.28 11.47 14.49
C ASP B 607 31.29 11.23 15.62
N PHE B 608 30.57 12.28 16.01
CA PHE B 608 29.55 12.20 17.03
CA PHE B 608 29.55 12.20 17.03
C PHE B 608 28.42 13.15 16.65
N TYR B 609 27.18 12.71 16.79
CA TYR B 609 26.10 13.58 16.38
C TYR B 609 24.88 13.41 17.27
N VAL B 610 24.00 14.41 17.22
CA VAL B 610 22.77 14.43 18.01
C VAL B 610 21.52 14.53 17.15
N ARG B 611 21.36 15.61 16.37
CA ARG B 611 20.31 15.75 15.35
C ARG B 611 18.90 15.70 15.95
N THR B 612 18.55 16.73 16.70
CA THR B 612 17.21 16.88 17.29
C THR B 612 16.24 17.47 16.28
N THR B 613 15.07 16.85 16.14
CA THR B 613 14.04 17.30 15.20
C THR B 613 12.82 17.83 15.95
N ASN B 614 12.50 19.10 15.77
CA ASN B 614 11.32 19.71 16.38
C ASN B 614 10.36 20.17 15.31
N ASP B 615 9.11 20.40 15.74
CA ASP B 615 7.98 20.77 14.89
C ASP B 615 7.82 19.76 13.76
N MET B 616 7.90 18.49 14.12
CA MET B 616 8.00 17.42 13.13
C MET B 616 6.69 17.25 12.39
N LEU B 617 6.76 17.22 11.07
CA LEU B 617 5.58 17.01 10.23
C LEU B 617 5.18 15.56 10.36
N ILE B 618 4.07 15.31 11.05
CA ILE B 618 3.48 13.98 11.09
C ILE B 618 2.19 14.03 10.30
N ASP B 619 1.97 13.03 9.47
CA ASP B 619 0.68 12.78 8.83
C ASP B 619 -0.21 12.13 9.87
N VAL B 620 -0.79 12.94 10.76
CA VAL B 620 -1.36 12.39 11.99
C VAL B 620 -2.63 11.64 11.68
N PRO B 621 -2.85 10.48 12.31
CA PRO B 621 -4.06 9.69 12.08
C PRO B 621 -5.20 10.26 12.90
N MET B 622 -6.14 10.90 12.23
CA MET B 622 -7.34 11.36 12.88
C MET B 622 -8.19 10.16 13.26
N PRO B 623 -9.00 10.27 14.31
CA PRO B 623 -9.97 9.22 14.60
C PRO B 623 -11.00 9.12 13.48
N TYR B 624 -11.60 7.94 13.37
CA TYR B 624 -12.52 7.66 12.28
C TYR B 624 -13.82 8.45 12.38
N ILE B 625 -14.11 9.05 13.54
CA ILE B 625 -15.33 9.83 13.72
C ILE B 625 -15.27 11.18 13.02
N SER B 626 -14.11 11.59 12.53
CA SER B 626 -13.99 12.84 11.80
C SER B 626 -14.27 12.71 10.32
N GLY B 627 -14.28 11.50 9.79
CA GLY B 627 -14.56 11.31 8.39
C GLY B 627 -13.37 11.45 7.48
N PHE B 628 -12.18 11.63 8.02
CA PHE B 628 -10.96 11.75 7.24
C PHE B 628 -9.96 10.71 7.70
N PHE B 629 -9.10 10.29 6.77
CA PHE B 629 -8.07 9.31 7.11
C PHE B 629 -6.99 9.94 7.96
N SER B 630 -6.37 11.00 7.46
CA SER B 630 -5.22 11.58 8.13
C SER B 630 -5.08 13.03 7.70
N GLN B 631 -4.19 13.76 8.38
CA GLN B 631 -3.95 15.16 8.04
C GLN B 631 -2.56 15.57 8.50
N TYR B 632 -1.84 16.30 7.66
CA TYR B 632 -0.48 16.72 7.99
C TYR B 632 -0.51 17.81 9.04
N GLN B 633 0.36 17.71 10.04
CA GLN B 633 0.39 18.68 11.12
C GLN B 633 1.80 18.77 11.69
N ASN B 634 2.11 19.93 12.25
CA ASN B 634 3.37 20.17 12.95
C ASN B 634 3.19 19.88 14.43
N VAL B 635 3.29 18.60 14.79
CA VAL B 635 3.23 18.16 16.17
C VAL B 635 4.28 17.08 16.39
N GLY B 636 4.97 17.16 17.50
CA GLY B 636 5.87 16.08 17.87
C GLY B 636 7.32 16.45 17.72
N SER B 637 8.17 15.63 18.36
CA SER B 637 9.61 15.81 18.30
C SER B 637 10.27 14.50 18.64
N MET B 638 11.47 14.30 18.09
CA MET B 638 12.20 13.03 18.19
C MET B 638 13.69 13.28 18.05
N LYS B 639 14.47 12.66 18.93
CA LYS B 639 15.91 12.82 19.02
C LYS B 639 16.65 11.65 18.37
N ASN B 640 17.92 11.87 18.05
CA ASN B 640 18.86 10.80 17.73
C ASN B 640 20.09 11.00 18.60
N THR B 641 21.04 10.08 18.50
CA THR B 641 22.38 10.21 19.08
C THR B 641 23.24 9.11 18.48
N GLY B 642 24.38 9.42 17.89
CA GLY B 642 25.11 8.37 17.21
C GLY B 642 26.59 8.61 17.12
N VAL B 643 27.32 7.52 16.91
CA VAL B 643 28.74 7.55 16.61
C VAL B 643 28.93 6.84 15.27
N ASP B 644 29.89 7.32 14.49
CA ASP B 644 30.24 6.63 13.26
C ASP B 644 31.73 6.81 13.02
N LEU B 645 32.37 5.78 12.50
CA LEU B 645 33.82 5.78 12.43
C LEU B 645 34.31 4.94 11.27
N SER B 646 35.32 5.45 10.58
CA SER B 646 35.87 4.76 9.42
C SER B 646 37.39 4.75 9.53
N LEU B 647 38.01 3.72 8.96
CA LEU B 647 39.46 3.65 8.96
C LEU B 647 39.95 2.84 7.77
N LYS B 648 40.94 3.37 7.07
CA LYS B 648 41.46 2.73 5.88
C LYS B 648 42.98 2.67 5.93
N GLY B 649 43.54 1.64 5.30
CA GLY B 649 44.97 1.42 5.41
C GLY B 649 45.67 0.93 4.16
N THR B 650 46.91 0.49 4.32
CA THR B 650 47.70 -0.07 3.22
C THR B 650 48.78 -0.93 3.84
N ILE B 651 48.75 -2.23 3.55
CA ILE B 651 49.59 -3.20 4.25
C ILE B 651 50.46 -4.01 3.30
N TYR B 652 50.88 -3.40 2.19
CA TYR B 652 51.63 -4.13 1.18
C TYR B 652 53.09 -4.34 1.57
N GLN B 653 53.73 -5.29 0.90
CA GLN B 653 55.04 -5.77 1.29
C GLN B 653 56.13 -5.50 0.24
N ASN B 654 55.94 -5.97 -0.98
CA ASN B 654 56.99 -5.96 -2.00
C ASN B 654 56.76 -4.84 -2.99
N LYS B 655 57.56 -4.83 -4.07
CA LYS B 655 57.34 -3.88 -5.15
C LYS B 655 56.14 -4.29 -5.99
N ASP B 656 55.97 -5.59 -6.24
CA ASP B 656 54.87 -6.06 -7.07
C ASP B 656 53.54 -6.00 -6.36
N TRP B 657 53.48 -6.45 -5.11
CA TRP B 657 52.24 -6.53 -4.37
C TRP B 657 51.74 -5.15 -3.96
N ASN B 658 50.42 -5.06 -3.78
CA ASN B 658 49.77 -3.84 -3.32
C ASN B 658 48.46 -4.25 -2.66
N VAL B 659 48.44 -4.28 -1.33
CA VAL B 659 47.32 -4.77 -0.57
C VAL B 659 46.76 -3.63 0.28
N TYR B 660 45.45 -3.38 0.18
CA TYR B 660 44.80 -2.34 0.95
C TYR B 660 43.51 -2.86 1.54
N ALA B 661 43.01 -2.15 2.54
CA ALA B 661 41.78 -2.54 3.22
C ALA B 661 41.09 -1.30 3.77
N SER B 662 39.80 -1.45 4.07
CA SER B 662 38.98 -0.36 4.57
C SER B 662 37.88 -0.91 5.46
N ALA B 663 37.49 -0.15 6.46
CA ALA B 663 36.44 -0.54 7.38
C ALA B 663 35.60 0.67 7.73
N ASN B 664 34.34 0.43 8.10
CA ASN B 664 33.37 1.50 8.15
C ASN B 664 32.21 1.07 9.04
N PHE B 665 31.79 1.92 9.98
CA PHE B 665 30.86 1.52 11.02
C PHE B 665 29.98 2.70 11.44
N ASN B 666 28.72 2.41 11.78
CA ASN B 666 27.83 3.44 12.31
C ASN B 666 26.82 2.81 13.28
N TYR B 667 26.63 3.47 14.43
CA TYR B 667 25.60 3.12 15.41
C TYR B 667 24.83 4.37 15.80
N ASN B 668 23.50 4.28 15.89
CA ASN B 668 22.75 5.37 16.49
C ASN B 668 21.61 4.82 17.34
N ARG B 669 21.00 5.72 18.10
CA ARG B 669 19.94 5.40 19.05
C ARG B 669 18.82 6.40 18.85
N GLN B 670 17.73 5.97 18.24
CA GLN B 670 16.57 6.82 18.08
C GLN B 670 15.86 7.01 19.42
N GLU B 671 15.07 8.08 19.51
CA GLU B 671 14.27 8.34 20.70
C GLU B 671 13.17 9.32 20.34
N ILE B 672 11.92 8.94 20.57
CA ILE B 672 10.79 9.83 20.37
C ILE B 672 10.56 10.62 21.66
N THR B 673 10.18 11.88 21.52
CA THR B 673 10.08 12.79 22.66
C THR B 673 8.68 13.35 22.87
N LYS B 674 7.91 13.61 21.81
CA LYS B 674 6.56 14.13 21.99
C LYS B 674 5.68 13.74 20.81
N LEU B 675 4.53 13.09 21.07
CA LEU B 675 3.80 12.55 19.93
C LEU B 675 2.83 13.50 19.25
N PHE B 676 1.53 13.52 19.61
CA PHE B 676 0.64 14.50 18.98
C PHE B 676 -0.61 14.97 19.71
N PHE B 677 -1.25 14.16 20.55
CA PHE B 677 -2.53 14.54 21.15
C PHE B 677 -2.47 14.58 22.66
N GLY B 678 -1.32 14.87 23.24
CA GLY B 678 -1.11 14.57 24.63
C GLY B 678 -0.97 13.09 24.89
N LEU B 679 -0.64 12.31 23.86
CA LEU B 679 -0.57 10.87 23.98
C LEU B 679 0.79 10.46 24.51
N ASN B 680 0.79 9.41 25.32
CA ASN B 680 2.03 8.79 25.76
C ASN B 680 2.52 7.75 24.77
N LYS B 681 1.61 7.03 24.12
CA LYS B 681 1.98 6.01 23.17
C LYS B 681 0.89 5.88 22.14
N TYR B 682 1.27 5.44 20.94
CA TYR B 682 0.33 5.24 19.86
C TYR B 682 0.75 4.01 19.09
N MET B 683 -0.12 3.01 19.02
CA MET B 683 0.16 1.77 18.31
C MET B 683 -0.47 1.85 16.93
N LEU B 684 0.34 1.65 15.91
CA LEU B 684 -0.16 1.65 14.55
C LEU B 684 -0.92 0.36 14.28
N PRO B 685 -2.16 0.42 13.78
CA PRO B 685 -3.01 -0.78 13.74
C PRO B 685 -2.61 -1.75 12.64
N ASN B 686 -2.58 -3.03 13.00
CA ASN B 686 -2.10 -4.20 12.23
C ASN B 686 -0.86 -3.91 11.38
N THR B 687 0.11 -3.26 12.01
CA THR B 687 1.47 -3.19 11.48
C THR B 687 2.48 -3.86 12.40
N GLY B 688 2.19 -3.92 13.69
CA GLY B 688 3.04 -4.58 14.65
C GLY B 688 3.97 -3.67 15.41
N THR B 689 3.90 -2.36 15.20
CA THR B 689 4.84 -1.41 15.79
C THR B 689 4.12 -0.43 16.70
N ILE B 690 4.88 0.35 17.44
CA ILE B 690 4.34 1.32 18.40
C ILE B 690 5.29 2.51 18.47
N TRP B 691 4.73 3.71 18.56
CA TRP B 691 5.48 4.93 18.85
C TRP B 691 5.29 5.27 20.32
N GLU B 692 6.38 5.34 21.07
CA GLU B 692 6.32 5.64 22.50
C GLU B 692 7.33 6.70 22.87
N ILE B 693 7.08 7.41 23.96
CA ILE B 693 7.99 8.44 24.45
C ILE B 693 9.22 7.79 25.06
N GLY B 694 10.39 8.19 24.58
CA GLY B 694 11.64 7.74 25.17
C GLY B 694 12.22 6.48 24.58
N TYR B 695 11.62 5.94 23.54
CA TYR B 695 12.08 4.73 22.88
C TYR B 695 11.97 4.94 21.38
N PRO B 696 12.66 4.15 20.58
CA PRO B 696 12.40 4.15 19.13
C PRO B 696 11.06 3.53 18.82
N ASN B 697 10.69 3.55 17.54
CA ASN B 697 9.49 2.83 17.14
C ASN B 697 9.78 1.34 17.20
N SER B 698 9.44 0.73 18.31
CA SER B 698 9.75 -0.67 18.58
C SER B 698 8.66 -1.54 17.97
N PHE B 699 8.72 -2.84 18.23
CA PHE B 699 7.66 -3.76 17.84
C PHE B 699 6.70 -3.95 19.00
N TYR B 700 5.45 -4.25 18.69
CA TYR B 700 4.38 -4.31 19.68
C TYR B 700 3.64 -5.63 19.47
N MET B 701 3.99 -6.63 20.25
CA MET B 701 3.52 -7.98 19.98
C MET B 701 3.13 -8.68 21.26
N ALA B 702 2.43 -9.79 21.11
CA ALA B 702 2.25 -10.72 22.20
C ALA B 702 3.41 -11.70 22.21
N GLU B 703 3.66 -12.33 23.35
CA GLU B 703 4.81 -13.21 23.48
C GLU B 703 4.34 -14.65 23.46
N TYR B 704 4.89 -15.43 22.53
CA TYR B 704 4.54 -16.82 22.35
C TYR B 704 5.35 -17.68 23.30
N ALA B 705 4.68 -18.51 24.10
CA ALA B 705 5.33 -19.32 25.11
C ALA B 705 5.65 -20.74 24.63
N GLY B 706 4.69 -21.38 23.97
CA GLY B 706 4.84 -22.75 23.55
C GLY B 706 3.47 -23.35 23.35
N ILE B 707 3.33 -24.66 23.56
CA ILE B 707 2.00 -25.26 23.54
C ILE B 707 1.72 -25.87 24.89
N ASP B 708 0.47 -26.29 25.11
CA ASP B 708 0.07 -26.99 26.31
C ASP B 708 0.14 -28.48 26.04
N LYS B 709 1.01 -29.18 26.77
CA LYS B 709 1.25 -30.59 26.51
C LYS B 709 0.09 -31.48 26.92
N LYS B 710 -0.86 -30.98 27.71
CA LYS B 710 -1.99 -31.79 28.13
C LYS B 710 -3.18 -31.67 27.20
N THR B 711 -3.32 -30.56 26.48
CA THR B 711 -4.50 -30.33 25.65
C THR B 711 -4.21 -29.81 24.25
N GLY B 712 -3.02 -29.29 23.97
CA GLY B 712 -2.63 -28.96 22.61
C GLY B 712 -2.79 -27.51 22.21
N LYS B 713 -3.31 -26.66 23.08
CA LYS B 713 -3.57 -25.28 22.70
C LYS B 713 -2.28 -24.46 22.71
N GLN B 714 -2.30 -23.37 21.95
CA GLN B 714 -1.21 -22.41 21.97
C GLN B 714 -1.21 -21.64 23.28
N LEU B 715 -0.07 -21.09 23.63
CA LEU B 715 0.11 -20.44 24.93
C LEU B 715 0.84 -19.12 24.78
N TRP B 716 0.37 -18.11 25.49
CA TRP B 716 0.98 -16.79 25.45
C TRP B 716 1.26 -16.31 26.86
N TYR B 717 2.35 -15.58 27.02
CA TYR B 717 2.73 -15.07 28.33
C TYR B 717 1.85 -13.89 28.72
N VAL B 718 1.46 -13.85 29.99
CA VAL B 718 0.73 -12.71 30.53
C VAL B 718 1.73 -11.64 30.91
N PRO B 719 1.60 -10.41 30.41
CA PRO B 719 2.63 -9.39 30.66
C PRO B 719 2.52 -8.83 32.07
N GLY B 720 3.64 -8.86 32.80
CA GLY B 720 3.70 -8.29 34.12
C GLY B 720 3.59 -9.31 35.24
N GLN B 721 2.72 -10.29 35.08
CA GLN B 721 2.39 -11.21 36.15
C GLN B 721 3.43 -12.31 36.27
N VAL B 722 3.82 -12.62 37.51
CA VAL B 722 4.78 -13.67 37.81
C VAL B 722 4.11 -14.69 38.73
N ASP B 723 4.35 -15.97 38.48
CA ASP B 723 3.83 -17.03 39.33
C ASP B 723 4.64 -17.12 40.61
N ALA B 724 4.19 -17.97 41.54
CA ALA B 724 4.84 -18.08 42.85
C ALA B 724 6.18 -18.78 42.80
N ASP B 725 6.42 -19.61 41.78
CA ASP B 725 7.68 -20.32 41.65
C ASP B 725 8.70 -19.58 40.79
N GLY B 726 8.44 -18.31 40.49
CA GLY B 726 9.35 -17.50 39.69
C GLY B 726 9.09 -17.54 38.20
N ASN B 727 8.43 -18.59 37.71
CA ASN B 727 8.13 -18.71 36.30
C ASN B 727 7.05 -17.71 35.90
N LYS B 728 6.98 -17.44 34.61
CA LYS B 728 6.01 -16.47 34.12
C LYS B 728 4.68 -17.15 33.83
N VAL B 729 3.60 -16.40 34.06
CA VAL B 729 2.25 -16.95 33.93
C VAL B 729 1.86 -16.97 32.47
N THR B 730 1.29 -18.09 32.02
CA THR B 730 0.80 -18.24 30.67
C THR B 730 -0.72 -18.27 30.65
N THR B 731 -1.28 -18.14 29.46
CA THR B 731 -2.71 -18.24 29.22
C THR B 731 -2.92 -18.77 27.83
N SER B 732 -4.09 -19.35 27.58
CA SER B 732 -4.39 -19.94 26.29
C SER B 732 -5.48 -19.22 25.52
N GLN B 733 -5.99 -18.10 26.03
CA GLN B 733 -6.99 -17.30 25.34
C GLN B 733 -6.33 -16.03 24.85
N TYR B 734 -6.36 -15.81 23.54
CA TYR B 734 -5.73 -14.63 22.97
C TYR B 734 -6.60 -13.41 23.17
N SER B 735 -5.96 -12.29 23.48
CA SER B 735 -6.64 -11.01 23.54
C SER B 735 -5.63 -9.92 23.23
N ALA B 736 -6.13 -8.73 22.90
CA ALA B 736 -5.27 -7.62 22.54
C ALA B 736 -4.62 -6.95 23.75
N ASP B 737 -4.95 -7.39 24.96
CA ASP B 737 -4.30 -6.92 26.17
C ASP B 737 -3.10 -7.77 26.55
N LEU B 738 -2.81 -8.81 25.77
CA LEU B 738 -1.61 -9.62 25.92
C LEU B 738 -0.43 -9.03 25.16
N GLU B 739 -0.65 -7.95 24.42
CA GLU B 739 0.39 -7.32 23.63
C GLU B 739 1.17 -6.32 24.47
N THR B 740 2.48 -6.31 24.26
CA THR B 740 3.34 -5.37 24.95
C THR B 740 4.43 -4.94 23.97
N ARG B 741 5.08 -3.83 24.30
CA ARG B 741 6.18 -3.34 23.49
C ARG B 741 7.43 -4.15 23.80
N ILE B 742 8.03 -4.73 22.78
CA ILE B 742 9.20 -5.56 22.95
C ILE B 742 10.41 -4.77 22.48
N ASP B 743 11.58 -5.12 23.02
CA ASP B 743 12.76 -4.29 22.89
C ASP B 743 13.53 -4.49 21.58
N LYS B 744 12.81 -4.44 20.47
CA LYS B 744 13.41 -4.47 19.14
C LYS B 744 13.24 -3.10 18.51
N SER B 745 13.66 -2.97 17.26
CA SER B 745 13.56 -1.70 16.55
C SER B 745 13.22 -1.97 15.10
N VAL B 746 12.39 -1.12 14.52
CA VAL B 746 12.07 -1.26 13.10
C VAL B 746 13.23 -0.82 12.24
N THR B 747 13.78 0.35 12.54
CA THR B 747 15.01 0.81 11.88
C THR B 747 16.20 0.14 12.56
N PRO B 748 17.12 -0.46 11.81
CA PRO B 748 18.28 -1.12 12.42
C PRO B 748 19.25 -0.11 12.98
N PRO B 749 19.81 -0.37 14.15
CA PRO B 749 20.72 0.60 14.77
C PRO B 749 22.14 0.56 14.22
N ILE B 750 22.67 -0.61 13.87
CA ILE B 750 24.08 -0.79 13.54
C ILE B 750 24.20 -1.15 12.07
N THR B 751 24.90 -0.29 11.32
CA THR B 751 25.19 -0.55 9.91
C THR B 751 26.71 -0.49 9.71
N GLY B 752 27.19 -1.05 8.60
CA GLY B 752 28.58 -0.89 8.30
C GLY B 752 29.00 -1.70 7.08
N GLY B 753 30.31 -1.73 6.87
CA GLY B 753 30.87 -2.44 5.74
C GLY B 753 32.37 -2.44 5.83
N PHE B 754 32.98 -3.27 4.96
CA PHE B 754 34.43 -3.34 4.91
C PHE B 754 34.88 -3.96 3.60
N SER B 755 36.04 -3.51 3.13
CA SER B 755 36.55 -3.83 1.81
C SER B 755 37.98 -4.31 1.90
N LEU B 756 38.33 -5.24 1.01
CA LEU B 756 39.71 -5.68 0.86
C LEU B 756 40.09 -5.62 -0.60
N GLY B 757 41.37 -5.39 -0.86
CA GLY B 757 41.83 -5.36 -2.24
C GLY B 757 43.28 -5.74 -2.39
N ALA B 758 43.56 -6.73 -3.22
CA ALA B 758 44.92 -7.17 -3.49
C ALA B 758 45.27 -6.90 -4.94
N SER B 759 46.56 -6.77 -5.21
CA SER B 759 47.02 -6.48 -6.55
C SER B 759 48.34 -7.21 -6.79
N TRP B 760 48.74 -7.25 -8.05
CA TRP B 760 49.94 -7.95 -8.49
C TRP B 760 50.42 -7.21 -9.74
N LYS B 761 51.26 -7.84 -10.54
CA LYS B 761 51.62 -7.26 -11.84
C LYS B 761 50.43 -7.40 -12.77
N GLY B 762 49.52 -6.43 -12.67
CA GLY B 762 48.32 -6.40 -13.49
C GLY B 762 47.09 -7.01 -12.87
N LEU B 763 47.19 -8.24 -12.39
CA LEU B 763 46.03 -8.97 -11.88
C LEU B 763 45.60 -8.40 -10.53
N SER B 764 44.34 -8.00 -10.43
CA SER B 764 43.83 -7.34 -9.23
C SER B 764 42.53 -7.98 -8.79
N LEU B 765 42.30 -7.97 -7.49
CA LEU B 765 41.11 -8.61 -6.91
C LEU B 765 40.56 -7.76 -5.77
N ASP B 766 39.33 -7.28 -5.93
CA ASP B 766 38.67 -6.46 -4.93
C ASP B 766 37.41 -7.13 -4.44
N ALA B 767 37.17 -7.08 -3.13
CA ALA B 767 36.02 -7.71 -2.50
C ALA B 767 35.39 -6.73 -1.51
N ASP B 768 34.09 -6.50 -1.64
CA ASP B 768 33.38 -5.56 -0.78
C ASP B 768 32.28 -6.27 0.00
N PHE B 769 32.21 -6.01 1.30
CA PHE B 769 31.20 -6.58 2.18
C PHE B 769 30.40 -5.44 2.80
N ALA B 770 29.11 -5.69 3.01
CA ALA B 770 28.24 -4.79 3.77
C ALA B 770 27.48 -5.60 4.81
N TYR B 771 27.14 -4.97 5.93
CA TYR B 771 26.41 -5.68 6.96
C TYR B 771 25.48 -4.72 7.70
N ILE B 772 24.40 -5.30 8.23
CA ILE B 772 23.39 -4.60 9.03
C ILE B 772 23.01 -5.55 10.14
N VAL B 773 23.14 -5.12 11.40
CA VAL B 773 22.69 -5.98 12.49
C VAL B 773 21.64 -5.23 13.29
N GLY B 774 20.86 -5.98 14.06
CA GLY B 774 19.77 -5.41 14.82
C GLY B 774 18.47 -5.28 14.07
N LYS B 775 18.32 -5.94 12.93
CA LYS B 775 17.15 -5.81 12.09
C LYS B 775 16.24 -7.02 12.30
N TRP B 776 14.97 -6.76 12.59
CA TRP B 776 13.97 -7.80 12.75
C TRP B 776 12.83 -7.55 11.78
N MET B 777 12.21 -8.63 11.31
CA MET B 777 11.12 -8.51 10.36
C MET B 777 10.04 -9.51 10.69
N ILE B 778 8.78 -9.12 10.48
CA ILE B 778 7.67 -10.05 10.57
C ILE B 778 7.61 -10.85 9.29
N ASN B 779 7.71 -12.17 9.40
CA ASN B 779 7.64 -13.03 8.25
C ASN B 779 6.18 -13.35 7.98
N ASN B 780 5.56 -12.59 7.07
CA ASN B 780 4.14 -12.76 6.80
C ASN B 780 3.87 -13.98 5.93
N ASP B 781 4.88 -14.50 5.23
CA ASP B 781 4.67 -15.70 4.44
C ASP B 781 4.51 -16.93 5.33
N ARG B 782 5.10 -16.91 6.52
CA ARG B 782 4.98 -18.03 7.45
C ARG B 782 3.64 -18.05 8.17
N TYR B 783 2.81 -17.03 7.98
CA TYR B 783 1.42 -17.13 8.44
C TYR B 783 0.65 -18.11 7.59
N PHE B 784 1.00 -18.22 6.32
CA PHE B 784 0.27 -19.04 5.36
C PHE B 784 0.82 -20.45 5.26
N THR B 785 2.12 -20.64 5.43
CA THR B 785 2.72 -21.95 5.27
C THR B 785 2.90 -22.69 6.58
N GLU B 786 2.46 -22.14 7.69
CA GLU B 786 2.61 -22.83 8.97
C GLU B 786 1.35 -22.72 9.80
N ASN B 787 0.19 -22.89 9.18
CA ASN B 787 -1.04 -22.89 9.95
C ASN B 787 -1.92 -24.06 9.55
N GLY B 788 -2.55 -24.68 10.54
CA GLY B 788 -3.48 -25.75 10.31
C GLY B 788 -4.92 -25.34 10.45
N GLY B 789 -5.18 -24.09 10.81
CA GLY B 789 -6.54 -23.64 10.99
C GLY B 789 -7.25 -23.35 9.70
N GLY B 790 -6.78 -22.35 8.95
CA GLY B 790 -7.36 -21.99 7.69
C GLY B 790 -6.37 -22.15 6.55
N LEU B 791 -6.87 -21.88 5.34
CA LEU B 791 -6.09 -21.92 4.10
C LEU B 791 -5.45 -23.28 3.87
N MET B 792 -6.24 -24.34 4.03
CA MET B 792 -5.71 -25.70 3.93
C MET B 792 -5.51 -26.15 2.50
N GLN B 793 -5.96 -25.36 1.53
CA GLN B 793 -5.80 -25.69 0.12
C GLN B 793 -4.38 -25.51 -0.37
N LEU B 794 -3.55 -24.78 0.36
CA LEU B 794 -2.20 -24.44 -0.06
C LEU B 794 -1.21 -25.47 0.46
N ASN B 795 0.01 -25.40 -0.07
CA ASN B 795 1.10 -26.21 0.43
C ASN B 795 1.53 -25.70 1.79
N LYS B 796 1.95 -26.61 2.66
CA LYS B 796 2.29 -26.26 4.03
C LYS B 796 3.74 -26.65 4.32
N ASP B 797 4.20 -26.29 5.51
CA ASP B 797 5.53 -26.66 5.97
C ASP B 797 5.52 -28.13 6.36
N LYS B 798 6.70 -28.75 6.30
CA LYS B 798 6.81 -30.18 6.61
C LYS B 798 6.64 -30.46 8.09
N MET B 799 6.73 -29.43 8.94
CA MET B 799 6.57 -29.59 10.37
C MET B 799 5.12 -29.83 10.78
N LEU B 800 4.15 -29.63 9.89
CA LEU B 800 2.75 -29.87 10.21
C LEU B 800 2.35 -31.31 9.94
N LEU B 801 3.18 -32.23 10.39
CA LEU B 801 2.88 -33.65 10.40
C LEU B 801 3.15 -34.27 11.75
N ASN B 802 3.95 -33.63 12.60
CA ASN B 802 4.09 -33.99 13.99
C ASN B 802 3.16 -33.18 14.89
N ALA B 803 2.03 -32.74 14.36
CA ALA B 803 1.10 -31.94 15.13
C ALA B 803 0.46 -32.76 16.23
N TRP B 804 0.01 -32.05 17.27
CA TRP B 804 -0.43 -32.68 18.51
C TRP B 804 -1.72 -33.45 18.29
N THR B 805 -1.68 -34.76 18.46
CA THR B 805 -2.86 -35.60 18.47
C THR B 805 -2.97 -36.26 19.84
N GLU B 806 -3.93 -37.17 19.97
CA GLU B 806 -4.07 -37.91 21.22
C GLU B 806 -3.02 -39.00 21.36
N ASP B 807 -2.43 -39.46 20.26
CA ASP B 807 -1.36 -40.45 20.29
C ASP B 807 0.00 -39.76 20.29
N ASN B 808 0.26 -38.95 19.27
CA ASN B 808 1.47 -38.13 19.22
C ASN B 808 1.29 -36.98 20.19
N LYS B 809 1.93 -37.08 21.37
CA LYS B 809 1.74 -36.09 22.42
C LYS B 809 2.98 -35.29 22.75
N GLU B 810 4.17 -35.88 22.62
CA GLU B 810 5.41 -35.17 22.91
C GLU B 810 5.90 -34.53 21.61
N THR B 811 5.50 -33.28 21.40
CA THR B 811 5.83 -32.55 20.19
C THR B 811 5.95 -31.08 20.53
N ASP B 812 6.02 -30.23 19.50
CA ASP B 812 6.16 -28.80 19.71
C ASP B 812 5.18 -27.98 18.87
N VAL B 813 4.72 -28.51 17.75
CA VAL B 813 3.77 -27.83 16.86
C VAL B 813 2.35 -28.10 17.37
N PRO B 814 1.46 -27.08 17.40
CA PRO B 814 0.16 -27.24 18.07
C PRO B 814 -0.83 -28.16 17.37
N LYS B 815 -2.05 -28.23 17.92
CA LYS B 815 -3.14 -28.97 17.33
C LYS B 815 -3.59 -28.32 16.02
N LEU B 816 -4.50 -28.99 15.31
CA LEU B 816 -4.78 -28.56 13.94
C LEU B 816 -5.66 -27.32 13.87
N GLY B 817 -6.89 -27.41 14.37
CA GLY B 817 -7.87 -26.37 14.10
C GLY B 817 -7.71 -25.06 14.85
N GLN B 818 -6.55 -24.42 14.73
CA GLN B 818 -6.25 -23.18 15.45
C GLN B 818 -5.66 -22.18 14.47
N SER B 819 -6.15 -20.96 14.52
CA SER B 819 -5.48 -19.97 13.69
C SER B 819 -4.33 -19.32 14.46
N PRO B 820 -3.19 -19.09 13.83
CA PRO B 820 -2.09 -18.44 14.52
C PRO B 820 -2.31 -16.93 14.58
N GLN B 821 -1.61 -16.31 15.51
CA GLN B 821 -1.65 -14.87 15.64
C GLN B 821 -0.33 -14.30 15.17
N PHE B 822 -0.29 -12.97 15.06
CA PHE B 822 0.96 -12.28 14.76
C PHE B 822 1.61 -11.94 16.09
N ASP B 823 2.50 -12.81 16.54
CA ASP B 823 3.16 -12.65 17.83
C ASP B 823 4.66 -12.86 17.61
N THR B 824 5.42 -13.06 18.68
CA THR B 824 6.87 -13.03 18.59
C THR B 824 7.47 -14.25 17.93
N HIS B 825 6.68 -15.24 17.53
CA HIS B 825 7.22 -16.38 16.79
C HIS B 825 7.22 -16.16 15.30
N LEU B 826 6.58 -15.10 14.81
CA LEU B 826 6.72 -14.68 13.42
C LEU B 826 7.69 -13.54 13.27
N LEU B 827 8.27 -13.05 14.36
CA LEU B 827 9.31 -12.03 14.29
C LEU B 827 10.67 -12.70 14.18
N GLU B 828 11.38 -12.41 13.09
CA GLU B 828 12.63 -13.09 12.79
C GLU B 828 13.78 -12.11 12.76
N ASN B 829 14.98 -12.66 12.93
CA ASN B 829 16.23 -11.89 12.97
C ASN B 829 16.76 -11.75 11.55
N ALA B 830 16.44 -10.62 10.92
CA ALA B 830 16.89 -10.37 9.56
C ALA B 830 18.20 -9.59 9.50
N SER B 831 19.20 -10.03 10.26
CA SER B 831 20.52 -9.42 10.26
C SER B 831 21.41 -10.23 9.35
N PHE B 832 22.01 -9.57 8.37
CA PHE B 832 22.75 -10.28 7.33
C PHE B 832 24.16 -9.72 7.18
N LEU B 833 24.99 -10.50 6.51
CA LEU B 833 26.29 -10.04 6.01
C LEU B 833 26.41 -10.50 4.57
N ARG B 834 26.59 -9.54 3.65
CA ARG B 834 26.62 -9.83 2.23
C ARG B 834 28.03 -9.74 1.68
N LEU B 835 28.20 -10.22 0.45
CA LEU B 835 29.41 -10.02 -0.33
C LEU B 835 28.97 -9.29 -1.58
N LYS B 836 29.13 -7.97 -1.58
CA LYS B 836 28.45 -7.12 -2.56
C LYS B 836 29.07 -7.27 -3.94
N ASN B 837 30.39 -7.22 -4.05
CA ASN B 837 31.03 -7.51 -5.33
C ASN B 837 32.40 -8.12 -5.10
N LEU B 838 32.83 -8.88 -6.11
CA LEU B 838 34.03 -9.71 -6.07
C LEU B 838 34.81 -9.53 -7.38
N LYS B 839 35.12 -8.28 -7.72
CA LYS B 839 35.66 -8.02 -9.05
C LYS B 839 37.12 -8.46 -9.18
N LEU B 840 37.40 -9.20 -10.24
CA LEU B 840 38.76 -9.67 -10.54
C LEU B 840 39.13 -9.16 -11.92
N THR B 841 40.06 -8.21 -11.99
CA THR B 841 40.44 -7.63 -13.27
C THR B 841 41.88 -7.99 -13.62
N TYR B 842 42.24 -7.73 -14.86
CA TYR B 842 43.61 -7.96 -15.32
C TYR B 842 43.88 -6.98 -16.47
N VAL B 843 44.57 -5.88 -16.15
CA VAL B 843 44.97 -4.95 -17.18
C VAL B 843 46.14 -5.52 -17.97
N LEU B 844 46.03 -5.50 -19.30
CA LEU B 844 47.02 -6.13 -20.15
C LEU B 844 48.32 -5.35 -20.10
N PRO B 845 49.47 -6.03 -20.23
CA PRO B 845 50.76 -5.34 -20.07
C PRO B 845 51.03 -4.35 -21.18
N ASN B 846 51.76 -3.30 -20.84
CA ASN B 846 52.00 -2.21 -21.78
C ASN B 846 53.00 -2.60 -22.85
N SER B 847 53.76 -3.68 -22.65
CA SER B 847 54.69 -4.16 -23.65
C SER B 847 54.01 -4.83 -24.83
N LEU B 848 52.73 -5.18 -24.69
CA LEU B 848 52.01 -5.83 -25.78
C LEU B 848 51.65 -4.84 -26.88
N PHE B 849 51.47 -3.58 -26.53
CA PHE B 849 51.13 -2.52 -27.48
C PHE B 849 52.39 -1.67 -27.68
N ALA B 850 53.22 -2.07 -28.64
CA ALA B 850 54.51 -1.45 -28.87
C ALA B 850 54.57 -0.65 -30.16
N GLY B 851 54.28 -1.26 -31.29
CA GLY B 851 54.36 -0.56 -32.56
C GLY B 851 53.06 0.09 -32.98
N GLN B 852 51.94 -0.55 -32.61
CA GLN B 852 50.63 -0.03 -33.00
C GLN B 852 50.30 1.20 -32.17
N ASN B 853 50.06 2.33 -32.85
CA ASN B 853 49.62 3.54 -32.19
C ASN B 853 48.11 3.72 -32.34
N VAL B 854 47.38 2.61 -32.46
CA VAL B 854 45.93 2.61 -32.64
C VAL B 854 45.28 2.21 -31.33
N ILE B 855 45.98 1.42 -30.52
CA ILE B 855 45.51 0.88 -29.25
C ILE B 855 46.55 1.36 -28.23
N GLY B 856 46.55 0.81 -27.02
CA GLY B 856 47.30 1.39 -25.93
C GLY B 856 46.60 1.25 -24.60
N GLY B 857 45.60 0.37 -24.53
CA GLY B 857 45.01 -0.03 -23.28
C GLY B 857 43.96 -1.10 -23.47
N ALA B 858 43.90 -2.07 -22.55
CA ALA B 858 42.84 -3.07 -22.57
C ALA B 858 42.73 -3.70 -21.19
N ARG B 859 41.51 -3.80 -20.68
CA ARG B 859 41.25 -4.45 -19.40
C ARG B 859 40.10 -5.42 -19.56
N VAL B 860 40.09 -6.45 -18.70
CA VAL B 860 39.01 -7.43 -18.66
C VAL B 860 38.53 -7.55 -17.23
N TYR B 861 37.35 -8.15 -17.05
CA TYR B 861 36.73 -8.27 -15.74
C TYR B 861 36.10 -9.65 -15.59
N LEU B 862 35.87 -10.03 -14.34
CA LEU B 862 35.05 -11.19 -14.00
C LEU B 862 34.37 -10.85 -12.67
N MET B 863 33.19 -10.29 -12.75
CA MET B 863 32.51 -9.69 -11.62
C MET B 863 31.36 -10.57 -11.16
N ALA B 864 31.19 -10.71 -9.84
CA ALA B 864 30.08 -11.45 -9.26
C ALA B 864 29.44 -10.60 -8.17
N ARG B 865 28.17 -10.30 -8.32
CA ARG B 865 27.42 -9.48 -7.37
C ARG B 865 26.45 -10.34 -6.59
N ASN B 866 26.47 -10.16 -5.26
CA ASN B 866 25.59 -10.83 -4.29
C ASN B 866 25.76 -12.34 -4.29
N LEU B 867 26.98 -12.85 -4.44
CA LEU B 867 27.11 -14.29 -4.53
C LEU B 867 27.19 -14.97 -3.18
N LEU B 868 27.22 -14.23 -2.08
CA LEU B 868 27.31 -14.85 -0.78
C LEU B 868 26.58 -13.98 0.23
N THR B 869 25.71 -14.59 1.02
CA THR B 869 25.06 -13.92 2.14
C THR B 869 24.98 -14.89 3.30
N VAL B 870 25.22 -14.39 4.50
CA VAL B 870 25.10 -15.18 5.71
C VAL B 870 24.14 -14.49 6.65
N THR B 871 23.05 -15.18 6.97
CA THR B 871 21.98 -14.70 7.83
C THR B 871 21.22 -15.89 8.36
N LYS B 872 20.25 -15.63 9.23
CA LYS B 872 19.42 -16.71 9.76
C LYS B 872 17.94 -16.41 9.54
N TYR B 873 17.62 -15.67 8.47
CA TYR B 873 16.26 -15.32 8.11
C TYR B 873 15.80 -16.26 7.02
N LYS B 874 14.69 -16.95 7.25
CA LYS B 874 14.18 -17.98 6.34
C LYS B 874 13.08 -17.46 5.40
N GLY B 875 13.36 -16.42 4.60
CA GLY B 875 12.32 -15.86 3.77
C GLY B 875 12.66 -15.33 2.39
N PHE B 876 13.67 -15.93 1.72
CA PHE B 876 14.22 -15.64 0.39
C PHE B 876 15.09 -14.38 0.32
N ASP B 877 14.95 -13.45 1.27
CA ASP B 877 15.72 -12.20 1.27
C ASP B 877 15.50 -11.46 2.59
N PRO B 878 16.57 -11.09 3.31
CA PRO B 878 16.37 -10.27 4.50
C PRO B 878 16.37 -8.78 4.23
N GLU B 879 16.95 -8.34 3.10
CA GLU B 879 16.98 -6.92 2.79
C GLU B 879 15.69 -6.46 2.13
N ALA B 880 15.07 -7.33 1.33
CA ALA B 880 13.83 -6.99 0.64
C ALA B 880 12.67 -7.04 1.61
N GLY B 881 12.34 -5.92 2.22
CA GLY B 881 11.34 -5.90 3.25
C GLY B 881 11.23 -4.59 3.97
N GLY B 882 11.30 -4.61 5.28
CA GLY B 882 11.04 -3.42 6.07
C GLY B 882 9.68 -3.58 6.69
N ASN B 883 9.68 -3.95 7.98
CA ASN B 883 8.55 -4.18 8.89
C ASN B 883 7.74 -5.44 8.61
N VAL B 884 7.79 -5.97 7.40
CA VAL B 884 7.10 -7.21 7.00
C VAL B 884 7.84 -7.79 5.80
N GLY B 885 7.81 -9.09 5.66
CA GLY B 885 8.16 -9.70 4.40
C GLY B 885 6.92 -10.25 3.72
N LYS B 886 6.41 -9.53 2.75
CA LYS B 886 5.22 -9.93 2.03
C LYS B 886 5.65 -10.75 0.81
N ASN B 887 4.78 -10.92 -0.17
CA ASN B 887 5.13 -11.67 -1.38
C ASN B 887 6.15 -10.83 -2.14
N GLN B 888 7.43 -11.13 -1.93
CA GLN B 888 8.49 -10.19 -2.25
C GLN B 888 9.26 -10.59 -3.49
N TYR B 889 9.87 -9.60 -4.11
CA TYR B 889 10.77 -9.80 -5.23
C TYR B 889 12.15 -9.94 -4.62
N PRO B 890 12.78 -11.11 -4.64
CA PRO B 890 14.11 -11.24 -4.05
C PRO B 890 15.14 -10.53 -4.91
N ASN B 891 16.30 -10.25 -4.29
CA ASN B 891 17.38 -9.63 -5.03
C ASN B 891 18.01 -10.61 -6.00
N SER B 892 18.94 -10.12 -6.80
CA SER B 892 19.55 -10.93 -7.85
C SER B 892 20.99 -11.25 -7.51
N LYS B 893 21.45 -12.38 -8.04
CA LYS B 893 22.84 -12.80 -7.96
C LYS B 893 23.36 -12.83 -9.39
N GLN B 894 24.40 -12.05 -9.67
CA GLN B 894 24.74 -11.72 -11.04
C GLN B 894 26.18 -12.03 -11.37
N TYR B 895 26.40 -12.60 -12.55
CA TYR B 895 27.73 -12.91 -13.06
C TYR B 895 27.94 -12.13 -14.35
N VAL B 896 28.97 -11.27 -14.37
CA VAL B 896 29.15 -10.32 -15.44
C VAL B 896 30.61 -10.35 -15.89
N ALA B 897 30.83 -10.51 -17.20
CA ALA B 897 32.15 -10.42 -17.80
C ALA B 897 32.17 -9.24 -18.75
N GLY B 898 33.23 -8.43 -18.68
CA GLY B 898 33.31 -7.22 -19.45
C GLY B 898 34.66 -7.07 -20.13
N ILE B 899 34.78 -5.98 -20.88
CA ILE B 899 36.03 -5.62 -21.55
C ILE B 899 36.05 -4.12 -21.72
N GLN B 900 37.26 -3.56 -21.76
CA GLN B 900 37.43 -2.12 -21.96
C GLN B 900 38.66 -1.89 -22.81
N LEU B 901 38.49 -1.20 -23.93
CA LEU B 901 39.57 -0.86 -24.85
C LEU B 901 39.76 0.64 -24.82
N SER B 902 40.82 1.10 -24.19
CA SER B 902 41.12 2.52 -24.07
C SER B 902 42.19 2.86 -25.09
N PHE B 903 41.84 3.72 -26.04
CA PHE B 903 42.74 4.00 -27.15
C PHE B 903 42.49 5.37 -27.78
N GLY C 1 -3.28 -13.03 -11.58
CA GLY C 1 -3.74 -13.73 -10.38
C GLY C 1 -5.24 -13.64 -10.15
N GLY C 2 -5.69 -14.20 -9.03
CA GLY C 2 -7.09 -14.20 -8.66
C GLY C 2 -7.31 -14.95 -7.36
N ALA C 3 -8.41 -14.63 -6.66
CA ALA C 3 -8.73 -15.13 -5.32
C ALA C 3 -7.59 -14.81 -4.34
N THR C 4 -7.47 -13.51 -4.07
CA THR C 4 -6.50 -12.98 -3.11
C THR C 4 -6.69 -13.60 -1.73
N THR C 5 -5.62 -14.21 -1.21
CA THR C 5 -5.68 -14.78 0.12
C THR C 5 -5.42 -13.70 1.17
N ALA C 6 -6.01 -13.87 2.35
CA ALA C 6 -6.16 -12.76 3.26
C ALA C 6 -5.42 -13.01 4.57
N THR C 7 -5.67 -12.10 5.54
CA THR C 7 -4.97 -11.91 6.80
C THR C 7 -3.49 -11.58 6.55
N THR C 8 -3.29 -10.42 5.93
CA THR C 8 -1.99 -9.79 5.81
C THR C 8 -1.92 -8.61 6.76
N THR C 9 -0.71 -8.22 7.12
CA THR C 9 -0.50 -7.02 7.91
C THR C 9 -0.02 -5.89 7.02
N THR C 10 -0.53 -4.69 7.27
CA THR C 10 -0.13 -3.51 6.53
C THR C 10 1.32 -3.17 6.86
N SER C 11 1.97 -2.46 5.95
CA SER C 11 3.38 -2.13 6.08
C SER C 11 3.54 -0.63 6.19
N THR C 12 3.93 -0.16 7.37
CA THR C 12 4.49 1.17 7.51
C THR C 12 6.00 1.06 7.59
N SER C 13 6.68 1.99 6.92
CA SER C 13 8.13 1.96 6.67
C SER C 13 8.54 0.65 5.99
#